data_3DNA
# 
_entry.id   3DNA 
# 
_audit_conform.dict_name       mmcif_pdbx.dic 
_audit_conform.dict_version    5.381 
_audit_conform.dict_location   http://mmcif.pdb.org/dictionaries/ascii/mmcif_pdbx.dic 
# 
loop_
_database_2.database_id 
_database_2.database_code 
_database_2.pdbx_database_accession 
_database_2.pdbx_DOI 
PDB   3DNA         pdb_00003dna 10.2210/pdb3dna/pdb 
RCSB  RCSB048250   ?            ?                   
WWPDB D_1000048250 ?            ?                   
# 
loop_
_pdbx_database_related.db_name 
_pdbx_database_related.db_id 
_pdbx_database_related.details 
_pdbx_database_related.content_type 
PDB 181L 'T4 lysozyme L99A bound with benzene at room temperature' unspecified 
PDB 3DKE .                                                         unspecified 
PDB 3DMV .                                                         unspecified 
PDB 3DMX .                                                         unspecified 
PDB 3DMZ .                                                         unspecified 
PDB 3DN0 .                                                         unspecified 
PDB 3DN1 .                                                         unspecified 
PDB 3DN2 .                                                         unspecified 
PDB 3DN3 .                                                         unspecified 
PDB 3DN4 .                                                         unspecified 
PDB 3DN6 .                                                         unspecified 
PDB 3DN8 .                                                         unspecified 
# 
_pdbx_database_status.status_code                     REL 
_pdbx_database_status.entry_id                        3DNA 
_pdbx_database_status.recvd_initial_deposition_date   2008-07-01 
_pdbx_database_status.deposit_site                    RCSB 
_pdbx_database_status.process_site                    RCSB 
_pdbx_database_status.status_code_sf                  REL 
_pdbx_database_status.status_code_mr                  ? 
_pdbx_database_status.SG_entry                        ? 
_pdbx_database_status.pdb_format_compatible           Y 
_pdbx_database_status.status_code_cs                  ? 
_pdbx_database_status.status_code_nmr_data            ? 
_pdbx_database_status.methods_development_category    ? 
# 
loop_
_audit_author.name 
_audit_author.pdbx_ordinal 
'Liu, L.'        1 
'Matthews, B.W.' 2 
# 
_citation.id                        primary 
_citation.title                     
'Halogenated benzenes bound within a non-polar cavity in T4 lysozyme provide examples of I...S and I...Se halogen-bonding.' 
_citation.journal_abbrev            J.Mol.Biol. 
_citation.journal_volume            385 
_citation.page_first                595 
_citation.page_last                 605 
_citation.year                      2009 
_citation.journal_id_ASTM           JMOBAK 
_citation.country                   UK 
_citation.journal_id_ISSN           0022-2836 
_citation.journal_id_CSD            0070 
_citation.book_publisher            ? 
_citation.pdbx_database_id_PubMed   19014950 
_citation.pdbx_database_id_DOI      10.1016/j.jmb.2008.10.086 
# 
loop_
_citation_author.citation_id 
_citation_author.name 
_citation_author.ordinal 
_citation_author.identifier_ORCID 
primary 'Liu, L.'        1 ? 
primary 'Baase, W.A.'    2 ? 
primary 'Matthews, B.W.' 3 ? 
# 
_cell.entry_id           3DNA 
_cell.length_a           60.031 
_cell.length_b           60.031 
_cell.length_c           95.956 
_cell.angle_alpha        90.00 
_cell.angle_beta         90.00 
_cell.angle_gamma        120.00 
_cell.Z_PDB              6 
_cell.pdbx_unique_axis   ? 
_cell.length_a_esd       ? 
_cell.length_b_esd       ? 
_cell.length_c_esd       ? 
_cell.angle_alpha_esd    ? 
_cell.angle_beta_esd     ? 
_cell.angle_gamma_esd    ? 
# 
_symmetry.entry_id                         3DNA 
_symmetry.space_group_name_H-M             'P 32 2 1' 
_symmetry.pdbx_full_space_group_name_H-M   ? 
_symmetry.cell_setting                     ? 
_symmetry.Int_Tables_number                154 
_symmetry.space_group_name_Hall            ? 
# 
loop_
_entity.id 
_entity.type 
_entity.src_method 
_entity.pdbx_description 
_entity.formula_weight 
_entity.pdbx_number_of_molecules 
_entity.pdbx_ec 
_entity.pdbx_mutation 
_entity.pdbx_fragment 
_entity.details 
1 polymer     man Lysozyme                   18820.760 1   3.2.1.17 'C54T, C97A, L99A' ? ? 
2 non-polymer syn 'PHOSPHATE ION'            94.971    1   ?        ?                  ? ? 
3 non-polymer syn 'CHLORIDE ION'             35.453    1   ?        ?                  ? ? 
4 non-polymer syn '2-HYDROXYETHYL DISULFIDE' 154.251   3   ?        ?                  ? ? 
5 non-polymer syn BETA-MERCAPTOETHANOL       78.133    1   ?        ?                  ? ? 
6 non-polymer syn iodobenzene                204.008   1   ?        ?                  ? ? 
7 water       nat water                      18.015    270 ?        ?                  ? ? 
# 
_entity_name_com.entity_id   1 
_entity_name_com.name        'Lysis protein, Muramidase, Endolysin' 
# 
_entity_poly.entity_id                      1 
_entity_poly.type                           'polypeptide(L)' 
_entity_poly.nstd_linkage                   no 
_entity_poly.nstd_monomer                   yes 
_entity_poly.pdbx_seq_one_letter_code       
;(MSE)NIFE(MSE)LRIDEGLRLKIYKDTEGYYTIGIGHLLTKSPSLNAAKSELDKAIGRNTNGVITKDEAEKLFNQDVD
AAVRGILRNAKLKPVYDSLDAVRRAAAIN(MSE)VFQ(MSE)GETGVAGFTNSLR(MSE)LQQKRWDEAAVNLAKSRWYN
QTPNRAKRVITTFRTGTWDAYKNL
;
_entity_poly.pdbx_seq_one_letter_code_can   
;MNIFEMLRIDEGLRLKIYKDTEGYYTIGIGHLLTKSPSLNAAKSELDKAIGRNTNGVITKDEAEKLFNQDVDAAVRGILR
NAKLKPVYDSLDAVRRAAAINMVFQMGETGVAGFTNSLRMLQQKRWDEAAVNLAKSRWYNQTPNRAKRVITTFRTGTWDA
YKNL
;
_entity_poly.pdbx_strand_id                 A 
_entity_poly.pdbx_target_identifier         ? 
# 
loop_
_entity_poly_seq.entity_id 
_entity_poly_seq.num 
_entity_poly_seq.mon_id 
_entity_poly_seq.hetero 
1 1   MSE n 
1 2   ASN n 
1 3   ILE n 
1 4   PHE n 
1 5   GLU n 
1 6   MSE n 
1 7   LEU n 
1 8   ARG n 
1 9   ILE n 
1 10  ASP n 
1 11  GLU n 
1 12  GLY n 
1 13  LEU n 
1 14  ARG n 
1 15  LEU n 
1 16  LYS n 
1 17  ILE n 
1 18  TYR n 
1 19  LYS n 
1 20  ASP n 
1 21  THR n 
1 22  GLU n 
1 23  GLY n 
1 24  TYR n 
1 25  TYR n 
1 26  THR n 
1 27  ILE n 
1 28  GLY n 
1 29  ILE n 
1 30  GLY n 
1 31  HIS n 
1 32  LEU n 
1 33  LEU n 
1 34  THR n 
1 35  LYS n 
1 36  SER n 
1 37  PRO n 
1 38  SER n 
1 39  LEU n 
1 40  ASN n 
1 41  ALA n 
1 42  ALA n 
1 43  LYS n 
1 44  SER n 
1 45  GLU n 
1 46  LEU n 
1 47  ASP n 
1 48  LYS n 
1 49  ALA n 
1 50  ILE n 
1 51  GLY n 
1 52  ARG n 
1 53  ASN n 
1 54  THR n 
1 55  ASN n 
1 56  GLY n 
1 57  VAL n 
1 58  ILE n 
1 59  THR n 
1 60  LYS n 
1 61  ASP n 
1 62  GLU n 
1 63  ALA n 
1 64  GLU n 
1 65  LYS n 
1 66  LEU n 
1 67  PHE n 
1 68  ASN n 
1 69  GLN n 
1 70  ASP n 
1 71  VAL n 
1 72  ASP n 
1 73  ALA n 
1 74  ALA n 
1 75  VAL n 
1 76  ARG n 
1 77  GLY n 
1 78  ILE n 
1 79  LEU n 
1 80  ARG n 
1 81  ASN n 
1 82  ALA n 
1 83  LYS n 
1 84  LEU n 
1 85  LYS n 
1 86  PRO n 
1 87  VAL n 
1 88  TYR n 
1 89  ASP n 
1 90  SER n 
1 91  LEU n 
1 92  ASP n 
1 93  ALA n 
1 94  VAL n 
1 95  ARG n 
1 96  ARG n 
1 97  ALA n 
1 98  ALA n 
1 99  ALA n 
1 100 ILE n 
1 101 ASN n 
1 102 MSE n 
1 103 VAL n 
1 104 PHE n 
1 105 GLN n 
1 106 MSE n 
1 107 GLY n 
1 108 GLU n 
1 109 THR n 
1 110 GLY n 
1 111 VAL n 
1 112 ALA n 
1 113 GLY n 
1 114 PHE n 
1 115 THR n 
1 116 ASN n 
1 117 SER n 
1 118 LEU n 
1 119 ARG n 
1 120 MSE n 
1 121 LEU n 
1 122 GLN n 
1 123 GLN n 
1 124 LYS n 
1 125 ARG n 
1 126 TRP n 
1 127 ASP n 
1 128 GLU n 
1 129 ALA n 
1 130 ALA n 
1 131 VAL n 
1 132 ASN n 
1 133 LEU n 
1 134 ALA n 
1 135 LYS n 
1 136 SER n 
1 137 ARG n 
1 138 TRP n 
1 139 TYR n 
1 140 ASN n 
1 141 GLN n 
1 142 THR n 
1 143 PRO n 
1 144 ASN n 
1 145 ARG n 
1 146 ALA n 
1 147 LYS n 
1 148 ARG n 
1 149 VAL n 
1 150 ILE n 
1 151 THR n 
1 152 THR n 
1 153 PHE n 
1 154 ARG n 
1 155 THR n 
1 156 GLY n 
1 157 THR n 
1 158 TRP n 
1 159 ASP n 
1 160 ALA n 
1 161 TYR n 
1 162 LYS n 
1 163 ASN n 
1 164 LEU n 
# 
_entity_src_gen.entity_id                          1 
_entity_src_gen.pdbx_src_id                        1 
_entity_src_gen.pdbx_alt_source_flag               sample 
_entity_src_gen.pdbx_seq_type                      ? 
_entity_src_gen.pdbx_beg_seq_num                   ? 
_entity_src_gen.pdbx_end_seq_num                   ? 
_entity_src_gen.gene_src_common_name               ? 
_entity_src_gen.gene_src_genus                     ? 
_entity_src_gen.pdbx_gene_src_gene                 E 
_entity_src_gen.gene_src_species                   ? 
_entity_src_gen.gene_src_strain                    ? 
_entity_src_gen.gene_src_tissue                    ? 
_entity_src_gen.gene_src_tissue_fraction           ? 
_entity_src_gen.gene_src_details                   ? 
_entity_src_gen.pdbx_gene_src_fragment             ? 
_entity_src_gen.pdbx_gene_src_scientific_name      'Bacteriophage T4' 
_entity_src_gen.pdbx_gene_src_ncbi_taxonomy_id     10665 
_entity_src_gen.pdbx_gene_src_variant              ? 
_entity_src_gen.pdbx_gene_src_cell_line            ? 
_entity_src_gen.pdbx_gene_src_atcc                 ? 
_entity_src_gen.pdbx_gene_src_organ                ? 
_entity_src_gen.pdbx_gene_src_organelle            ? 
_entity_src_gen.pdbx_gene_src_cell                 ? 
_entity_src_gen.pdbx_gene_src_cellular_location    ? 
_entity_src_gen.host_org_common_name               ? 
_entity_src_gen.pdbx_host_org_scientific_name      'Escherichia coli' 
_entity_src_gen.pdbx_host_org_ncbi_taxonomy_id     562 
_entity_src_gen.host_org_genus                     ? 
_entity_src_gen.pdbx_host_org_gene                 ? 
_entity_src_gen.pdbx_host_org_organ                ? 
_entity_src_gen.host_org_species                   ? 
_entity_src_gen.pdbx_host_org_tissue               ? 
_entity_src_gen.pdbx_host_org_tissue_fraction      ? 
_entity_src_gen.pdbx_host_org_strain               ? 
_entity_src_gen.pdbx_host_org_variant              ? 
_entity_src_gen.pdbx_host_org_cell_line            ? 
_entity_src_gen.pdbx_host_org_atcc                 ? 
_entity_src_gen.pdbx_host_org_culture_collection   ? 
_entity_src_gen.pdbx_host_org_cell                 ? 
_entity_src_gen.pdbx_host_org_organelle            ? 
_entity_src_gen.pdbx_host_org_cellular_location    ? 
_entity_src_gen.pdbx_host_org_vector_type          ? 
_entity_src_gen.pdbx_host_org_vector               ? 
_entity_src_gen.host_org_details                   ? 
_entity_src_gen.expression_system_id               ? 
_entity_src_gen.plasmid_name                       ? 
_entity_src_gen.plasmid_details                    ? 
_entity_src_gen.pdbx_description                   ? 
# 
_struct_ref.id                         1 
_struct_ref.db_name                    UNP 
_struct_ref.db_code                    LYS_BPT4 
_struct_ref.pdbx_db_accession          P00720 
_struct_ref.entity_id                  1 
_struct_ref.pdbx_seq_one_letter_code   
;MNIFEMLRIDEGLRLKIYKDTEGYYTIGIGHLLTKSPSLNAAKSELDKAIGRNCNGVITKDEAEKLFNQDVDAAVRGILR
NAKLKPVYDSLDAVRRCALINMVFQMGETGVAGFTNSLRMLQQKRWDEAAVNLAKSRWYNQTPNRAKRVITTFRTGTWDA
YKNL
;
_struct_ref.pdbx_align_begin           1 
_struct_ref.pdbx_db_isoform            ? 
# 
_struct_ref_seq.align_id                      1 
_struct_ref_seq.ref_id                        1 
_struct_ref_seq.pdbx_PDB_id_code              3DNA 
_struct_ref_seq.pdbx_strand_id                A 
_struct_ref_seq.seq_align_beg                 1 
_struct_ref_seq.pdbx_seq_align_beg_ins_code   ? 
_struct_ref_seq.seq_align_end                 164 
_struct_ref_seq.pdbx_seq_align_end_ins_code   ? 
_struct_ref_seq.pdbx_db_accession             P00720 
_struct_ref_seq.db_align_beg                  1 
_struct_ref_seq.pdbx_db_align_beg_ins_code    ? 
_struct_ref_seq.db_align_end                  164 
_struct_ref_seq.pdbx_db_align_end_ins_code    ? 
_struct_ref_seq.pdbx_auth_seq_align_beg       1 
_struct_ref_seq.pdbx_auth_seq_align_end       164 
# 
loop_
_struct_ref_seq_dif.align_id 
_struct_ref_seq_dif.pdbx_pdb_id_code 
_struct_ref_seq_dif.mon_id 
_struct_ref_seq_dif.pdbx_pdb_strand_id 
_struct_ref_seq_dif.seq_num 
_struct_ref_seq_dif.pdbx_pdb_ins_code 
_struct_ref_seq_dif.pdbx_seq_db_name 
_struct_ref_seq_dif.pdbx_seq_db_accession_code 
_struct_ref_seq_dif.db_mon_id 
_struct_ref_seq_dif.pdbx_seq_db_seq_num 
_struct_ref_seq_dif.details 
_struct_ref_seq_dif.pdbx_auth_seq_num 
_struct_ref_seq_dif.pdbx_ordinal 
1 3DNA THR A 54 ? UNP P00720 CYS 54 'engineered mutation' 54 1 
1 3DNA ALA A 97 ? UNP P00720 CYS 97 'engineered mutation' 97 2 
1 3DNA ALA A 99 ? UNP P00720 LEU 99 'engineered mutation' 99 3 
# 
loop_
_chem_comp.id 
_chem_comp.type 
_chem_comp.mon_nstd_flag 
_chem_comp.name 
_chem_comp.pdbx_synonyms 
_chem_comp.formula 
_chem_comp.formula_weight 
ALA 'L-peptide linking' y ALANINE                    ? 'C3 H7 N O2'     89.093  
ARG 'L-peptide linking' y ARGININE                   ? 'C6 H15 N4 O2 1' 175.209 
ASN 'L-peptide linking' y ASPARAGINE                 ? 'C4 H8 N2 O3'    132.118 
ASP 'L-peptide linking' y 'ASPARTIC ACID'            ? 'C4 H7 N O4'     133.103 
BME non-polymer         . BETA-MERCAPTOETHANOL       ? 'C2 H6 O S'      78.133  
CL  non-polymer         . 'CHLORIDE ION'             ? 'Cl -1'          35.453  
CYS 'L-peptide linking' y CYSTEINE                   ? 'C3 H7 N O2 S'   121.158 
GLN 'L-peptide linking' y GLUTAMINE                  ? 'C5 H10 N2 O3'   146.144 
GLU 'L-peptide linking' y 'GLUTAMIC ACID'            ? 'C5 H9 N O4'     147.129 
GLY 'peptide linking'   y GLYCINE                    ? 'C2 H5 N O2'     75.067  
HED non-polymer         . '2-HYDROXYETHYL DISULFIDE' ? 'C4 H10 O2 S2'   154.251 
HIS 'L-peptide linking' y HISTIDINE                  ? 'C6 H10 N3 O2 1' 156.162 
HOH non-polymer         . WATER                      ? 'H2 O'           18.015  
ILE 'L-peptide linking' y ISOLEUCINE                 ? 'C6 H13 N O2'    131.173 
LEU 'L-peptide linking' y LEUCINE                    ? 'C6 H13 N O2'    131.173 
LYS 'L-peptide linking' y LYSINE                     ? 'C6 H15 N2 O2 1' 147.195 
MSE 'L-peptide linking' n SELENOMETHIONINE           ? 'C5 H11 N O2 Se' 196.106 
PHE 'L-peptide linking' y PHENYLALANINE              ? 'C9 H11 N O2'    165.189 
PIH non-polymer         . iodobenzene                ? 'C6 H5 I'        204.008 
PO4 non-polymer         . 'PHOSPHATE ION'            ? 'O4 P -3'        94.971  
PRO 'L-peptide linking' y PROLINE                    ? 'C5 H9 N O2'     115.130 
SER 'L-peptide linking' y SERINE                     ? 'C3 H7 N O3'     105.093 
THR 'L-peptide linking' y THREONINE                  ? 'C4 H9 N O3'     119.119 
TRP 'L-peptide linking' y TRYPTOPHAN                 ? 'C11 H12 N2 O2'  204.225 
TYR 'L-peptide linking' y TYROSINE                   ? 'C9 H11 N O3'    181.189 
VAL 'L-peptide linking' y VALINE                     ? 'C5 H11 N O2'    117.146 
# 
_exptl.entry_id          3DNA 
_exptl.method            'X-RAY DIFFRACTION' 
_exptl.crystals_number   1 
# 
_exptl_crystal.id                    1 
_exptl_crystal.density_meas          ? 
_exptl_crystal.density_Matthews      2.65 
_exptl_crystal.density_percent_sol   53.62 
_exptl_crystal.description           ? 
_exptl_crystal.F_000                 ? 
_exptl_crystal.preparation           ? 
# 
_exptl_crystal_grow.crystal_id      1 
_exptl_crystal_grow.method          'VAPOR DIFFUSION, HANGING DROP' 
_exptl_crystal_grow.temp            277 
_exptl_crystal_grow.temp_details    ? 
_exptl_crystal_grow.pH              6.9 
_exptl_crystal_grow.pdbx_details    
;2.0-2.2 M K/Na phosphate, pH 6.9, 5mM BME and 5mM oxidized BME. Complexes were prepared by soaking or vapor diffusion methods, VAPOR DIFFUSION, HANGING DROP, temperature 277K
;
_exptl_crystal_grow.pdbx_pH_range   . 
# 
_diffrn.id                     1 
_diffrn.ambient_temp           100 
_diffrn.ambient_temp_details   ? 
_diffrn.crystal_id             1 
# 
_diffrn_detector.diffrn_id              1 
_diffrn_detector.detector               'IMAGE PLATE' 
_diffrn_detector.type                   'RIGAKU RAXIS IV' 
_diffrn_detector.pdbx_collection_date   2005-03-25 
_diffrn_detector.details                ? 
# 
_diffrn_radiation.diffrn_id                        1 
_diffrn_radiation.wavelength_id                    1 
_diffrn_radiation.pdbx_monochromatic_or_laue_m_l   M 
_diffrn_radiation.monochromator                    Graphite 
_diffrn_radiation.pdbx_diffrn_protocol             'SINGLE WAVELENGTH' 
_diffrn_radiation.pdbx_scattering_type             x-ray 
# 
_diffrn_radiation_wavelength.id           1 
_diffrn_radiation_wavelength.wavelength   1.542 
_diffrn_radiation_wavelength.wt           1.0 
# 
_diffrn_source.diffrn_id                   1 
_diffrn_source.source                      'ROTATING ANODE' 
_diffrn_source.type                        'RIGAKU RUH3R' 
_diffrn_source.pdbx_synchrotron_site       ? 
_diffrn_source.pdbx_synchrotron_beamline   ? 
_diffrn_source.pdbx_wavelength             ? 
_diffrn_source.pdbx_wavelength_list        1.542 
# 
_reflns.entry_id                     3DNA 
_reflns.observed_criterion_sigma_F   2.0 
_reflns.observed_criterion_sigma_I   2.0 
_reflns.d_resolution_high            1.70 
_reflns.d_resolution_low             53 
_reflns.number_all                   ? 
_reflns.number_obs                   23070 
_reflns.percent_possible_obs         99.8 
_reflns.pdbx_Rmerge_I_obs            ? 
_reflns.pdbx_Rsym_value              ? 
_reflns.pdbx_netI_over_sigmaI        ? 
_reflns.B_iso_Wilson_estimate        ? 
_reflns.pdbx_redundancy              ? 
_reflns.R_free_details               ? 
_reflns.limit_h_max                  ? 
_reflns.limit_h_min                  ? 
_reflns.limit_k_max                  ? 
_reflns.limit_k_min                  ? 
_reflns.limit_l_max                  ? 
_reflns.limit_l_min                  ? 
_reflns.observed_criterion_F_max     ? 
_reflns.observed_criterion_F_min     ? 
_reflns.pdbx_chi_squared             ? 
_reflns.pdbx_scaling_rejects         ? 
_reflns.pdbx_diffrn_id               1 
_reflns.pdbx_ordinal                 1 
# 
_reflns_shell.d_res_high             1.70 
_reflns_shell.d_res_low              1.76 
_reflns_shell.percent_possible_all   100 
_reflns_shell.Rmerge_I_obs           ? 
_reflns_shell.pdbx_Rsym_value        ? 
_reflns_shell.meanI_over_sigI_obs    ? 
_reflns_shell.pdbx_redundancy        ? 
_reflns_shell.percent_possible_obs   ? 
_reflns_shell.number_unique_all      ? 
_reflns_shell.number_measured_all    ? 
_reflns_shell.number_measured_obs    ? 
_reflns_shell.number_unique_obs      ? 
_reflns_shell.pdbx_chi_squared       ? 
_reflns_shell.pdbx_diffrn_id         ? 
_reflns_shell.pdbx_ordinal           1 
# 
_refine.entry_id                                 3DNA 
_refine.ls_number_reflns_obs                     21156 
_refine.ls_number_reflns_all                     ? 
_refine.pdbx_ls_sigma_I                          ? 
_refine.pdbx_ls_sigma_F                          ? 
_refine.pdbx_data_cutoff_high_absF               ? 
_refine.pdbx_data_cutoff_low_absF                ? 
_refine.pdbx_data_cutoff_high_rms_absF           ? 
_refine.ls_d_res_low                             20.17 
_refine.ls_d_res_high                            1.70 
_refine.ls_percent_reflns_obs                    99.75 
_refine.ls_R_factor_obs                          0.18492 
_refine.ls_R_factor_all                          ? 
_refine.ls_R_factor_R_work                       0.18318 
_refine.ls_R_factor_R_free                       0.21697 
_refine.ls_R_factor_R_free_error                 ? 
_refine.ls_R_factor_R_free_error_details         ? 
_refine.ls_percent_reflns_R_free                 5.1 
_refine.ls_number_reflns_R_free                  1148 
_refine.ls_number_parameters                     ? 
_refine.ls_number_restraints                     ? 
_refine.occupancy_min                            ? 
_refine.occupancy_max                            ? 
_refine.correlation_coeff_Fo_to_Fc               0.952 
_refine.correlation_coeff_Fo_to_Fc_free          0.938 
_refine.B_iso_mean                               17.432 
_refine.aniso_B[1][1]                            0.08 
_refine.aniso_B[2][2]                            0.08 
_refine.aniso_B[3][3]                            -0.12 
_refine.aniso_B[1][2]                            0.04 
_refine.aniso_B[1][3]                            0.00 
_refine.aniso_B[2][3]                            0.00 
_refine.solvent_model_details                    MASK 
_refine.solvent_model_param_ksol                 ? 
_refine.solvent_model_param_bsol                 ? 
_refine.pdbx_solvent_vdw_probe_radii             1.20 
_refine.pdbx_solvent_ion_probe_radii             0.80 
_refine.pdbx_solvent_shrinkage_radii             0.80 
_refine.pdbx_ls_cross_valid_method               THROUGHOUT 
_refine.details                                  'HYDROGENS HAVE BEEN ADDED IN THE RIDING POSITIONS' 
_refine.pdbx_starting_model                      'PDB entry 3DMV' 
_refine.pdbx_method_to_determine_struct          'MOLECULAR REPLACEMENT' 
_refine.pdbx_isotropic_thermal_model             ? 
_refine.pdbx_stereochemistry_target_values       'MAXIMUM LIKELIHOOD' 
_refine.pdbx_stereochem_target_val_spec_case     ? 
_refine.pdbx_R_Free_selection_details            RANDOM 
_refine.pdbx_overall_ESU_R                       0.106 
_refine.pdbx_overall_ESU_R_Free                  0.105 
_refine.overall_SU_ML                            0.066 
_refine.overall_SU_B                             1.960 
_refine.ls_redundancy_reflns_obs                 ? 
_refine.B_iso_min                                ? 
_refine.B_iso_max                                ? 
_refine.overall_SU_R_Cruickshank_DPI             ? 
_refine.overall_SU_R_free                        ? 
_refine.ls_wR_factor_R_free                      ? 
_refine.ls_wR_factor_R_work                      ? 
_refine.overall_FOM_free_R_set                   ? 
_refine.overall_FOM_work_R_set                   ? 
_refine.pdbx_overall_phase_error                 ? 
_refine.pdbx_refine_id                           'X-RAY DIFFRACTION' 
_refine.pdbx_diffrn_id                           1 
_refine.pdbx_TLS_residual_ADP_flag               ? 
_refine.pdbx_overall_SU_R_free_Cruickshank_DPI   ? 
_refine.pdbx_overall_SU_R_Blow_DPI               ? 
_refine.pdbx_overall_SU_R_free_Blow_DPI          ? 
# 
_refine_hist.pdbx_refine_id                   'X-RAY DIFFRACTION' 
_refine_hist.cycle_id                         LAST 
_refine_hist.pdbx_number_atoms_protein        1321 
_refine_hist.pdbx_number_atoms_nucleic_acid   0 
_refine_hist.pdbx_number_atoms_ligand         48 
_refine_hist.number_atoms_solvent             270 
_refine_hist.number_atoms_total               1639 
_refine_hist.d_res_high                       1.70 
_refine_hist.d_res_low                        20.17 
# 
loop_
_refine_ls_restr.type 
_refine_ls_restr.dev_ideal 
_refine_ls_restr.dev_ideal_target 
_refine_ls_restr.weight 
_refine_ls_restr.number 
_refine_ls_restr.pdbx_refine_id 
_refine_ls_restr.pdbx_restraint_function 
r_bond_refined_d             0.006  0.022  ? 1388 'X-RAY DIFFRACTION' ? 
r_bond_other_d               ?      ?      ? ?    'X-RAY DIFFRACTION' ? 
r_angle_refined_deg          0.900  1.975  ? 1859 'X-RAY DIFFRACTION' ? 
r_angle_other_deg            ?      ?      ? ?    'X-RAY DIFFRACTION' ? 
r_dihedral_angle_1_deg       4.474  5.000  ? 170  'X-RAY DIFFRACTION' ? 
r_dihedral_angle_2_deg       31.788 23.281 ? 64   'X-RAY DIFFRACTION' ? 
r_dihedral_angle_3_deg       11.274 15.000 ? 257  'X-RAY DIFFRACTION' ? 
r_dihedral_angle_4_deg       15.781 15.000 ? 14   'X-RAY DIFFRACTION' ? 
r_chiral_restr               0.058  0.200  ? 201  'X-RAY DIFFRACTION' ? 
r_gen_planes_refined         0.003  0.020  ? 1023 'X-RAY DIFFRACTION' ? 
r_gen_planes_other           ?      ?      ? ?    'X-RAY DIFFRACTION' ? 
r_nbd_refined                0.189  0.200  ? 809  'X-RAY DIFFRACTION' ? 
r_nbd_other                  ?      ?      ? ?    'X-RAY DIFFRACTION' ? 
r_nbtor_refined              0.301  0.200  ? 967  'X-RAY DIFFRACTION' ? 
r_nbtor_other                ?      ?      ? ?    'X-RAY DIFFRACTION' ? 
r_xyhbond_nbd_refined        0.112  0.200  ? 220  'X-RAY DIFFRACTION' ? 
r_xyhbond_nbd_other          ?      ?      ? ?    'X-RAY DIFFRACTION' ? 
r_metal_ion_refined          ?      ?      ? ?    'X-RAY DIFFRACTION' ? 
r_metal_ion_other            ?      ?      ? ?    'X-RAY DIFFRACTION' ? 
r_symmetry_vdw_refined       0.209  0.200  ? 68   'X-RAY DIFFRACTION' ? 
r_symmetry_vdw_other         ?      ?      ? ?    'X-RAY DIFFRACTION' ? 
r_symmetry_hbond_refined     0.117  0.200  ? 51   'X-RAY DIFFRACTION' ? 
r_symmetry_hbond_other       ?      ?      ? ?    'X-RAY DIFFRACTION' ? 
r_symmetry_metal_ion_refined ?      ?      ? ?    'X-RAY DIFFRACTION' ? 
r_symmetry_metal_ion_other   ?      ?      ? ?    'X-RAY DIFFRACTION' ? 
r_mcbond_it                  0.462  1.500  ? 824  'X-RAY DIFFRACTION' ? 
r_mcbond_other               ?      ?      ? ?    'X-RAY DIFFRACTION' ? 
r_mcangle_it                 0.791  2.000  ? 1317 'X-RAY DIFFRACTION' ? 
r_scbond_it                  1.310  3.000  ? 621  'X-RAY DIFFRACTION' ? 
r_scangle_it                 2.095  4.500  ? 538  'X-RAY DIFFRACTION' ? 
r_rigid_bond_restr           ?      ?      ? ?    'X-RAY DIFFRACTION' ? 
r_sphericity_free            ?      ?      ? ?    'X-RAY DIFFRACTION' ? 
r_sphericity_bonded          ?      ?      ? ?    'X-RAY DIFFRACTION' ? 
# 
_refine_ls_shell.pdbx_total_number_of_bins_used   20 
_refine_ls_shell.d_res_high                       1.700 
_refine_ls_shell.d_res_low                        1.744 
_refine_ls_shell.number_reflns_R_work             1316 
_refine_ls_shell.R_factor_R_work                  0.248 
_refine_ls_shell.percent_reflns_obs               99.93 
_refine_ls_shell.R_factor_R_free                  0.362 
_refine_ls_shell.R_factor_R_free_error            ? 
_refine_ls_shell.percent_reflns_R_free            ? 
_refine_ls_shell.number_reflns_R_free             78 
_refine_ls_shell.number_reflns_all                ? 
_refine_ls_shell.R_factor_all                     ? 
_refine_ls_shell.number_reflns_obs                ? 
_refine_ls_shell.redundancy_reflns_obs            ? 
_refine_ls_shell.pdbx_refine_id                   'X-RAY DIFFRACTION' 
# 
_struct.entry_id                  3DNA 
_struct.title                     'Iodobenzene binding in the hydrophobic cavity of T4 lysozyme L99A mutant (seleno version)' 
_struct.pdbx_model_details        ? 
_struct.pdbx_CASP_flag            ? 
_struct.pdbx_model_type_details   ? 
# 
_struct_keywords.entry_id        3DNA 
_struct_keywords.pdbx_keywords   HYDROLASE 
_struct_keywords.text            
'T4 lysozyme, halogen bond, hydrophobic cavity, halogenated benzene, Antimicrobial, Bacteriolytic enzyme, Glycosidase, Hydrolase' 
# 
loop_
_struct_asym.id 
_struct_asym.pdbx_blank_PDB_chainid_flag 
_struct_asym.pdbx_modified 
_struct_asym.entity_id 
_struct_asym.details 
A N N 1 ? 
B N N 2 ? 
C N N 3 ? 
D N N 4 ? 
E N N 4 ? 
F N N 5 ? 
G N N 4 ? 
H N N 6 ? 
I N N 7 ? 
# 
_struct_biol.id        1 
_struct_biol.details   ? 
# 
loop_
_struct_conf.conf_type_id 
_struct_conf.id 
_struct_conf.pdbx_PDB_helix_id 
_struct_conf.beg_label_comp_id 
_struct_conf.beg_label_asym_id 
_struct_conf.beg_label_seq_id 
_struct_conf.pdbx_beg_PDB_ins_code 
_struct_conf.end_label_comp_id 
_struct_conf.end_label_asym_id 
_struct_conf.end_label_seq_id 
_struct_conf.pdbx_end_PDB_ins_code 
_struct_conf.beg_auth_comp_id 
_struct_conf.beg_auth_asym_id 
_struct_conf.beg_auth_seq_id 
_struct_conf.end_auth_comp_id 
_struct_conf.end_auth_asym_id 
_struct_conf.end_auth_seq_id 
_struct_conf.pdbx_PDB_helix_class 
_struct_conf.details 
_struct_conf.pdbx_PDB_helix_length 
HELX_P HELX_P1 1 ASN A 2   ? GLY A 12  ? ASN A 2   GLY A 12  1 ? 11 
HELX_P HELX_P2 2 SER A 38  ? GLY A 51  ? SER A 38  GLY A 51  1 ? 14 
HELX_P HELX_P3 3 THR A 59  ? ASN A 81  ? THR A 59  ASN A 81  1 ? 23 
HELX_P HELX_P4 4 LYS A 83  ? LEU A 91  ? LYS A 83  LEU A 91  1 ? 9  
HELX_P HELX_P5 5 ASP A 92  ? ALA A 112 ? ASP A 92  ALA A 112 1 ? 21 
HELX_P HELX_P6 6 PHE A 114 ? GLN A 123 ? PHE A 114 GLN A 123 1 ? 10 
HELX_P HELX_P7 7 ARG A 125 ? ALA A 134 ? ARG A 125 ALA A 134 1 ? 10 
HELX_P HELX_P8 8 SER A 136 ? THR A 142 ? SER A 136 THR A 142 1 ? 7  
HELX_P HELX_P9 9 THR A 142 ? GLY A 156 ? THR A 142 GLY A 156 1 ? 15 
# 
_struct_conf_type.id          HELX_P 
_struct_conf_type.criteria    ? 
_struct_conf_type.reference   ? 
# 
loop_
_struct_conn.id 
_struct_conn.conn_type_id 
_struct_conn.pdbx_leaving_atom_flag 
_struct_conn.pdbx_PDB_id 
_struct_conn.ptnr1_label_asym_id 
_struct_conn.ptnr1_label_comp_id 
_struct_conn.ptnr1_label_seq_id 
_struct_conn.ptnr1_label_atom_id 
_struct_conn.pdbx_ptnr1_label_alt_id 
_struct_conn.pdbx_ptnr1_PDB_ins_code 
_struct_conn.pdbx_ptnr1_standard_comp_id 
_struct_conn.ptnr1_symmetry 
_struct_conn.ptnr2_label_asym_id 
_struct_conn.ptnr2_label_comp_id 
_struct_conn.ptnr2_label_seq_id 
_struct_conn.ptnr2_label_atom_id 
_struct_conn.pdbx_ptnr2_label_alt_id 
_struct_conn.pdbx_ptnr2_PDB_ins_code 
_struct_conn.ptnr1_auth_asym_id 
_struct_conn.ptnr1_auth_comp_id 
_struct_conn.ptnr1_auth_seq_id 
_struct_conn.ptnr2_auth_asym_id 
_struct_conn.ptnr2_auth_comp_id 
_struct_conn.ptnr2_auth_seq_id 
_struct_conn.ptnr2_symmetry 
_struct_conn.pdbx_ptnr3_label_atom_id 
_struct_conn.pdbx_ptnr3_label_seq_id 
_struct_conn.pdbx_ptnr3_label_comp_id 
_struct_conn.pdbx_ptnr3_label_asym_id 
_struct_conn.pdbx_ptnr3_label_alt_id 
_struct_conn.pdbx_ptnr3_PDB_ins_code 
_struct_conn.details 
_struct_conn.pdbx_dist_value 
_struct_conn.pdbx_value_order 
_struct_conn.pdbx_role 
covale1  covale both ? A MSE 1   C ? ? ? 1_555 A ASN 2   N ? ? A MSE 1   A ASN 2   1_555 ? ? ? ? ? ? ? 1.330 ? ? 
covale2  covale both ? A GLU 5   C ? ? ? 1_555 A MSE 6   N ? ? A GLU 5   A MSE 6   1_555 ? ? ? ? ? ? ? 1.331 ? ? 
covale3  covale both ? A MSE 6   C ? ? ? 1_555 A LEU 7   N ? ? A MSE 6   A LEU 7   1_555 ? ? ? ? ? ? ? 1.332 ? ? 
covale4  covale both ? A ASN 101 C ? ? ? 1_555 A MSE 102 N ? ? A ASN 101 A MSE 102 1_555 ? ? ? ? ? ? ? 1.330 ? ? 
covale5  covale both ? A MSE 102 C ? ? ? 1_555 A VAL 103 N ? ? A MSE 102 A VAL 103 1_555 ? ? ? ? ? ? ? 1.330 ? ? 
covale6  covale both ? A GLN 105 C ? ? ? 1_555 A MSE 106 N A ? A GLN 105 A MSE 106 1_555 ? ? ? ? ? ? ? 1.331 ? ? 
covale7  covale both ? A GLN 105 C ? ? ? 1_555 A MSE 106 N B ? A GLN 105 A MSE 106 1_555 ? ? ? ? ? ? ? 1.330 ? ? 
covale8  covale both ? A MSE 106 C A ? ? 1_555 A GLY 107 N ? ? A MSE 106 A GLY 107 1_555 ? ? ? ? ? ? ? 1.333 ? ? 
covale9  covale both ? A MSE 106 C B ? ? 1_555 A GLY 107 N ? ? A MSE 106 A GLY 107 1_555 ? ? ? ? ? ? ? 1.329 ? ? 
covale10 covale both ? A ARG 119 C ? ? ? 1_555 A MSE 120 N ? ? A ARG 119 A MSE 120 1_555 ? ? ? ? ? ? ? 1.331 ? ? 
covale11 covale both ? A MSE 120 C ? ? ? 1_555 A LEU 121 N ? ? A MSE 120 A LEU 121 1_555 ? ? ? ? ? ? ? 1.333 ? ? 
# 
_struct_conn_type.id          covale 
_struct_conn_type.criteria    ? 
_struct_conn_type.reference   ? 
# 
_struct_sheet.id               A 
_struct_sheet.type             ? 
_struct_sheet.number_strands   3 
_struct_sheet.details          ? 
# 
loop_
_struct_sheet_order.sheet_id 
_struct_sheet_order.range_id_1 
_struct_sheet_order.range_id_2 
_struct_sheet_order.offset 
_struct_sheet_order.sense 
A 1 2 ? anti-parallel 
A 2 3 ? anti-parallel 
# 
loop_
_struct_sheet_range.sheet_id 
_struct_sheet_range.id 
_struct_sheet_range.beg_label_comp_id 
_struct_sheet_range.beg_label_asym_id 
_struct_sheet_range.beg_label_seq_id 
_struct_sheet_range.pdbx_beg_PDB_ins_code 
_struct_sheet_range.end_label_comp_id 
_struct_sheet_range.end_label_asym_id 
_struct_sheet_range.end_label_seq_id 
_struct_sheet_range.pdbx_end_PDB_ins_code 
_struct_sheet_range.beg_auth_comp_id 
_struct_sheet_range.beg_auth_asym_id 
_struct_sheet_range.beg_auth_seq_id 
_struct_sheet_range.end_auth_comp_id 
_struct_sheet_range.end_auth_asym_id 
_struct_sheet_range.end_auth_seq_id 
A 1 ARG A 14 ? LYS A 19 ? ARG A 14 LYS A 19 
A 2 TYR A 25 ? GLY A 28 ? TYR A 25 GLY A 28 
A 3 HIS A 31 ? LEU A 32 ? HIS A 31 LEU A 32 
# 
loop_
_pdbx_struct_sheet_hbond.sheet_id 
_pdbx_struct_sheet_hbond.range_id_1 
_pdbx_struct_sheet_hbond.range_id_2 
_pdbx_struct_sheet_hbond.range_1_label_atom_id 
_pdbx_struct_sheet_hbond.range_1_label_comp_id 
_pdbx_struct_sheet_hbond.range_1_label_asym_id 
_pdbx_struct_sheet_hbond.range_1_label_seq_id 
_pdbx_struct_sheet_hbond.range_1_PDB_ins_code 
_pdbx_struct_sheet_hbond.range_1_auth_atom_id 
_pdbx_struct_sheet_hbond.range_1_auth_comp_id 
_pdbx_struct_sheet_hbond.range_1_auth_asym_id 
_pdbx_struct_sheet_hbond.range_1_auth_seq_id 
_pdbx_struct_sheet_hbond.range_2_label_atom_id 
_pdbx_struct_sheet_hbond.range_2_label_comp_id 
_pdbx_struct_sheet_hbond.range_2_label_asym_id 
_pdbx_struct_sheet_hbond.range_2_label_seq_id 
_pdbx_struct_sheet_hbond.range_2_PDB_ins_code 
_pdbx_struct_sheet_hbond.range_2_auth_atom_id 
_pdbx_struct_sheet_hbond.range_2_auth_comp_id 
_pdbx_struct_sheet_hbond.range_2_auth_asym_id 
_pdbx_struct_sheet_hbond.range_2_auth_seq_id 
A 1 2 N TYR A 18 ? N TYR A 18 O THR A 26 ? O THR A 26 
A 2 3 N ILE A 27 ? N ILE A 27 O HIS A 31 ? O HIS A 31 
# 
loop_
_struct_site.id 
_struct_site.pdbx_evidence_code 
_struct_site.pdbx_auth_asym_id 
_struct_site.pdbx_auth_comp_id 
_struct_site.pdbx_auth_seq_id 
_struct_site.pdbx_auth_ins_code 
_struct_site.pdbx_num_residues 
_struct_site.details 
AC1 Software A PO4 901 ? 9 'BINDING SITE FOR RESIDUE PO4 A 901' 
AC2 Software A CL  902 ? 2 'BINDING SITE FOR RESIDUE CL A 902'  
AC3 Software A HED 903 ? 6 'BINDING SITE FOR RESIDUE HED A 903' 
AC4 Software A HED 904 ? 7 'BINDING SITE FOR RESIDUE HED A 904' 
AC5 Software A BME 905 ? 4 'BINDING SITE FOR RESIDUE BME A 905' 
AC6 Software A HED 906 ? 8 'BINDING SITE FOR RESIDUE HED A 906' 
AC7 Software A PIH 900 ? 5 'BINDING SITE FOR RESIDUE PIH A 900' 
# 
loop_
_struct_site_gen.id 
_struct_site_gen.site_id 
_struct_site_gen.pdbx_num_res 
_struct_site_gen.label_comp_id 
_struct_site_gen.label_asym_id 
_struct_site_gen.label_seq_id 
_struct_site_gen.pdbx_auth_ins_code 
_struct_site_gen.auth_comp_id 
_struct_site_gen.auth_asym_id 
_struct_site_gen.auth_seq_id 
_struct_site_gen.label_atom_id 
_struct_site_gen.label_alt_id 
_struct_site_gen.symmetry 
_struct_site_gen.details 
1  AC1 9 ARG A 14  ? ARG A 14   . ? 4_545 ? 
2  AC1 9 LYS A 19  ? LYS A 19   . ? 4_545 ? 
3  AC1 9 ARG A 125 ? ARG A 125  . ? 1_555 ? 
4  AC1 9 TRP A 126 ? TRP A 126  . ? 1_555 ? 
5  AC1 9 ASP A 127 ? ASP A 127  . ? 1_555 ? 
6  AC1 9 GLU A 128 ? GLU A 128  . ? 1_555 ? 
7  AC1 9 HOH I .   ? HOH A 935  . ? 1_555 ? 
8  AC1 9 HOH I .   ? HOH A 1046 . ? 1_555 ? 
9  AC1 9 HOH I .   ? HOH A 1132 . ? 4_545 ? 
10 AC2 2 ASN A 144 ? ASN A 144  . ? 1_555 ? 
11 AC2 2 ARG A 148 ? ARG A 148  . ? 1_555 ? 
12 AC3 6 GLU A 22  ? GLU A 22   . ? 1_555 ? 
13 AC3 6 LYS A 35  ? LYS A 35   . ? 1_555 ? 
14 AC3 6 ARG A 137 ? ARG A 137  . ? 1_555 ? 
15 AC3 6 HOH I .   ? HOH A 921  . ? 1_555 ? 
16 AC3 6 HOH I .   ? HOH A 966  . ? 1_555 ? 
17 AC3 6 HOH I .   ? HOH A 982  . ? 1_555 ? 
18 AC4 7 ILE A 3   ? ILE A 3    . ? 1_555 ? 
19 AC4 7 ASN A 68  ? ASN A 68   . ? 5_555 ? 
20 AC4 7 ASP A 72  ? ASP A 72   . ? 5_555 ? 
21 AC4 7 TYR A 88  ? TYR A 88   . ? 1_555 ? 
22 AC4 7 ALA A 93  ? ALA A 93   . ? 1_555 ? 
23 AC4 7 ARG A 96  ? ARG A 96   . ? 1_555 ? 
24 AC4 7 HOH I .   ? HOH A 934  . ? 5_555 ? 
25 AC5 4 ASP A 72  ? ASP A 72   . ? 5_555 ? 
26 AC5 4 ARG A 76  ? ARG A 76   . ? 5_555 ? 
27 AC5 4 LEU A 79  ? LEU A 79   . ? 5_555 ? 
28 AC5 4 TYR A 88  ? TYR A 88   . ? 1_555 ? 
29 AC6 8 GLY A 30  ? GLY A 30   . ? 1_555 ? 
30 AC6 8 HIS A 31  ? HIS A 31   . ? 1_555 ? 
31 AC6 8 LEU A 32  ? LEU A 32   . ? 1_555 ? 
32 AC6 8 ASP A 70  ? ASP A 70   . ? 1_555 ? 
33 AC6 8 ALA A 74  ? ALA A 74   . ? 1_555 ? 
34 AC6 8 PHE A 104 ? PHE A 104  . ? 1_555 ? 
35 AC6 8 HOH I .   ? HOH A 1025 . ? 1_555 ? 
36 AC6 8 HOH I .   ? HOH A 1160 . ? 1_555 ? 
37 AC7 5 LEU A 84  ? LEU A 84   . ? 1_555 ? 
38 AC7 5 TYR A 88  ? TYR A 88   . ? 1_555 ? 
39 AC7 5 ALA A 99  ? ALA A 99   . ? 1_555 ? 
40 AC7 5 LEU A 118 ? LEU A 118  . ? 1_555 ? 
41 AC7 5 PHE A 153 ? PHE A 153  . ? 1_555 ? 
# 
_atom_sites.entry_id                    3DNA 
_atom_sites.fract_transf_matrix[1][1]   -0.00593876 
_atom_sites.fract_transf_matrix[1][2]   -0.01665017 
_atom_sites.fract_transf_matrix[1][3]   0.00758274 
_atom_sites.fract_transf_matrix[2][1]   0.01278088 
_atom_sites.fract_transf_matrix[2][2]   -0.01222864 
_atom_sites.fract_transf_matrix[2][3]   0.00755609 
_atom_sites.fract_transf_matrix[3][1]   -0.00107599 
_atom_sites.fract_transf_matrix[3][2]   0.00461141 
_atom_sites.fract_transf_matrix[3][3]   0.00928302 
_atom_sites.fract_transf_vector[1]      0.680526 
_atom_sites.fract_transf_vector[2]      0.220248 
_atom_sites.fract_transf_vector[3]      0.100927 
# 
loop_
_atom_type.symbol 
C  
CL 
I  
N  
O  
P  
S  
SE 
# 
loop_
_atom_site.group_PDB 
_atom_site.id 
_atom_site.type_symbol 
_atom_site.label_atom_id 
_atom_site.label_alt_id 
_atom_site.label_comp_id 
_atom_site.label_asym_id 
_atom_site.label_entity_id 
_atom_site.label_seq_id 
_atom_site.pdbx_PDB_ins_code 
_atom_site.Cartn_x 
_atom_site.Cartn_y 
_atom_site.Cartn_z 
_atom_site.occupancy 
_atom_site.B_iso_or_equiv 
_atom_site.pdbx_formal_charge 
_atom_site.auth_seq_id 
_atom_site.auth_comp_id 
_atom_site.auth_asym_id 
_atom_site.auth_atom_id 
_atom_site.pdbx_PDB_model_num 
HETATM 1    N  N   . MSE A 1 1   ? -16.479 3.194   -4.188  1.00 16.12 ? 1    MSE A N   1 
HETATM 2    C  CA  A MSE A 1 1   ? -15.070 2.772   -3.924  0.60 16.31 ? 1    MSE A CA  1 
HETATM 3    C  CA  B MSE A 1 1   ? -15.083 2.769   -3.888  0.40 15.55 ? 1    MSE A CA  1 
HETATM 4    C  C   . MSE A 1 1   ? -14.132 3.968   -3.822  1.00 15.56 ? 1    MSE A C   1 
HETATM 5    O  O   . MSE A 1 1   ? -14.287 4.950   -4.548  1.00 15.87 ? 1    MSE A O   1 
HETATM 6    C  CB  A MSE A 1 1   ? -14.584 1.823   -5.018  0.60 16.84 ? 1    MSE A CB  1 
HETATM 7    C  CB  B MSE A 1 1   ? -14.616 1.738   -4.919  0.40 15.55 ? 1    MSE A CB  1 
HETATM 8    C  CG  A MSE A 1 1   ? -15.126 0.408   -4.912  0.60 19.28 ? 1    MSE A CG  1 
HETATM 9    C  CG  B MSE A 1 1   ? -13.229 1.165   -4.692  0.40 15.15 ? 1    MSE A CG  1 
HETATM 10   SE SE  A MSE A 1 1   ? -14.269 -0.607  -3.485  0.60 26.17 ? 1    MSE A SE  1 
HETATM 11   SE SE  B MSE A 1 1   ? -12.994 -0.085  -3.221  0.40 14.10 ? 1    MSE A SE  1 
HETATM 12   C  CE  A MSE A 1 1   ? -12.422 -0.383  -4.059  0.60 21.72 ? 1    MSE A CE  1 
HETATM 13   C  CE  B MSE A 1 1   ? -14.510 -1.278  -3.561  0.40 14.80 ? 1    MSE A CE  1 
ATOM   14   N  N   . ASN A 1 2   ? -13.162 3.875   -2.918  1.00 14.74 ? 2    ASN A N   1 
ATOM   15   C  CA  . ASN A 1 2   ? -12.123 4.885   -2.740  1.00 13.78 ? 2    ASN A CA  1 
ATOM   16   C  C   . ASN A 1 2   ? -10.867 4.211   -2.188  1.00 13.06 ? 2    ASN A C   1 
ATOM   17   O  O   . ASN A 1 2   ? -10.888 3.014   -1.894  1.00 12.80 ? 2    ASN A O   1 
ATOM   18   C  CB  . ASN A 1 2   ? -12.606 6.023   -1.824  1.00 14.03 ? 2    ASN A CB  1 
ATOM   19   C  CG  . ASN A 1 2   ? -13.129 5.530   -0.489  1.00 14.23 ? 2    ASN A CG  1 
ATOM   20   O  OD1 . ASN A 1 2   ? -14.277 5.786   -0.125  1.00 15.50 ? 2    ASN A OD1 1 
ATOM   21   N  ND2 . ASN A 1 2   ? -12.293 4.815   0.246   1.00 12.67 ? 2    ASN A ND2 1 
ATOM   22   N  N   . ILE A 1 3   ? -9.789  4.975   -2.031  1.00 12.37 ? 3    ILE A N   1 
ATOM   23   C  CA  . ILE A 1 3   ? -8.505  4.417   -1.592  1.00 11.62 ? 3    ILE A CA  1 
ATOM   24   C  C   . ILE A 1 3   ? -8.583  3.673   -0.245  1.00 11.60 ? 3    ILE A C   1 
ATOM   25   O  O   . ILE A 1 3   ? -7.922  2.652   -0.050  1.00 11.06 ? 3    ILE A O   1 
ATOM   26   C  CB  . ILE A 1 3   ? -7.386  5.496   -1.572  1.00 11.61 ? 3    ILE A CB  1 
ATOM   27   C  CG1 . ILE A 1 3   ? -6.035  4.889   -1.181  1.00 11.31 ? 3    ILE A CG1 1 
ATOM   28   C  CG2 . ILE A 1 3   ? -7.761  6.668   -0.655  1.00 11.01 ? 3    ILE A CG2 1 
ATOM   29   C  CD1 . ILE A 1 3   ? -5.577  3.747   -2.083  1.00 10.89 ? 3    ILE A CD1 1 
ATOM   30   N  N   . PHE A 1 4   ? -9.400  4.186   0.669   1.00 11.22 ? 4    PHE A N   1 
ATOM   31   C  CA  . PHE A 1 4   ? -9.577  3.542   1.971   1.00 11.27 ? 4    PHE A CA  1 
ATOM   32   C  C   . PHE A 1 4   ? -10.258 2.187   1.844   1.00 11.21 ? 4    PHE A C   1 
ATOM   33   O  O   . PHE A 1 4   ? -9.763  1.196   2.376   1.00 11.21 ? 4    PHE A O   1 
ATOM   34   C  CB  . PHE A 1 4   ? -10.333 4.464   2.929   1.00 11.59 ? 4    PHE A CB  1 
ATOM   35   C  CG  . PHE A 1 4   ? -9.532  5.649   3.364   1.00 11.52 ? 4    PHE A CG  1 
ATOM   36   C  CD1 . PHE A 1 4   ? -8.736  5.581   4.502   1.00 13.03 ? 4    PHE A CD1 1 
ATOM   37   C  CD2 . PHE A 1 4   ? -9.556  6.833   2.632   1.00 12.50 ? 4    PHE A CD2 1 
ATOM   38   C  CE1 . PHE A 1 4   ? -7.983  6.676   4.906   1.00 13.38 ? 4    PHE A CE1 1 
ATOM   39   C  CE2 . PHE A 1 4   ? -8.807  7.932   3.028   1.00 12.66 ? 4    PHE A CE2 1 
ATOM   40   C  CZ  . PHE A 1 4   ? -8.023  7.855   4.170   1.00 12.74 ? 4    PHE A CZ  1 
ATOM   41   N  N   . GLU A 1 5   ? -11.374 2.138   1.119   1.00 11.31 ? 5    GLU A N   1 
ATOM   42   C  CA  . GLU A 1 5   ? -12.094 0.885   0.914   1.00 11.78 ? 5    GLU A CA  1 
ATOM   43   C  C   . GLU A 1 5   ? -11.227 -0.113  0.150   1.00 11.48 ? 5    GLU A C   1 
ATOM   44   O  O   . GLU A 1 5   ? -11.256 -1.308  0.427   1.00 11.27 ? 5    GLU A O   1 
ATOM   45   C  CB  . GLU A 1 5   ? -13.406 1.130   0.174   1.00 12.24 ? 5    GLU A CB  1 
ATOM   46   C  CG  . GLU A 1 5   ? -14.373 2.034   0.939   1.00 13.70 ? 5    GLU A CG  1 
ATOM   47   C  CD  . GLU A 1 5   ? -15.721 2.177   0.260   1.00 16.79 ? 5    GLU A CD  1 
ATOM   48   O  OE1 . GLU A 1 5   ? -15.879 1.702   -0.881  1.00 19.74 ? 5    GLU A OE1 1 
ATOM   49   O  OE2 . GLU A 1 5   ? -16.633 2.766   0.873   1.00 17.37 ? 5    GLU A OE2 1 
HETATM 50   N  N   . MSE A 1 6   ? -10.452 0.398   -0.803  1.00 11.14 ? 6    MSE A N   1 
HETATM 51   C  CA  . MSE A 1 6   ? -9.583  -0.431  -1.624  1.00 11.37 ? 6    MSE A CA  1 
HETATM 52   C  C   . MSE A 1 6   ? -8.493  -1.083  -0.786  1.00 11.14 ? 6    MSE A C   1 
HETATM 53   O  O   . MSE A 1 6   ? -8.287  -2.297  -0.853  1.00 11.09 ? 6    MSE A O   1 
HETATM 54   C  CB  . MSE A 1 6   ? -8.953  0.419   -2.724  1.00 11.36 ? 6    MSE A CB  1 
HETATM 55   C  CG  . MSE A 1 6   ? -8.013  -0.335  -3.631  1.00 11.33 ? 6    MSE A CG  1 
HETATM 56   SE SE  . MSE A 1 6   ? -6.881  0.929   -4.553  1.00 12.49 ? 6    MSE A SE  1 
HETATM 57   C  CE  . MSE A 1 6   ? -6.500  -0.068  -6.195  1.00 12.87 ? 6    MSE A CE  1 
ATOM   58   N  N   . LEU A 1 7   ? -7.788  -0.272  0.001   1.00 11.08 ? 7    LEU A N   1 
ATOM   59   C  CA  . LEU A 1 7   ? -6.721  -0.799  0.842   1.00 10.80 ? 7    LEU A CA  1 
ATOM   60   C  C   . LEU A 1 7   ? -7.287  -1.670  1.955   1.00 11.08 ? 7    LEU A C   1 
ATOM   61   O  O   . LEU A 1 7   ? -6.656  -2.641  2.363   1.00 10.91 ? 7    LEU A O   1 
ATOM   62   C  CB  . LEU A 1 7   ? -5.837  0.319   1.398   1.00 10.95 ? 7    LEU A CB  1 
ATOM   63   C  CG  . LEU A 1 7   ? -4.721  0.752   0.439   1.00 10.91 ? 7    LEU A CG  1 
ATOM   64   C  CD1 . LEU A 1 7   ? -4.112  2.072   0.869   1.00 10.29 ? 7    LEU A CD1 1 
ATOM   65   C  CD2 . LEU A 1 7   ? -3.630  -0.340  0.342   1.00 10.95 ? 7    LEU A CD2 1 
ATOM   66   N  N   . ARG A 1 8   ? -8.489  -1.336  2.422   1.00 11.14 ? 8    ARG A N   1 
ATOM   67   C  CA  . ARG A 1 8   ? -9.162  -2.156  3.429   1.00 11.49 ? 8    ARG A CA  1 
ATOM   68   C  C   . ARG A 1 8   ? -9.399  -3.577  2.900   1.00 11.55 ? 8    ARG A C   1 
ATOM   69   O  O   . ARG A 1 8   ? -9.211  -4.559  3.626   1.00 11.52 ? 8    ARG A O   1 
ATOM   70   C  CB  . ARG A 1 8   ? -10.471 -1.497  3.882   1.00 11.95 ? 8    ARG A CB  1 
ATOM   71   C  CG  . ARG A 1 8   ? -11.332 -2.340  4.812   1.00 12.75 ? 8    ARG A CG  1 
ATOM   72   C  CD  . ARG A 1 8   ? -10.612 -2.721  6.107   1.00 15.00 ? 8    ARG A CD  1 
ATOM   73   N  NE  . ARG A 1 8   ? -11.446 -3.595  6.933   1.00 16.57 ? 8    ARG A NE  1 
ATOM   74   C  CZ  . ARG A 1 8   ? -11.587 -4.906  6.754   1.00 17.58 ? 8    ARG A CZ  1 
ATOM   75   N  NH1 . ARG A 1 8   ? -10.944 -5.535  5.774   1.00 18.23 ? 8    ARG A NH1 1 
ATOM   76   N  NH2 . ARG A 1 8   ? -12.375 -5.597  7.566   1.00 19.14 ? 8    ARG A NH2 1 
ATOM   77   N  N   . ILE A 1 9   ? -9.799  -3.679  1.634   1.00 11.46 ? 9    ILE A N   1 
ATOM   78   C  CA  . ILE A 1 9   ? -9.960  -4.972  0.976   1.00 11.61 ? 9    ILE A CA  1 
ATOM   79   C  C   . ILE A 1 9   ? -8.625  -5.722  0.860   1.00 11.38 ? 9    ILE A C   1 
ATOM   80   O  O   . ILE A 1 9   ? -8.532  -6.896  1.235   1.00 11.49 ? 9    ILE A O   1 
ATOM   81   C  CB  . ILE A 1 9   ? -10.651 -4.819  -0.408  1.00 11.63 ? 9    ILE A CB  1 
ATOM   82   C  CG1 . ILE A 1 9   ? -12.146 -4.539  -0.213  1.00 12.79 ? 9    ILE A CG1 1 
ATOM   83   C  CG2 . ILE A 1 9   ? -10.433 -6.060  -1.280  1.00 12.07 ? 9    ILE A CG2 1 
ATOM   84   C  CD1 . ILE A 1 9   ? -12.829 -3.953  -1.433  1.00 13.83 ? 9    ILE A CD1 1 
ATOM   85   N  N   . ASP A 1 10  ? -7.600  -5.036  0.361   1.00 11.29 ? 10   ASP A N   1 
ATOM   86   C  CA  . ASP A 1 10  ? -6.297  -5.656  0.106   1.00 11.54 ? 10   ASP A CA  1 
ATOM   87   C  C   . ASP A 1 10  ? -5.520  -6.033  1.362   1.00 11.88 ? 10   ASP A C   1 
ATOM   88   O  O   . ASP A 1 10  ? -4.797  -7.030  1.369   1.00 12.06 ? 10   ASP A O   1 
ATOM   89   C  CB  . ASP A 1 10  ? -5.438  -4.756  -0.782  1.00 11.29 ? 10   ASP A CB  1 
ATOM   90   C  CG  . ASP A 1 10  ? -5.927  -4.724  -2.216  1.00 11.24 ? 10   ASP A CG  1 
ATOM   91   O  OD1 . ASP A 1 10  ? -6.628  -5.672  -2.636  1.00 10.77 ? 10   ASP A OD1 1 
ATOM   92   O  OD2 . ASP A 1 10  ? -5.607  -3.751  -2.925  1.00 10.69 ? 10   ASP A OD2 1 
ATOM   93   N  N   . GLU A 1 11  ? -5.670  -5.235  2.417   1.00 11.99 ? 11   GLU A N   1 
ATOM   94   C  CA  . GLU A 1 11  ? -4.876  -5.415  3.632   1.00 12.15 ? 11   GLU A CA  1 
ATOM   95   C  C   . GLU A 1 11  ? -5.591  -6.181  4.739   1.00 12.37 ? 11   GLU A C   1 
ATOM   96   O  O   . GLU A 1 11  ? -4.939  -6.766  5.607   1.00 12.51 ? 11   GLU A O   1 
ATOM   97   C  CB  . GLU A 1 11  ? -4.384  -4.062  4.160   1.00 12.06 ? 11   GLU A CB  1 
ATOM   98   C  CG  . GLU A 1 11  ? -3.434  -3.328  3.218   1.00 12.55 ? 11   GLU A CG  1 
ATOM   99   C  CD  . GLU A 1 11  ? -2.073  -4.005  3.077   1.00 13.03 ? 11   GLU A CD  1 
ATOM   100  O  OE1 . GLU A 1 11  ? -1.779  -4.963  3.831   1.00 14.31 ? 11   GLU A OE1 1 
ATOM   101  O  OE2 . GLU A 1 11  ? -1.289  -3.570  2.211   1.00 13.60 ? 11   GLU A OE2 1 
ATOM   102  N  N   . GLY A 1 12  ? -6.921  -6.174  4.705   1.00 12.29 ? 12   GLY A N   1 
ATOM   103  C  CA  . GLY A 1 12  ? -7.725  -6.784  5.758   1.00 12.88 ? 12   GLY A CA  1 
ATOM   104  C  C   . GLY A 1 12  ? -7.721  -5.933  7.013   1.00 12.97 ? 12   GLY A C   1 
ATOM   105  O  O   . GLY A 1 12  ? -7.226  -4.801  7.013   1.00 12.84 ? 12   GLY A O   1 
ATOM   106  N  N   . LEU A 1 13  ? -8.289  -6.477  8.085   1.00 13.18 ? 13   LEU A N   1 
ATOM   107  C  CA  . LEU A 1 13  ? -8.254  -5.825  9.382   1.00 13.49 ? 13   LEU A CA  1 
ATOM   108  C  C   . LEU A 1 13  ? -8.042  -6.879  10.459  1.00 13.42 ? 13   LEU A C   1 
ATOM   109  O  O   . LEU A 1 13  ? -8.838  -7.806  10.596  1.00 13.12 ? 13   LEU A O   1 
ATOM   110  C  CB  . LEU A 1 13  ? -9.538  -5.023  9.638   1.00 13.97 ? 13   LEU A CB  1 
ATOM   111  C  CG  . LEU A 1 13  ? -9.813  -4.522  11.062  1.00 14.81 ? 13   LEU A CG  1 
ATOM   112  C  CD1 . LEU A 1 13  ? -8.788  -3.489  11.490  1.00 16.20 ? 13   LEU A CD1 1 
ATOM   113  C  CD2 . LEU A 1 13  ? -11.229 -3.952  11.160  1.00 16.97 ? 13   LEU A CD2 1 
ATOM   114  N  N   . ARG A 1 14  ? -6.943  -6.745  11.194  1.00 13.53 ? 14   ARG A N   1 
ATOM   115  C  CA  . ARG A 1 14  ? -6.655  -7.638  12.311  1.00 13.66 ? 14   ARG A CA  1 
ATOM   116  C  C   . ARG A 1 14  ? -6.210  -6.814  13.509  1.00 13.77 ? 14   ARG A C   1 
ATOM   117  O  O   . ARG A 1 14  ? -5.346  -5.947  13.386  1.00 13.65 ? 14   ARG A O   1 
ATOM   118  C  CB  . ARG A 1 14  ? -5.597  -8.679  11.924  1.00 13.90 ? 14   ARG A CB  1 
ATOM   119  C  CG  . ARG A 1 14  ? -6.038  -9.601  10.789  1.00 14.52 ? 14   ARG A CG  1 
ATOM   120  C  CD  . ARG A 1 14  ? -4.961  -10.606 10.419  1.00 15.92 ? 14   ARG A CD  1 
ATOM   121  N  NE  . ARG A 1 14  ? -4.895  -11.699 11.385  1.00 17.90 ? 14   ARG A NE  1 
ATOM   122  C  CZ  . ARG A 1 14  ? -4.066  -12.737 11.297  1.00 19.11 ? 14   ARG A CZ  1 
ATOM   123  N  NH1 . ARG A 1 14  ? -3.215  -12.835 10.285  1.00 19.11 ? 14   ARG A NH1 1 
ATOM   124  N  NH2 . ARG A 1 14  ? -4.085  -13.677 12.231  1.00 20.67 ? 14   ARG A NH2 1 
ATOM   125  N  N   . LEU A 1 15  ? -6.816  -7.080  14.664  1.00 14.02 ? 15   LEU A N   1 
ATOM   126  C  CA  . LEU A 1 15  ? -6.618  -6.239  15.843  1.00 14.41 ? 15   LEU A CA  1 
ATOM   127  C  C   . LEU A 1 15  ? -5.474  -6.696  16.748  1.00 14.62 ? 15   LEU A C   1 
ATOM   128  O  O   . LEU A 1 15  ? -5.100  -5.993  17.690  1.00 14.99 ? 15   LEU A O   1 
ATOM   129  C  CB  . LEU A 1 15  ? -7.934  -6.100  16.627  1.00 14.48 ? 15   LEU A CB  1 
ATOM   130  C  CG  . LEU A 1 15  ? -9.117  -5.472  15.877  1.00 14.81 ? 15   LEU A CG  1 
ATOM   131  C  CD1 . LEU A 1 15  ? -10.355 -5.377  16.773  1.00 15.34 ? 15   LEU A CD1 1 
ATOM   132  C  CD2 . LEU A 1 15  ? -8.758  -4.101  15.312  1.00 15.90 ? 15   LEU A CD2 1 
ATOM   133  N  N   . LYS A 1 16  ? -4.918  -7.868  16.455  1.00 14.78 ? 16   LYS A N   1 
ATOM   134  C  CA  . LYS A 1 16  ? -3.755  -8.377  17.168  1.00 15.12 ? 16   LYS A CA  1 
ATOM   135  C  C   . LYS A 1 16  ? -2.565  -8.452  16.224  1.00 14.71 ? 16   LYS A C   1 
ATOM   136  O  O   . LYS A 1 16  ? -2.732  -8.647  15.012  1.00 14.87 ? 16   LYS A O   1 
ATOM   137  C  CB  . LYS A 1 16  ? -4.027  -9.761  17.766  1.00 15.70 ? 16   LYS A CB  1 
ATOM   138  C  CG  . LYS A 1 16  ? -5.226  -9.831  18.699  1.00 17.94 ? 16   LYS A CG  1 
ATOM   139  C  CD  . LYS A 1 16  ? -5.238  -11.119 19.523  1.00 22.95 ? 16   LYS A CD  1 
ATOM   140  C  CE  . LYS A 1 16  ? -5.132  -12.375 18.660  1.00 24.97 ? 16   LYS A CE  1 
ATOM   141  N  NZ  . LYS A 1 16  ? -6.266  -12.518 17.701  1.00 27.10 ? 16   LYS A NZ  1 
ATOM   142  N  N   . ILE A 1 17  ? -1.367  -8.292  16.776  1.00 14.08 ? 17   ILE A N   1 
ATOM   143  C  CA  . ILE A 1 17  ? -0.155  -8.375  15.973  1.00 13.67 ? 17   ILE A CA  1 
ATOM   144  C  C   . ILE A 1 17  ? -0.139  -9.670  15.166  1.00 13.59 ? 17   ILE A C   1 
ATOM   145  O  O   . ILE A 1 17  ? -0.341  -10.761 15.708  1.00 13.62 ? 17   ILE A O   1 
ATOM   146  C  CB  . ILE A 1 17  ? 1.122   -8.256  16.837  1.00 13.79 ? 17   ILE A CB  1 
ATOM   147  C  CG1 . ILE A 1 17  ? 1.226   -6.846  17.429  1.00 13.81 ? 17   ILE A CG1 1 
ATOM   148  C  CG2 . ILE A 1 17  ? 2.375   -8.606  16.020  1.00 13.86 ? 17   ILE A CG2 1 
ATOM   149  C  CD1 . ILE A 1 17  ? 2.398   -6.662  18.386  1.00 13.89 ? 17   ILE A CD1 1 
ATOM   150  N  N   . TYR A 1 18  ? 0.081   -9.523  13.863  1.00 12.92 ? 18   TYR A N   1 
ATOM   151  C  CA  . TYR A 1 18  ? 0.199   -10.653 12.950  1.00 12.87 ? 18   TYR A CA  1 
ATOM   152  C  C   . TYR A 1 18  ? 1.408   -10.438 12.050  1.00 12.54 ? 18   TYR A C   1 
ATOM   153  O  O   . TYR A 1 18  ? 1.974   -9.346  12.011  1.00 12.36 ? 18   TYR A O   1 
ATOM   154  C  CB  . TYR A 1 18  ? -1.078  -10.804 12.110  1.00 13.15 ? 18   TYR A CB  1 
ATOM   155  C  CG  . TYR A 1 18  ? -1.366  -9.661  11.150  1.00 13.26 ? 18   TYR A CG  1 
ATOM   156  C  CD1 . TYR A 1 18  ? -1.986  -8.490  11.592  1.00 13.12 ? 18   TYR A CD1 1 
ATOM   157  C  CD2 . TYR A 1 18  ? -1.042  -9.762  9.790   1.00 13.87 ? 18   TYR A CD2 1 
ATOM   158  C  CE1 . TYR A 1 18  ? -2.264  -7.443  10.716  1.00 14.22 ? 18   TYR A CE1 1 
ATOM   159  C  CE2 . TYR A 1 18  ? -1.319  -8.717  8.902   1.00 14.53 ? 18   TYR A CE2 1 
ATOM   160  C  CZ  . TYR A 1 18  ? -1.929  -7.564  9.373   1.00 14.38 ? 18   TYR A CZ  1 
ATOM   161  O  OH  . TYR A 1 18  ? -2.211  -6.517  8.516   1.00 13.68 ? 18   TYR A OH  1 
ATOM   162  N  N   . LYS A 1 19  ? 1.810   -11.481 11.333  1.00 12.17 ? 19   LYS A N   1 
ATOM   163  C  CA  . LYS A 1 19  ? 2.888   -11.345 10.368  1.00 11.88 ? 19   LYS A CA  1 
ATOM   164  C  C   . LYS A 1 19  ? 2.293   -11.129 8.985   1.00 11.77 ? 19   LYS A C   1 
ATOM   165  O  O   . LYS A 1 19  ? 1.361   -11.831 8.578   1.00 11.66 ? 19   LYS A O   1 
ATOM   166  C  CB  . LYS A 1 19  ? 3.802   -12.574 10.371  1.00 11.88 ? 19   LYS A CB  1 
ATOM   167  C  CG  . LYS A 1 19  ? 4.704   -12.700 11.595  1.00 11.41 ? 19   LYS A CG  1 
ATOM   168  C  CD  . LYS A 1 19  ? 5.552   -13.953 11.499  1.00 11.52 ? 19   LYS A CD  1 
ATOM   169  C  CE  . LYS A 1 19  ? 6.441   -14.115 12.718  1.00 12.78 ? 19   LYS A CE  1 
ATOM   170  N  NZ  . LYS A 1 19  ? 7.308   -15.319 12.577  1.00 12.16 ? 19   LYS A NZ  1 
ATOM   171  N  N   . ASP A 1 20  ? 2.829   -10.156 8.257   1.00 11.72 ? 20   ASP A N   1 
ATOM   172  C  CA  . ASP A 1 20  ? 2.329   -9.871  6.916   1.00 11.94 ? 20   ASP A CA  1 
ATOM   173  C  C   . ASP A 1 20  ? 2.807   -10.931 5.919   1.00 11.89 ? 20   ASP A C   1 
ATOM   174  O  O   . ASP A 1 20  ? 3.400   -11.939 6.315   1.00 11.62 ? 20   ASP A O   1 
ATOM   175  C  CB  . ASP A 1 20  ? 2.701   -8.445  6.474   1.00 11.93 ? 20   ASP A CB  1 
ATOM   176  C  CG  . ASP A 1 20  ? 4.195   -8.253  6.238   1.00 12.51 ? 20   ASP A CG  1 
ATOM   177  O  OD1 . ASP A 1 20  ? 4.964   -9.239  6.215   1.00 11.68 ? 20   ASP A OD1 1 
ATOM   178  O  OD2 . ASP A 1 20  ? 4.603   -7.085  6.056   1.00 12.53 ? 20   ASP A OD2 1 
ATOM   179  N  N   . THR A 1 21  ? 2.561   -10.693 4.632   1.00 11.99 ? 21   THR A N   1 
ATOM   180  C  CA  . THR A 1 21  ? 2.907   -11.667 3.593   1.00 12.42 ? 21   THR A CA  1 
ATOM   181  C  C   . THR A 1 21  ? 4.412   -11.944 3.534   1.00 12.29 ? 21   THR A C   1 
ATOM   182  O  O   . THR A 1 21  ? 4.836   -13.005 3.066   1.00 12.35 ? 21   THR A O   1 
ATOM   183  C  CB  . THR A 1 21  ? 2.427   -11.202 2.201   1.00 12.58 ? 21   THR A CB  1 
ATOM   184  O  OG1 . THR A 1 21  ? 3.141   -10.026 1.819   1.00 13.21 ? 21   THR A OG1 1 
ATOM   185  C  CG2 . THR A 1 21  ? 0.932   -10.902 2.209   1.00 12.81 ? 21   THR A CG2 1 
ATOM   186  N  N   . GLU A 1 22  ? 5.209   -10.984 4.005   1.00 12.44 ? 22   GLU A N   1 
ATOM   187  C  CA  . GLU A 1 22  ? 6.671   -11.100 4.008   1.00 12.65 ? 22   GLU A CA  1 
ATOM   188  C  C   . GLU A 1 22  ? 7.232   -11.648 5.321   1.00 12.55 ? 22   GLU A C   1 
ATOM   189  O  O   . GLU A 1 22  ? 8.446   -11.823 5.462   1.00 12.56 ? 22   GLU A O   1 
ATOM   190  C  CB  . GLU A 1 22  ? 7.316   -9.750  3.678   1.00 12.61 ? 22   GLU A CB  1 
ATOM   191  C  CG  . GLU A 1 22  ? 7.068   -9.264  2.252   1.00 13.48 ? 22   GLU A CG  1 
ATOM   192  C  CD  . GLU A 1 22  ? 7.680   -10.161 1.187   1.00 15.24 ? 22   GLU A CD  1 
ATOM   193  O  OE1 . GLU A 1 22  ? 8.669   -10.866 1.475   1.00 16.89 ? 22   GLU A OE1 1 
ATOM   194  O  OE2 . GLU A 1 22  ? 7.173   -10.149 0.044   1.00 16.69 ? 22   GLU A OE2 1 
ATOM   195  N  N   . GLY A 1 23  ? 6.340   -11.918 6.270   1.00 12.63 ? 23   GLY A N   1 
ATOM   196  C  CA  . GLY A 1 23  ? 6.716   -12.446 7.578   1.00 12.85 ? 23   GLY A CA  1 
ATOM   197  C  C   . GLY A 1 23  ? 7.037   -11.382 8.611   1.00 13.10 ? 23   GLY A C   1 
ATOM   198  O  O   . GLY A 1 23  ? 7.647   -11.676 9.640   1.00 13.36 ? 23   GLY A O   1 
ATOM   199  N  N   . TYR A 1 24  ? 6.609   -10.149 8.347   1.00 13.25 ? 24   TYR A N   1 
ATOM   200  C  CA  . TYR A 1 24  ? 6.907   -9.020  9.221   1.00 13.64 ? 24   TYR A CA  1 
ATOM   201  C  C   . TYR A 1 24  ? 5.746   -8.643  10.119  1.00 13.10 ? 24   TYR A C   1 
ATOM   202  O  O   . TYR A 1 24  ? 4.596   -8.585  9.674   1.00 12.66 ? 24   TYR A O   1 
ATOM   203  C  CB  . TYR A 1 24  ? 7.311   -7.798  8.399   1.00 14.64 ? 24   TYR A CB  1 
ATOM   204  C  CG  . TYR A 1 24  ? 8.582   -7.963  7.607   1.00 15.94 ? 24   TYR A CG  1 
ATOM   205  C  CD1 . TYR A 1 24  ? 9.707   -8.566  8.172   1.00 17.45 ? 24   TYR A CD1 1 
ATOM   206  C  CD2 . TYR A 1 24  ? 8.667   -7.500  6.294   1.00 17.21 ? 24   TYR A CD2 1 
ATOM   207  C  CE1 . TYR A 1 24  ? 10.884  -8.712  7.448   1.00 18.30 ? 24   TYR A CE1 1 
ATOM   208  C  CE2 . TYR A 1 24  ? 9.840   -7.643  5.559   1.00 17.73 ? 24   TYR A CE2 1 
ATOM   209  C  CZ  . TYR A 1 24  ? 10.939  -8.250  6.144   1.00 18.33 ? 24   TYR A CZ  1 
ATOM   210  O  OH  . TYR A 1 24  ? 12.104  -8.392  5.428   1.00 19.04 ? 24   TYR A OH  1 
ATOM   211  N  N   . TYR A 1 25  ? 6.062   -8.352  11.378  1.00 12.75 ? 25   TYR A N   1 
ATOM   212  C  CA  . TYR A 1 25  ? 5.046   -7.980  12.354  1.00 12.40 ? 25   TYR A CA  1 
ATOM   213  C  C   . TYR A 1 25  ? 4.295   -6.738  11.924  1.00 11.96 ? 25   TYR A C   1 
ATOM   214  O  O   . TYR A 1 25  ? 4.891   -5.719  11.560  1.00 11.48 ? 25   TYR A O   1 
ATOM   215  C  CB  . TYR A 1 25  ? 5.647   -7.792  13.740  1.00 13.03 ? 25   TYR A CB  1 
ATOM   216  C  CG  . TYR A 1 25  ? 6.151   -9.081  14.340  1.00 13.73 ? 25   TYR A CG  1 
ATOM   217  C  CD1 . TYR A 1 25  ? 5.274   -10.131 14.621  1.00 15.00 ? 25   TYR A CD1 1 
ATOM   218  C  CD2 . TYR A 1 25  ? 7.500   -9.249  14.638  1.00 14.47 ? 25   TYR A CD2 1 
ATOM   219  C  CE1 . TYR A 1 25  ? 5.732   -11.323 15.179  1.00 14.88 ? 25   TYR A CE1 1 
ATOM   220  C  CE2 . TYR A 1 25  ? 7.969   -10.435 15.196  1.00 14.92 ? 25   TYR A CE2 1 
ATOM   221  C  CZ  . TYR A 1 25  ? 7.081   -11.462 15.465  1.00 15.06 ? 25   TYR A CZ  1 
ATOM   222  O  OH  . TYR A 1 25  ? 7.545   -12.639 16.023  1.00 15.78 ? 25   TYR A OH  1 
ATOM   223  N  N   . THR A 1 26  ? 2.977   -6.863  11.971  1.00 11.27 ? 26   THR A N   1 
ATOM   224  C  CA  . THR A 1 26  ? 2.053   -5.900  11.406  1.00 11.28 ? 26   THR A CA  1 
ATOM   225  C  C   . THR A 1 26  ? 0.815   -5.879  12.297  1.00 11.44 ? 26   THR A C   1 
ATOM   226  O  O   . THR A 1 26  ? 0.559   -6.823  13.044  1.00 11.20 ? 26   THR A O   1 
ATOM   227  C  CB  . THR A 1 26  ? 1.694   -6.331  9.957   1.00 11.17 ? 26   THR A CB  1 
ATOM   228  O  OG1 . THR A 1 26  ? 2.898   -6.419  9.188   1.00 10.78 ? 26   THR A OG1 1 
ATOM   229  C  CG2 . THR A 1 26  ? 0.750   -5.352  9.272   1.00 10.93 ? 26   THR A CG2 1 
ATOM   230  N  N   . ILE A 1 27  ? 0.049   -4.798  12.234  1.00 11.48 ? 27   ILE A N   1 
ATOM   231  C  CA  . ILE A 1 27  ? -1.226  -4.753  12.936  1.00 11.82 ? 27   ILE A CA  1 
ATOM   232  C  C   . ILE A 1 27  ? -2.237  -3.916  12.156  1.00 11.46 ? 27   ILE A C   1 
ATOM   233  O  O   . ILE A 1 27  ? -1.857  -3.162  11.262  1.00 11.10 ? 27   ILE A O   1 
ATOM   234  C  CB  . ILE A 1 27  ? -1.070  -4.241  14.392  1.00 12.12 ? 27   ILE A CB  1 
ATOM   235  C  CG1 . ILE A 1 27  ? -2.271  -4.692  15.239  1.00 13.28 ? 27   ILE A CG1 1 
ATOM   236  C  CG2 . ILE A 1 27  ? -0.825  -2.726  14.415  1.00 12.97 ? 27   ILE A CG2 1 
ATOM   237  C  CD1 . ILE A 1 27  ? -2.005  -4.778  16.716  1.00 14.25 ? 27   ILE A CD1 1 
ATOM   238  N  N   . GLY A 1 28  ? -3.513  -4.075  12.493  1.00 11.48 ? 28   GLY A N   1 
ATOM   239  C  CA  . GLY A 1 28  ? -4.581  -3.247  11.945  1.00 11.32 ? 28   GLY A CA  1 
ATOM   240  C  C   . GLY A 1 28  ? -4.808  -3.519  10.476  1.00 11.46 ? 28   GLY A C   1 
ATOM   241  O  O   . GLY A 1 28  ? -4.952  -4.673  10.058  1.00 11.45 ? 28   GLY A O   1 
ATOM   242  N  N   . ILE A 1 29  ? -4.823  -2.443  9.697   1.00 11.18 ? 29   ILE A N   1 
ATOM   243  C  CA  . ILE A 1 29  ? -5.034  -2.526  8.259   1.00 11.29 ? 29   ILE A CA  1 
ATOM   244  C  C   . ILE A 1 29  ? -3.678  -2.368  7.581   1.00 11.03 ? 29   ILE A C   1 
ATOM   245  O  O   . ILE A 1 29  ? -3.347  -1.322  7.014   1.00 10.87 ? 29   ILE A O   1 
ATOM   246  C  CB  . ILE A 1 29  ? -6.070  -1.485  7.771   1.00 11.41 ? 29   ILE A CB  1 
ATOM   247  C  CG1 . ILE A 1 29  ? -7.351  -1.598  8.608   1.00 11.73 ? 29   ILE A CG1 1 
ATOM   248  C  CG2 . ILE A 1 29  ? -6.376  -1.685  6.280   1.00 11.59 ? 29   ILE A CG2 1 
ATOM   249  C  CD1 . ILE A 1 29  ? -8.282  -0.403  8.531   1.00 13.70 ? 29   ILE A CD1 1 
ATOM   250  N  N   . GLY A 1 30  ? -2.879  -3.423  7.686   1.00 10.88 ? 30   GLY A N   1 
ATOM   251  C  CA  . GLY A 1 30  ? -1.577  -3.472  7.044   1.00 11.18 ? 30   GLY A CA  1 
ATOM   252  C  C   . GLY A 1 30  ? -0.601  -2.437  7.560   1.00 11.24 ? 30   GLY A C   1 
ATOM   253  O  O   . GLY A 1 30  ? 0.210   -1.913  6.790   1.00 11.36 ? 30   GLY A O   1 
ATOM   254  N  N   . HIS A 1 31  ? -0.678  -2.116  8.851   1.00 11.52 ? 31   HIS A N   1 
ATOM   255  C  CA  . HIS A 1 31  ? 0.319   -1.219  9.424   1.00 11.75 ? 31   HIS A CA  1 
ATOM   256  C  C   . HIS A 1 31  ? 1.553   -2.004  9.854   1.00 11.78 ? 31   HIS A C   1 
ATOM   257  O  O   . HIS A 1 31  ? 1.549   -2.665  10.891  1.00 11.30 ? 31   HIS A O   1 
ATOM   258  C  CB  . HIS A 1 31  ? -0.214  -0.403  10.597  1.00 12.04 ? 31   HIS A CB  1 
ATOM   259  C  CG  . HIS A 1 31  ? 0.815   0.513   11.180  1.00 12.07 ? 31   HIS A CG  1 
ATOM   260  N  ND1 . HIS A 1 31  ? 1.079   1.759   10.657  1.00 12.66 ? 31   HIS A ND1 1 
ATOM   261  C  CD2 . HIS A 1 31  ? 1.692   0.338   12.197  1.00 13.31 ? 31   HIS A CD2 1 
ATOM   262  C  CE1 . HIS A 1 31  ? 2.051   2.328   11.349  1.00 13.15 ? 31   HIS A CE1 1 
ATOM   263  N  NE2 . HIS A 1 31  ? 2.443   1.484   12.285  1.00 13.28 ? 31   HIS A NE2 1 
ATOM   264  N  N   . LEU A 1 32  ? 2.600   -1.929  9.039   1.00 12.12 ? 32   LEU A N   1 
ATOM   265  C  CA  . LEU A 1 32  ? 3.855   -2.599  9.337   1.00 12.45 ? 32   LEU A CA  1 
ATOM   266  C  C   . LEU A 1 32  ? 4.459   -2.006  10.604  1.00 12.79 ? 32   LEU A C   1 
ATOM   267  O  O   . LEU A 1 32  ? 4.589   -0.783  10.728  1.00 12.46 ? 32   LEU A O   1 
ATOM   268  C  CB  . LEU A 1 32  ? 4.827   -2.445  8.161   1.00 12.81 ? 32   LEU A CB  1 
ATOM   269  C  CG  . LEU A 1 32  ? 6.268   -2.925  8.340   1.00 13.75 ? 32   LEU A CG  1 
ATOM   270  C  CD1 . LEU A 1 32  ? 6.302   -4.434  8.478   1.00 15.82 ? 32   LEU A CD1 1 
ATOM   271  C  CD2 . LEU A 1 32  ? 7.140   -2.472  7.167   1.00 15.68 ? 32   LEU A CD2 1 
ATOM   272  N  N   . LEU A 1 33  ? 4.805   -2.871  11.552  1.00 13.19 ? 33   LEU A N   1 
ATOM   273  C  CA  . LEU A 1 33  ? 5.394   -2.410  12.804  1.00 13.99 ? 33   LEU A CA  1 
ATOM   274  C  C   . LEU A 1 33  ? 6.909   -2.357  12.711  1.00 14.68 ? 33   LEU A C   1 
ATOM   275  O  O   . LEU A 1 33  ? 7.520   -1.345  13.044  1.00 15.40 ? 33   LEU A O   1 
ATOM   276  C  CB  . LEU A 1 33  ? 4.945   -3.284  13.977  1.00 13.75 ? 33   LEU A CB  1 
ATOM   277  C  CG  . LEU A 1 33  ? 3.463   -3.168  14.344  1.00 13.91 ? 33   LEU A CG  1 
ATOM   278  C  CD1 . LEU A 1 33  ? 3.076   -4.290  15.289  1.00 13.00 ? 33   LEU A CD1 1 
ATOM   279  C  CD2 . LEU A 1 33  ? 3.128   -1.797  14.948  1.00 13.15 ? 33   LEU A CD2 1 
ATOM   280  N  N   . THR A 1 34  ? 7.509   -3.449  12.251  1.00 15.43 ? 34   THR A N   1 
ATOM   281  C  CA  . THR A 1 34  ? 8.960   -3.547  12.156  1.00 16.25 ? 34   THR A CA  1 
ATOM   282  C  C   . THR A 1 34  ? 9.332   -4.730  11.283  1.00 16.91 ? 34   THR A C   1 
ATOM   283  O  O   . THR A 1 34  ? 8.532   -5.650  11.102  1.00 16.82 ? 34   THR A O   1 
ATOM   284  C  CB  . THR A 1 34  ? 9.612   -3.694  13.562  1.00 16.41 ? 34   THR A CB  1 
ATOM   285  O  OG1 . THR A 1 34  ? 11.040  -3.765  13.435  1.00 17.04 ? 34   THR A OG1 1 
ATOM   286  C  CG2 . THR A 1 34  ? 9.095   -4.942  14.285  1.00 15.63 ? 34   THR A CG2 1 
ATOM   287  N  N   . LYS A 1 35  ? 10.544  -4.704  10.737  1.00 17.58 ? 35   LYS A N   1 
ATOM   288  C  CA  . LYS A 1 35  ? 11.056  -5.859  10.017  1.00 18.51 ? 35   LYS A CA  1 
ATOM   289  C  C   . LYS A 1 35  ? 11.846  -6.776  10.953  1.00 18.71 ? 35   LYS A C   1 
ATOM   290  O  O   . LYS A 1 35  ? 12.275  -7.861  10.556  1.00 18.72 ? 35   LYS A O   1 
ATOM   291  C  CB  . LYS A 1 35  ? 11.869  -5.426  8.792   1.00 18.82 ? 35   LYS A CB  1 
ATOM   292  C  CG  . LYS A 1 35  ? 11.001  -4.766  7.729   1.00 19.97 ? 35   LYS A CG  1 
ATOM   293  C  CD  . LYS A 1 35  ? 11.758  -4.460  6.451   1.00 21.90 ? 35   LYS A CD  1 
ATOM   294  C  CE  . LYS A 1 35  ? 10.841  -3.750  5.464   1.00 23.01 ? 35   LYS A CE  1 
ATOM   295  N  NZ  . LYS A 1 35  ? 11.512  -3.456  4.169   1.00 24.94 ? 35   LYS A NZ  1 
ATOM   296  N  N   . SER A 1 36  ? 11.999  -6.343  12.204  1.00 19.04 ? 36   SER A N   1 
ATOM   297  C  CA  . SER A 1 36  ? 12.701  -7.124  13.225  1.00 19.24 ? 36   SER A CA  1 
ATOM   298  C  C   . SER A 1 36  ? 11.957  -8.413  13.567  1.00 19.10 ? 36   SER A C   1 
ATOM   299  O  O   . SER A 1 36  ? 10.734  -8.405  13.719  1.00 18.69 ? 36   SER A O   1 
ATOM   300  C  CB  . SER A 1 36  ? 12.921  -6.293  14.493  1.00 19.43 ? 36   SER A CB  1 
ATOM   301  O  OG  . SER A 1 36  ? 13.404  -7.101  15.554  1.00 19.95 ? 36   SER A OG  1 
ATOM   302  N  N   . PRO A 1 37  ? 12.698  -9.532  13.684  1.00 19.11 ? 37   PRO A N   1 
ATOM   303  C  CA  . PRO A 1 37  ? 12.108  -10.804 14.102  1.00 19.13 ? 37   PRO A CA  1 
ATOM   304  C  C   . PRO A 1 37  ? 11.671  -10.819 15.567  1.00 19.02 ? 37   PRO A C   1 
ATOM   305  O  O   . PRO A 1 37  ? 11.055  -11.787 16.011  1.00 19.28 ? 37   PRO A O   1 
ATOM   306  C  CB  . PRO A 1 37  ? 13.249  -11.802 13.886  1.00 19.24 ? 37   PRO A CB  1 
ATOM   307  C  CG  . PRO A 1 37  ? 14.480  -10.992 14.010  1.00 19.30 ? 37   PRO A CG  1 
ATOM   308  C  CD  . PRO A 1 37  ? 14.140  -9.665  13.407  1.00 19.33 ? 37   PRO A CD  1 
ATOM   309  N  N   . SER A 1 38  ? 11.988  -9.757  16.305  1.00 18.77 ? 38   SER A N   1 
ATOM   310  C  CA  . SER A 1 38  ? 11.650  -9.674  17.719  1.00 18.58 ? 38   SER A CA  1 
ATOM   311  C  C   . SER A 1 38  ? 10.217  -9.197  17.917  1.00 18.24 ? 38   SER A C   1 
ATOM   312  O  O   . SER A 1 38  ? 9.877   -8.066  17.560  1.00 18.16 ? 38   SER A O   1 
ATOM   313  C  CB  . SER A 1 38  ? 12.625  -8.747  18.450  1.00 18.54 ? 38   SER A CB  1 
ATOM   314  O  OG  . SER A 1 38  ? 12.133  -8.417  19.738  1.00 19.39 ? 38   SER A OG  1 
ATOM   315  N  N   . LEU A 1 39  ? 9.384   -10.062 18.490  1.00 17.90 ? 39   LEU A N   1 
ATOM   316  C  CA  . LEU A 1 39  ? 8.004   -9.701  18.815  1.00 17.99 ? 39   LEU A CA  1 
ATOM   317  C  C   . LEU A 1 39  ? 7.966   -8.554  19.828  1.00 17.73 ? 39   LEU A C   1 
ATOM   318  O  O   . LEU A 1 39  ? 7.096   -7.680  19.754  1.00 17.49 ? 39   LEU A O   1 
ATOM   319  C  CB  . LEU A 1 39  ? 7.225   -10.918 19.331  1.00 18.13 ? 39   LEU A CB  1 
ATOM   320  C  CG  . LEU A 1 39  ? 5.776   -10.746 19.808  1.00 18.42 ? 39   LEU A CG  1 
ATOM   321  C  CD1 . LEU A 1 39  ? 4.844   -10.253 18.689  1.00 19.21 ? 39   LEU A CD1 1 
ATOM   322  C  CD2 . LEU A 1 39  ? 5.255   -12.044 20.402  1.00 20.03 ? 39   LEU A CD2 1 
ATOM   323  N  N   . ASN A 1 40  ? 8.916   -8.556  20.761  1.00 17.54 ? 40   ASN A N   1 
ATOM   324  C  CA  . ASN A 1 40  ? 9.040   -7.469  21.730  1.00 17.67 ? 40   ASN A CA  1 
ATOM   325  C  C   . ASN A 1 40  ? 9.344   -6.128  21.063  1.00 17.08 ? 40   ASN A C   1 
ATOM   326  O  O   . ASN A 1 40  ? 8.793   -5.100  21.460  1.00 17.42 ? 40   ASN A O   1 
ATOM   327  C  CB  . ASN A 1 40  ? 10.093  -7.798  22.797  1.00 18.33 ? 40   ASN A CB  1 
ATOM   328  C  CG  . ASN A 1 40  ? 9.593   -8.809  23.820  1.00 19.47 ? 40   ASN A CG  1 
ATOM   329  O  OD1 . ASN A 1 40  ? 8.392   -8.918  24.074  1.00 22.33 ? 40   ASN A OD1 1 
ATOM   330  N  ND2 . ASN A 1 40  ? 10.518  -9.554  24.410  1.00 21.90 ? 40   ASN A ND2 1 
ATOM   331  N  N   . ALA A 1 41  ? 10.201  -6.147  20.043  1.00 16.41 ? 41   ALA A N   1 
ATOM   332  C  CA  . ALA A 1 41  ? 10.502  -4.943  19.266  1.00 15.80 ? 41   ALA A CA  1 
ATOM   333  C  C   . ALA A 1 41  ? 9.239   -4.430  18.574  1.00 15.43 ? 41   ALA A C   1 
ATOM   334  O  O   . ALA A 1 41  ? 8.990   -3.223  18.537  1.00 15.36 ? 41   ALA A O   1 
ATOM   335  C  CB  . ALA A 1 41  ? 11.604  -5.210  18.257  1.00 15.89 ? 41   ALA A CB  1 
ATOM   336  N  N   . ALA A 1 42  ? 8.443   -5.359  18.047  1.00 14.75 ? 42   ALA A N   1 
ATOM   337  C  CA  . ALA A 1 42  ? 7.179   -5.034  17.390  1.00 14.21 ? 42   ALA A CA  1 
ATOM   338  C  C   . ALA A 1 42  ? 6.154   -4.457  18.365  1.00 13.83 ? 42   ALA A C   1 
ATOM   339  O  O   . ALA A 1 42  ? 5.489   -3.467  18.058  1.00 13.59 ? 42   ALA A O   1 
ATOM   340  C  CB  . ALA A 1 42  ? 6.618   -6.264  16.683  1.00 14.08 ? 42   ALA A CB  1 
ATOM   341  N  N   . LYS A 1 43  ? 6.030   -5.082  19.536  1.00 13.80 ? 43   LYS A N   1 
ATOM   342  C  CA  A LYS A 1 43  ? 5.129   -4.597  20.579  0.50 13.96 ? 43   LYS A CA  1 
ATOM   343  C  CA  B LYS A 1 43  ? 5.127   -4.595  20.575  0.50 13.88 ? 43   LYS A CA  1 
ATOM   344  C  C   . LYS A 1 43  ? 5.503   -3.177  20.996  1.00 13.81 ? 43   LYS A C   1 
ATOM   345  O  O   . LYS A 1 43  ? 4.633   -2.346  21.258  1.00 13.77 ? 43   LYS A O   1 
ATOM   346  C  CB  A LYS A 1 43  ? 5.155   -5.533  21.789  0.50 14.20 ? 43   LYS A CB  1 
ATOM   347  C  CB  B LYS A 1 43  ? 5.136   -5.537  21.780  0.50 14.08 ? 43   LYS A CB  1 
ATOM   348  C  CG  A LYS A 1 43  ? 4.398   -6.835  21.576  0.50 14.82 ? 43   LYS A CG  1 
ATOM   349  C  CG  B LYS A 1 43  ? 4.391   -6.837  21.536  0.50 14.34 ? 43   LYS A CG  1 
ATOM   350  C  CD  A LYS A 1 43  ? 4.557   -7.770  22.766  0.50 16.53 ? 43   LYS A CD  1 
ATOM   351  C  CD  B LYS A 1 43  ? 4.458   -7.757  22.740  0.50 15.40 ? 43   LYS A CD  1 
ATOM   352  C  CE  A LYS A 1 43  ? 3.712   -9.025  22.610  0.50 17.85 ? 43   LYS A CE  1 
ATOM   353  C  CE  B LYS A 1 43  ? 3.596   -8.987  22.526  0.50 16.28 ? 43   LYS A CE  1 
ATOM   354  N  NZ  A LYS A 1 43  ? 2.261   -8.776  22.841  0.50 18.72 ? 43   LYS A NZ  1 
ATOM   355  N  NZ  B LYS A 1 43  ? 3.694   -9.942  23.663  0.50 16.17 ? 43   LYS A NZ  1 
ATOM   356  N  N   . SER A 1 44  ? 6.804   -2.910  21.041  1.00 13.74 ? 44   SER A N   1 
ATOM   357  C  CA  . SER A 1 44  ? 7.310   -1.585  21.382  1.00 13.85 ? 44   SER A CA  1 
ATOM   358  C  C   . SER A 1 44  ? 6.896   -0.559  20.324  1.00 13.49 ? 44   SER A C   1 
ATOM   359  O  O   . SER A 1 44  ? 6.385   0.513   20.658  1.00 13.31 ? 44   SER A O   1 
ATOM   360  C  CB  . SER A 1 44  ? 8.832   -1.622  21.535  1.00 13.90 ? 44   SER A CB  1 
ATOM   361  O  OG  . SER A 1 44  ? 9.310   -0.390  22.028  1.00 15.89 ? 44   SER A OG  1 
ATOM   362  N  N   . GLU A 1 45  ? 7.103   -0.901  19.054  1.00 13.47 ? 45   GLU A N   1 
ATOM   363  C  CA  . GLU A 1 45  ? 6.686   -0.041  17.944  1.00 13.32 ? 45   GLU A CA  1 
ATOM   364  C  C   . GLU A 1 45  ? 5.182   0.222   17.985  1.00 13.35 ? 45   GLU A C   1 
ATOM   365  O  O   . GLU A 1 45  ? 4.736   1.346   17.739  1.00 13.39 ? 45   GLU A O   1 
ATOM   366  C  CB  . GLU A 1 45  ? 7.087   -0.649  16.595  1.00 13.25 ? 45   GLU A CB  1 
ATOM   367  C  CG  . GLU A 1 45  ? 8.593   -0.625  16.334  1.00 13.62 ? 45   GLU A CG  1 
ATOM   368  C  CD  . GLU A 1 45  ? 9.159   0.789   16.227  1.00 15.10 ? 45   GLU A CD  1 
ATOM   369  O  OE1 . GLU A 1 45  ? 8.528   1.648   15.583  1.00 14.76 ? 45   GLU A OE1 1 
ATOM   370  O  OE2 . GLU A 1 45  ? 10.241  1.044   16.790  1.00 16.99 ? 45   GLU A OE2 1 
ATOM   371  N  N   . LEU A 1 46  ? 4.406   -0.815  18.303  1.00 13.08 ? 46   LEU A N   1 
ATOM   372  C  CA  . LEU A 1 46  ? 2.958   -0.677  18.409  1.00 13.16 ? 46   LEU A CA  1 
ATOM   373  C  C   . LEU A 1 46  ? 2.577   0.315   19.503  1.00 13.18 ? 46   LEU A C   1 
ATOM   374  O  O   . LEU A 1 46  ? 1.787   1.233   19.271  1.00 12.84 ? 46   LEU A O   1 
ATOM   375  C  CB  . LEU A 1 46  ? 2.296   -2.035  18.658  1.00 13.19 ? 46   LEU A CB  1 
ATOM   376  C  CG  . LEU A 1 46  ? 0.773   -2.043  18.790  1.00 13.73 ? 46   LEU A CG  1 
ATOM   377  C  CD1 . LEU A 1 46  ? 0.099   -1.419  17.573  1.00 14.14 ? 46   LEU A CD1 1 
ATOM   378  C  CD2 . LEU A 1 46  ? 0.283   -3.459  19.009  1.00 14.21 ? 46   LEU A CD2 1 
ATOM   379  N  N   . ASP A 1 47  ? 3.149   0.124   20.688  1.00 13.24 ? 47   ASP A N   1 
ATOM   380  C  CA  . ASP A 1 47  ? 2.927   1.036   21.809  1.00 13.37 ? 47   ASP A CA  1 
ATOM   381  C  C   . ASP A 1 47  ? 3.277   2.470   21.425  1.00 13.26 ? 47   ASP A C   1 
ATOM   382  O  O   . ASP A 1 47  ? 2.532   3.405   21.735  1.00 13.36 ? 47   ASP A O   1 
ATOM   383  C  CB  . ASP A 1 47  ? 3.754   0.594   23.016  1.00 13.65 ? 47   ASP A CB  1 
ATOM   384  C  CG  . ASP A 1 47  ? 3.263   -0.718  23.621  1.00 14.56 ? 47   ASP A CG  1 
ATOM   385  O  OD1 . ASP A 1 47  ? 2.235   -1.270  23.158  1.00 14.94 ? 47   ASP A OD1 1 
ATOM   386  O  OD2 . ASP A 1 47  ? 3.918   -1.198  24.571  1.00 16.33 ? 47   ASP A OD2 1 
ATOM   387  N  N   . LYS A 1 48  ? 4.402   2.625   20.730  1.00 13.26 ? 48   LYS A N   1 
ATOM   388  C  CA  . LYS A 1 48  ? 4.861   3.929   20.260  1.00 13.32 ? 48   LYS A CA  1 
ATOM   389  C  C   . LYS A 1 48  ? 3.844   4.546   19.292  1.00 13.27 ? 48   LYS A C   1 
ATOM   390  O  O   . LYS A 1 48  ? 3.546   5.740   19.378  1.00 13.06 ? 48   LYS A O   1 
ATOM   391  C  CB  . LYS A 1 48  ? 6.250   3.802   19.621  1.00 13.50 ? 48   LYS A CB  1 
ATOM   392  C  CG  . LYS A 1 48  ? 6.869   5.114   19.137  1.00 13.75 ? 48   LYS A CG  1 
ATOM   393  C  CD  . LYS A 1 48  ? 8.389   5.016   18.932  1.00 14.10 ? 48   LYS A CD  1 
ATOM   394  C  CE  . LYS A 1 48  ? 8.817   3.886   18.004  1.00 14.67 ? 48   LYS A CE  1 
ATOM   395  N  NZ  . LYS A 1 48  ? 8.597   4.223   16.580  1.00 14.46 ? 48   LYS A NZ  1 
ATOM   396  N  N   . ALA A 1 49  ? 3.300   3.720   18.398  1.00 13.07 ? 49   ALA A N   1 
ATOM   397  C  CA  . ALA A 1 49  ? 2.313   4.170   17.408  1.00 13.50 ? 49   ALA A CA  1 
ATOM   398  C  C   . ALA A 1 49  ? 0.978   4.593   18.023  1.00 13.65 ? 49   ALA A C   1 
ATOM   399  O  O   . ALA A 1 49  ? 0.364   5.561   17.574  1.00 13.49 ? 49   ALA A O   1 
ATOM   400  C  CB  . ALA A 1 49  ? 2.097   3.095   16.342  1.00 13.43 ? 49   ALA A CB  1 
ATOM   401  N  N   . ILE A 1 50  ? 0.550   3.884   19.064  1.00 13.91 ? 50   ILE A N   1 
ATOM   402  C  CA  . ILE A 1 50  ? -0.782  4.077   19.652  1.00 14.38 ? 50   ILE A CA  1 
ATOM   403  C  C   . ILE A 1 50  ? -0.765  5.067   20.821  1.00 14.72 ? 50   ILE A C   1 
ATOM   404  O  O   . ILE A 1 50  ? -1.755  5.753   21.074  1.00 14.63 ? 50   ILE A O   1 
ATOM   405  C  CB  . ILE A 1 50  ? -1.395  2.708   20.083  1.00 14.39 ? 50   ILE A CB  1 
ATOM   406  C  CG1 . ILE A 1 50  ? -1.462  1.745   18.884  1.00 14.05 ? 50   ILE A CG1 1 
ATOM   407  C  CG2 . ILE A 1 50  ? -2.767  2.876   20.739  1.00 14.65 ? 50   ILE A CG2 1 
ATOM   408  C  CD1 . ILE A 1 50  ? -2.374  2.186   17.750  1.00 15.14 ? 50   ILE A CD1 1 
ATOM   409  N  N   . GLY A 1 51  ? 0.365   5.136   21.521  1.00 15.07 ? 51   GLY A N   1 
ATOM   410  C  CA  . GLY A 1 51  ? 0.532   6.062   22.639  1.00 15.71 ? 51   GLY A CA  1 
ATOM   411  C  C   . GLY A 1 51  ? 0.153   5.474   23.988  1.00 16.27 ? 51   GLY A C   1 
ATOM   412  O  O   . GLY A 1 51  ? -0.075  6.211   24.948  1.00 16.56 ? 51   GLY A O   1 
ATOM   413  N  N   . ARG A 1 52  ? 0.086   4.147   24.066  1.00 16.43 ? 52   ARG A N   1 
ATOM   414  C  CA  . ARG A 1 52  ? -0.228  3.456   25.318  1.00 16.88 ? 52   ARG A CA  1 
ATOM   415  C  C   . ARG A 1 52  ? 0.390   2.064   25.306  1.00 17.33 ? 52   ARG A C   1 
ATOM   416  O  O   . ARG A 1 52  ? 0.834   1.596   24.261  1.00 16.72 ? 52   ARG A O   1 
ATOM   417  C  CB  . ARG A 1 52  ? -1.747  3.360   25.520  1.00 16.79 ? 52   ARG A CB  1 
ATOM   418  C  CG  . ARG A 1 52  ? -2.455  2.506   24.465  1.00 16.95 ? 52   ARG A CG  1 
ATOM   419  C  CD  . ARG A 1 52  ? -3.952  2.430   24.675  1.00 17.65 ? 52   ARG A CD  1 
ATOM   420  N  NE  . ARG A 1 52  ? -4.565  1.552   23.679  1.00 17.95 ? 52   ARG A NE  1 
ATOM   421  C  CZ  . ARG A 1 52  ? -4.699  0.235   23.807  1.00 18.12 ? 52   ARG A CZ  1 
ATOM   422  N  NH1 . ARG A 1 52  ? -4.279  -0.387  24.904  1.00 17.87 ? 52   ARG A NH1 1 
ATOM   423  N  NH2 . ARG A 1 52  ? -5.265  -0.464  22.832  1.00 18.52 ? 52   ARG A NH2 1 
ATOM   424  N  N   . ASN A 1 53  ? 0.417   1.407   26.464  1.00 18.07 ? 53   ASN A N   1 
ATOM   425  C  CA  . ASN A 1 53  ? 0.868   0.021   26.536  1.00 18.97 ? 53   ASN A CA  1 
ATOM   426  C  C   . ASN A 1 53  ? -0.254  -0.899  26.048  1.00 18.81 ? 53   ASN A C   1 
ATOM   427  O  O   . ASN A 1 53  ? -1.235  -1.133  26.757  1.00 18.64 ? 53   ASN A O   1 
ATOM   428  C  CB  . ASN A 1 53  ? 1.306   -0.341  27.961  1.00 19.65 ? 53   ASN A CB  1 
ATOM   429  C  CG  . ASN A 1 53  ? 2.166   -1.595  28.009  1.00 21.71 ? 53   ASN A CG  1 
ATOM   430  O  OD1 . ASN A 1 53  ? 1.768   -2.659  27.533  1.00 24.46 ? 53   ASN A OD1 1 
ATOM   431  N  ND2 . ASN A 1 53  ? 3.355   -1.474  28.595  1.00 24.91 ? 53   ASN A ND2 1 
ATOM   432  N  N   . THR A 1 54  ? -0.102  -1.406  24.829  1.00 18.89 ? 54   THR A N   1 
ATOM   433  C  CA  . THR A 1 54  ? -1.174  -2.139  24.150  1.00 19.18 ? 54   THR A CA  1 
ATOM   434  C  C   . THR A 1 54  ? -1.144  -3.642  24.407  1.00 19.65 ? 54   THR A C   1 
ATOM   435  O  O   . THR A 1 54  ? -2.169  -4.317  24.274  1.00 19.89 ? 54   THR A O   1 
ATOM   436  C  CB  . THR A 1 54  ? -1.100  -1.956  22.621  1.00 19.01 ? 54   THR A CB  1 
ATOM   437  O  OG1 . THR A 1 54  ? 0.098   -2.568  22.131  1.00 18.68 ? 54   THR A OG1 1 
ATOM   438  C  CG2 . THR A 1 54  ? -1.120  -0.474  22.241  1.00 18.73 ? 54   THR A CG2 1 
ATOM   439  N  N   . ASN A 1 55  ? 0.038   -4.160  24.737  1.00 20.28 ? 55   ASN A N   1 
ATOM   440  C  CA  . ASN A 1 55  ? 0.269   -5.602  24.865  1.00 20.77 ? 55   ASN A CA  1 
ATOM   441  C  C   . ASN A 1 55  ? -0.127  -6.372  23.594  1.00 20.43 ? 55   ASN A C   1 
ATOM   442  O  O   . ASN A 1 55  ? -0.666  -7.482  23.662  1.00 20.84 ? 55   ASN A O   1 
ATOM   443  C  CB  . ASN A 1 55  ? -0.433  -6.168  26.111  1.00 21.32 ? 55   ASN A CB  1 
ATOM   444  C  CG  . ASN A 1 55  ? 0.115   -7.528  26.529  1.00 22.90 ? 55   ASN A CG  1 
ATOM   445  O  OD1 . ASN A 1 55  ? 1.257   -7.878  26.217  1.00 25.64 ? 55   ASN A OD1 1 
ATOM   446  N  ND2 . ASN A 1 55  ? -0.701  -8.300  27.237  1.00 24.21 ? 55   ASN A ND2 1 
ATOM   447  N  N   . GLY A 1 56  ? 0.130   -5.754  22.441  1.00 19.70 ? 56   GLY A N   1 
ATOM   448  C  CA  . GLY A 1 56  ? -0.059  -6.396  21.141  1.00 18.85 ? 56   GLY A CA  1 
ATOM   449  C  C   . GLY A 1 56  ? -1.473  -6.428  20.593  1.00 18.18 ? 56   GLY A C   1 
ATOM   450  O  O   . GLY A 1 56  ? -1.725  -7.086  19.583  1.00 17.85 ? 56   GLY A O   1 
ATOM   451  N  N   . VAL A 1 57  ? -2.397  -5.732  21.258  1.00 17.61 ? 57   VAL A N   1 
ATOM   452  C  CA  . VAL A 1 57  ? -3.797  -5.695  20.831  1.00 17.05 ? 57   VAL A CA  1 
ATOM   453  C  C   . VAL A 1 57  ? -4.285  -4.251  20.772  1.00 16.61 ? 57   VAL A C   1 
ATOM   454  O  O   . VAL A 1 57  ? -3.989  -3.451  21.664  1.00 16.16 ? 57   VAL A O   1 
ATOM   455  C  CB  . VAL A 1 57  ? -4.729  -6.508  21.772  1.00 17.29 ? 57   VAL A CB  1 
ATOM   456  C  CG1 . VAL A 1 57  ? -6.126  -6.639  21.167  1.00 17.31 ? 57   VAL A CG1 1 
ATOM   457  C  CG2 . VAL A 1 57  ? -4.148  -7.888  22.057  1.00 18.37 ? 57   VAL A CG2 1 
ATOM   458  N  N   . ILE A 1 58  ? -5.026  -3.931  19.714  1.00 15.87 ? 58   ILE A N   1 
ATOM   459  C  CA  . ILE A 1 58  ? -5.623  -2.609  19.559  1.00 15.42 ? 58   ILE A CA  1 
ATOM   460  C  C   . ILE A 1 58  ? -7.108  -2.694  19.214  1.00 15.44 ? 58   ILE A C   1 
ATOM   461  O  O   . ILE A 1 58  ? -7.624  -3.768  18.904  1.00 15.54 ? 58   ILE A O   1 
ATOM   462  C  CB  . ILE A 1 58  ? -4.872  -1.740  18.500  1.00 15.22 ? 58   ILE A CB  1 
ATOM   463  C  CG1 . ILE A 1 58  ? -4.951  -2.371  17.101  1.00 14.62 ? 58   ILE A CG1 1 
ATOM   464  C  CG2 . ILE A 1 58  ? -3.423  -1.480  18.942  1.00 15.07 ? 58   ILE A CG2 1 
ATOM   465  C  CD1 . ILE A 1 58  ? -4.442  -1.471  15.987  1.00 13.89 ? 58   ILE A CD1 1 
ATOM   466  N  N   . THR A 1 59  ? -7.790  -1.555  19.274  1.00 15.41 ? 59   THR A N   1 
ATOM   467  C  CA  . THR A 1 59  ? -9.211  -1.493  18.946  1.00 15.72 ? 59   THR A CA  1 
ATOM   468  C  C   . THR A 1 59  ? -9.375  -1.179  17.461  1.00 15.86 ? 59   THR A C   1 
ATOM   469  O  O   . THR A 1 59  ? -8.410  -0.786  16.794  1.00 15.91 ? 59   THR A O   1 
ATOM   470  C  CB  . THR A 1 59  ? -9.931  -0.406  19.773  1.00 15.72 ? 59   THR A CB  1 
ATOM   471  O  OG1 . THR A 1 59  ? -9.449  0.882   19.383  1.00 16.31 ? 59   THR A OG1 1 
ATOM   472  C  CG2 . THR A 1 59  ? -9.697  -0.610  21.274  1.00 16.04 ? 59   THR A CG2 1 
ATOM   473  N  N   . LYS A 1 60  ? -10.593 -1.342  16.947  1.00 15.98 ? 60   LYS A N   1 
ATOM   474  C  CA  . LYS A 1 60  ? -10.889 -0.986  15.559  1.00 16.14 ? 60   LYS A CA  1 
ATOM   475  C  C   . LYS A 1 60  ? -10.611 0.495   15.286  1.00 15.85 ? 60   LYS A C   1 
ATOM   476  O  O   . LYS A 1 60  ? -10.023 0.838   14.259  1.00 15.47 ? 60   LYS A O   1 
ATOM   477  C  CB  . LYS A 1 60  ? -12.328 -1.351  15.188  1.00 16.40 ? 60   LYS A CB  1 
ATOM   478  C  CG  . LYS A 1 60  ? -12.614 -1.263  13.697  1.00 18.20 ? 60   LYS A CG  1 
ATOM   479  C  CD  . LYS A 1 60  ? -14.039 -1.664  13.376  1.00 21.28 ? 60   LYS A CD  1 
ATOM   480  C  CE  . LYS A 1 60  ? -14.295 -1.606  11.886  1.00 23.49 ? 60   LYS A CE  1 
ATOM   481  N  NZ  . LYS A 1 60  ? -15.680 -2.042  11.543  1.00 25.51 ? 60   LYS A NZ  1 
ATOM   482  N  N   . ASP A 1 61  ? -11.024 1.364   16.210  1.00 15.72 ? 61   ASP A N   1 
ATOM   483  C  CA  . ASP A 1 61  ? -10.785 2.801   16.069  1.00 15.87 ? 61   ASP A CA  1 
ATOM   484  C  C   . ASP A 1 61  ? -9.298  3.117   15.956  1.00 14.97 ? 61   ASP A C   1 
ATOM   485  O  O   . ASP A 1 61  ? -8.886  3.903   15.099  1.00 14.54 ? 61   ASP A O   1 
ATOM   486  C  CB  . ASP A 1 61  ? -11.413 3.578   17.230  1.00 16.42 ? 61   ASP A CB  1 
ATOM   487  C  CG  . ASP A 1 61  ? -12.927 3.620   17.155  1.00 18.48 ? 61   ASP A CG  1 
ATOM   488  O  OD1 . ASP A 1 61  ? -13.499 3.023   16.216  1.00 20.90 ? 61   ASP A OD1 1 
ATOM   489  O  OD2 . ASP A 1 61  ? -13.546 4.245   18.046  1.00 21.29 ? 61   ASP A OD2 1 
ATOM   490  N  N   . GLU A 1 62  ? -8.501  2.486   16.818  1.00 14.41 ? 62   GLU A N   1 
ATOM   491  C  CA  . GLU A 1 62  ? -7.047  2.651   16.795  1.00 13.96 ? 62   GLU A CA  1 
ATOM   492  C  C   . GLU A 1 62  ? -6.461  2.155   15.475  1.00 13.55 ? 62   GLU A C   1 
ATOM   493  O  O   . GLU A 1 62  ? -5.620  2.826   14.878  1.00 13.31 ? 62   GLU A O   1 
ATOM   494  C  CB  . GLU A 1 62  ? -6.406  1.950   17.994  1.00 13.73 ? 62   GLU A CB  1 
ATOM   495  C  CG  . GLU A 1 62  ? -6.702  2.654   19.311  1.00 14.31 ? 62   GLU A CG  1 
ATOM   496  C  CD  . GLU A 1 62  ? -6.244  1.880   20.530  1.00 14.99 ? 62   GLU A CD  1 
ATOM   497  O  OE1 . GLU A 1 62  ? -6.041  0.647   20.441  1.00 13.75 ? 62   GLU A OE1 1 
ATOM   498  O  OE2 . GLU A 1 62  ? -6.090  2.520   21.590  1.00 15.76 ? 62   GLU A OE2 1 
ATOM   499  N  N   . ALA A 1 63  ? -6.931  0.998   15.010  1.00 13.22 ? 63   ALA A N   1 
ATOM   500  C  CA  . ALA A 1 63  ? -6.523  0.477   13.698  1.00 12.99 ? 63   ALA A CA  1 
ATOM   501  C  C   . ALA A 1 63  ? -6.829  1.476   12.579  1.00 12.73 ? 63   ALA A C   1 
ATOM   502  O  O   . ALA A 1 63  ? -5.984  1.746   11.725  1.00 12.52 ? 63   ALA A O   1 
ATOM   503  C  CB  . ALA A 1 63  ? -7.190  -0.858  13.422  1.00 13.04 ? 63   ALA A CB  1 
ATOM   504  N  N   . GLU A 1 64  ? -8.032  2.043   12.604  1.00 12.68 ? 64   GLU A N   1 
ATOM   505  C  CA  . GLU A 1 64  ? -8.444  2.995   11.575  1.00 12.77 ? 64   GLU A CA  1 
ATOM   506  C  C   . GLU A 1 64  ? -7.660  4.307   11.640  1.00 12.63 ? 64   GLU A C   1 
ATOM   507  O  O   . GLU A 1 64  ? -7.386  4.926   10.607  1.00 12.41 ? 64   GLU A O   1 
ATOM   508  C  CB  . GLU A 1 64  ? -9.952  3.222   11.626  1.00 13.22 ? 64   GLU A CB  1 
ATOM   509  C  CG  . GLU A 1 64  ? -10.722 1.987   11.183  1.00 14.42 ? 64   GLU A CG  1 
ATOM   510  C  CD  . GLU A 1 64  ? -12.207 2.065   11.442  1.00 17.07 ? 64   GLU A CD  1 
ATOM   511  O  OE1 . GLU A 1 64  ? -12.937 1.262   10.832  1.00 17.70 ? 64   GLU A OE1 1 
ATOM   512  O  OE2 . GLU A 1 64  ? -12.643 2.915   12.252  1.00 18.95 ? 64   GLU A OE2 1 
ATOM   513  N  N   . LYS A 1 65  ? -7.288  4.713   12.851  1.00 12.53 ? 65   LYS A N   1 
ATOM   514  C  CA  . LYS A 1 65  ? -6.465  5.903   13.032  1.00 12.84 ? 65   LYS A CA  1 
ATOM   515  C  C   . LYS A 1 65  ? -5.100  5.731   12.360  1.00 12.46 ? 65   LYS A C   1 
ATOM   516  O  O   . LYS A 1 65  ? -4.673  6.587   11.579  1.00 12.41 ? 65   LYS A O   1 
ATOM   517  C  CB  . LYS A 1 65  ? -6.313  6.233   14.515  1.00 13.20 ? 65   LYS A CB  1 
ATOM   518  C  CG  . LYS A 1 65  ? -5.744  7.603   14.772  1.00 14.41 ? 65   LYS A CG  1 
ATOM   519  C  CD  . LYS A 1 65  ? -5.546  7.841   16.251  1.00 17.29 ? 65   LYS A CD  1 
ATOM   520  C  CE  . LYS A 1 65  ? -4.697  9.075   16.492  1.00 18.87 ? 65   LYS A CE  1 
ATOM   521  N  NZ  . LYS A 1 65  ? -5.506  10.263  16.854  1.00 19.29 ? 65   LYS A NZ  1 
ATOM   522  N  N   . LEU A 1 66  ? -4.427  4.618   12.659  1.00 12.30 ? 66   LEU A N   1 
ATOM   523  C  CA  . LEU A 1 66  ? -3.151  4.292   12.021  1.00 12.12 ? 66   LEU A CA  1 
ATOM   524  C  C   . LEU A 1 66  ? -3.310  4.248   10.509  1.00 11.80 ? 66   LEU A C   1 
ATOM   525  O  O   . LEU A 1 66  ? -2.466  4.752   9.773   1.00 11.60 ? 66   LEU A O   1 
ATOM   526  C  CB  . LEU A 1 66  ? -2.623  2.940   12.513  1.00 12.35 ? 66   LEU A CB  1 
ATOM   527  C  CG  . LEU A 1 66  ? -2.199  2.808   13.975  1.00 12.95 ? 66   LEU A CG  1 
ATOM   528  C  CD1 . LEU A 1 66  ? -1.636  1.406   14.215  1.00 14.27 ? 66   LEU A CD1 1 
ATOM   529  C  CD2 . LEU A 1 66  ? -1.191  3.888   14.372  1.00 13.51 ? 66   LEU A CD2 1 
ATOM   530  N  N   . PHE A 1 67  ? -4.411  3.649   10.066  1.00 11.58 ? 67   PHE A N   1 
ATOM   531  C  CA  . PHE A 1 67  ? -4.711  3.512   8.645   1.00 11.76 ? 67   PHE A CA  1 
ATOM   532  C  C   . PHE A 1 67  ? -4.808  4.879   7.976   1.00 11.66 ? 67   PHE A C   1 
ATOM   533  O  O   . PHE A 1 67  ? -4.166  5.118   6.949   1.00 11.55 ? 67   PHE A O   1 
ATOM   534  C  CB  . PHE A 1 67  ? -5.994  2.696   8.470   1.00 11.75 ? 67   PHE A CB  1 
ATOM   535  C  CG  . PHE A 1 67  ? -6.337  2.382   7.044   1.00 12.30 ? 67   PHE A CG  1 
ATOM   536  C  CD1 . PHE A 1 67  ? -5.354  1.986   6.133   1.00 12.43 ? 67   PHE A CD1 1 
ATOM   537  C  CD2 . PHE A 1 67  ? -7.657  2.451   6.617   1.00 12.29 ? 67   PHE A CD2 1 
ATOM   538  C  CE1 . PHE A 1 67  ? -5.688  1.686   4.816   1.00 13.07 ? 67   PHE A CE1 1 
ATOM   539  C  CE2 . PHE A 1 67  ? -7.998  2.148   5.304   1.00 13.28 ? 67   PHE A CE2 1 
ATOM   540  C  CZ  . PHE A 1 67  ? -7.011  1.765   4.403   1.00 12.72 ? 67   PHE A CZ  1 
ATOM   541  N  N   . ASN A 1 68  ? -5.586  5.778   8.581   1.00 11.72 ? 68   ASN A N   1 
ATOM   542  C  CA  A ASN A 1 68  ? -5.715  7.139   8.080   0.60 11.95 ? 68   ASN A CA  1 
ATOM   543  C  CA  B ASN A 1 68  ? -5.712  7.156   8.107   0.40 11.61 ? 68   ASN A CA  1 
ATOM   544  C  C   . ASN A 1 68  ? -4.348  7.827   7.970   1.00 11.57 ? 68   ASN A C   1 
ATOM   545  O  O   . ASN A 1 68  ? -4.050  8.478   6.965   1.00 11.39 ? 68   ASN A O   1 
ATOM   546  C  CB  A ASN A 1 68  ? -6.661  7.940   8.981   0.60 12.26 ? 68   ASN A CB  1 
ATOM   547  C  CB  B ASN A 1 68  ? -6.593  7.973   9.063   0.40 11.62 ? 68   ASN A CB  1 
ATOM   548  C  CG  A ASN A 1 68  ? -7.254  9.153   8.285   0.60 13.49 ? 68   ASN A CG  1 
ATOM   549  C  CG  B ASN A 1 68  ? -8.078  7.789   8.803   0.40 11.50 ? 68   ASN A CG  1 
ATOM   550  O  OD1 A ASN A 1 68  ? -6.683  9.693   7.332   0.60 16.29 ? 68   ASN A OD1 1 
ATOM   551  O  OD1 B ASN A 1 68  ? -8.520  7.756   7.660   0.40 11.98 ? 68   ASN A OD1 1 
ATOM   552  N  ND2 A ASN A 1 68  ? -8.407  9.598   8.772   0.60 14.37 ? 68   ASN A ND2 1 
ATOM   553  N  ND2 B ASN A 1 68  ? -8.858  7.687   9.873   0.40 11.31 ? 68   ASN A ND2 1 
ATOM   554  N  N   . GLN A 1 69  ? -3.520  7.665   8.995   1.00 11.49 ? 69   GLN A N   1 
ATOM   555  C  CA  . GLN A 1 69  ? -2.187  8.249   9.001   1.00 11.31 ? 69   GLN A CA  1 
ATOM   556  C  C   . GLN A 1 69  ? -1.327  7.643   7.904   1.00 11.26 ? 69   GLN A C   1 
ATOM   557  O  O   . GLN A 1 69  ? -0.603  8.354   7.218   1.00 11.35 ? 69   GLN A O   1 
ATOM   558  C  CB  . GLN A 1 69  ? -1.524  8.040   10.358  1.00 11.46 ? 69   GLN A CB  1 
ATOM   559  C  CG  . GLN A 1 69  ? -2.211  8.818   11.459  1.00 11.35 ? 69   GLN A CG  1 
ATOM   560  C  CD  . GLN A 1 69  ? -1.621  8.596   12.836  1.00 11.71 ? 69   GLN A CD  1 
ATOM   561  O  OE1 . GLN A 1 69  ? -1.938  9.339   13.760  1.00 12.25 ? 69   GLN A OE1 1 
ATOM   562  N  NE2 . GLN A 1 69  ? -0.766  7.579   12.986  1.00 12.03 ? 69   GLN A NE2 1 
ATOM   563  N  N   . ASP A 1 70  ? -1.420  6.327   7.747   1.00 11.55 ? 70   ASP A N   1 
ATOM   564  C  CA  . ASP A 1 70  ? -0.619  5.607   6.760   1.00 11.93 ? 70   ASP A CA  1 
ATOM   565  C  C   . ASP A 1 70  ? -0.955  6.004   5.325   1.00 12.15 ? 70   ASP A C   1 
ATOM   566  O  O   . ASP A 1 70  ? -0.047  6.211   4.517   1.00 12.41 ? 70   ASP A O   1 
ATOM   567  C  CB  . ASP A 1 70  ? -0.758  4.098   6.951   1.00 11.77 ? 70   ASP A CB  1 
ATOM   568  C  CG  . ASP A 1 70  ? -0.064  3.603   8.205   1.00 11.91 ? 70   ASP A CG  1 
ATOM   569  O  OD1 . ASP A 1 70  ? 0.679   4.384   8.844   1.00 10.64 ? 70   ASP A OD1 1 
ATOM   570  O  OD2 . ASP A 1 70  ? -0.270  2.422   8.555   1.00 13.53 ? 70   ASP A OD2 1 
ATOM   571  N  N   . VAL A 1 71  ? -2.250  6.124   5.024   1.00 12.75 ? 71   VAL A N   1 
ATOM   572  C  CA  . VAL A 1 71  ? -2.697  6.571   3.699   1.00 13.07 ? 71   VAL A CA  1 
ATOM   573  C  C   . VAL A 1 71  ? -2.214  8.001   3.438   1.00 13.38 ? 71   VAL A C   1 
ATOM   574  O  O   . VAL A 1 71  ? -1.645  8.292   2.381   1.00 12.81 ? 71   VAL A O   1 
ATOM   575  C  CB  . VAL A 1 71  ? -4.240  6.477   3.535   1.00 13.15 ? 71   VAL A CB  1 
ATOM   576  C  CG1 . VAL A 1 71  ? -4.687  7.072   2.197   1.00 13.25 ? 71   VAL A CG1 1 
ATOM   577  C  CG2 . VAL A 1 71  ? -4.718  5.026   3.655   1.00 13.18 ? 71   VAL A CG2 1 
ATOM   578  N  N   . ASP A 1 72  ? -2.442  8.879   4.416   1.00 13.59 ? 72   ASP A N   1 
ATOM   579  C  CA  . ASP A 1 72  ? -2.003  10.269  4.359   1.00 14.46 ? 72   ASP A CA  1 
ATOM   580  C  C   . ASP A 1 72  ? -0.506  10.353  4.065   1.00 14.43 ? 72   ASP A C   1 
ATOM   581  O  O   . ASP A 1 72  ? -0.088  11.049  3.136   1.00 14.39 ? 72   ASP A O   1 
ATOM   582  C  CB  . ASP A 1 72  ? -2.324  10.959  5.690   1.00 14.73 ? 72   ASP A CB  1 
ATOM   583  C  CG  . ASP A 1 72  ? -2.254  12.474  5.610   1.00 16.87 ? 72   ASP A CG  1 
ATOM   584  O  OD1 . ASP A 1 72  ? -2.455  13.117  6.661   1.00 18.67 ? 72   ASP A OD1 1 
ATOM   585  O  OD2 . ASP A 1 72  ? -2.008  13.024  4.518   1.00 19.22 ? 72   ASP A OD2 1 
ATOM   586  N  N   . ALA A 1 73  ? 0.287   9.623   4.848   1.00 14.43 ? 73   ALA A N   1 
ATOM   587  C  CA  . ALA A 1 73  ? 1.741   9.606   4.692   1.00 14.78 ? 73   ALA A CA  1 
ATOM   588  C  C   . ALA A 1 73  ? 2.159   9.086   3.320   1.00 14.79 ? 73   ALA A C   1 
ATOM   589  O  O   . ALA A 1 73  ? 3.096   9.615   2.717   1.00 14.73 ? 73   ALA A O   1 
ATOM   590  C  CB  . ALA A 1 73  ? 2.390   8.779   5.793   1.00 14.81 ? 73   ALA A CB  1 
ATOM   591  N  N   . ALA A 1 74  ? 1.457   8.059   2.837   1.00 14.81 ? 74   ALA A N   1 
ATOM   592  C  CA  . ALA A 1 74  ? 1.739   7.460   1.530   1.00 14.89 ? 74   ALA A CA  1 
ATOM   593  C  C   . ALA A 1 74  ? 1.580   8.490   0.415   1.00 15.09 ? 74   ALA A C   1 
ATOM   594  O  O   . ALA A 1 74  ? 2.492   8.666   -0.401  1.00 15.05 ? 74   ALA A O   1 
ATOM   595  C  CB  . ALA A 1 74  ? 0.837   6.265   1.282   1.00 14.98 ? 74   ALA A CB  1 
ATOM   596  N  N   . VAL A 1 75  ? 0.434   9.172   0.393   1.00 15.30 ? 75   VAL A N   1 
ATOM   597  C  CA  . VAL A 1 75  ? 0.172   10.191  -0.634  1.00 15.95 ? 75   VAL A CA  1 
ATOM   598  C  C   . VAL A 1 75  ? 1.159   11.354  -0.516  1.00 15.95 ? 75   VAL A C   1 
ATOM   599  O  O   . VAL A 1 75  ? 1.710   11.807  -1.527  1.00 15.61 ? 75   VAL A O   1 
ATOM   600  C  CB  . VAL A 1 75  ? -1.281  10.747  -0.607  1.00 16.22 ? 75   VAL A CB  1 
ATOM   601  C  CG1 . VAL A 1 75  ? -1.597  11.419  -1.943  1.00 16.52 ? 75   VAL A CG1 1 
ATOM   602  C  CG2 . VAL A 1 75  ? -2.284  9.655   -0.362  1.00 16.45 ? 75   VAL A CG2 1 
ATOM   603  N  N   . ARG A 1 76  ? 1.381   11.830  0.710   1.00 16.31 ? 76   ARG A N   1 
ATOM   604  C  CA  . ARG A 1 76  ? 2.319   12.930  0.948   1.00 17.08 ? 76   ARG A CA  1 
ATOM   605  C  C   . ARG A 1 76  ? 3.719   12.578  0.469   1.00 16.92 ? 76   ARG A C   1 
ATOM   606  O  O   . ARG A 1 76  ? 4.394   13.406  -0.146  1.00 17.19 ? 76   ARG A O   1 
ATOM   607  C  CB  . ARG A 1 76  ? 2.360   13.338  2.425   1.00 17.35 ? 76   ARG A CB  1 
ATOM   608  C  CG  . ARG A 1 76  ? 1.279   14.322  2.842   1.00 20.20 ? 76   ARG A CG  1 
ATOM   609  C  CD  . ARG A 1 76  ? 1.165   15.521  1.876   1.00 23.17 ? 76   ARG A CD  1 
ATOM   610  N  NE  . ARG A 1 76  ? 2.081   16.630  2.139   1.00 25.21 ? 76   ARG A NE  1 
ATOM   611  C  CZ  . ARG A 1 76  ? 1.905   17.541  3.094   1.00 25.43 ? 76   ARG A CZ  1 
ATOM   612  N  NH1 . ARG A 1 76  ? 2.784   18.521  3.243   1.00 25.96 ? 76   ARG A NH1 1 
ATOM   613  N  NH2 . ARG A 1 76  ? 0.863   17.468  3.914   1.00 25.81 ? 76   ARG A NH2 1 
ATOM   614  N  N   . GLY A 1 77  ? 4.135   11.343  0.744   1.00 16.65 ? 77   GLY A N   1 
ATOM   615  C  CA  . GLY A 1 77  ? 5.410   10.828  0.267   1.00 16.49 ? 77   GLY A CA  1 
ATOM   616  C  C   . GLY A 1 77  ? 5.544   10.897  -1.243  1.00 16.54 ? 77   GLY A C   1 
ATOM   617  O  O   . GLY A 1 77  ? 6.595   11.285  -1.759  1.00 16.41 ? 77   GLY A O   1 
ATOM   618  N  N   . ILE A 1 78  ? 4.478   10.521  -1.950  1.00 16.39 ? 78   ILE A N   1 
ATOM   619  C  CA  . ILE A 1 78  ? 4.453   10.596  -3.411  1.00 16.40 ? 78   ILE A CA  1 
ATOM   620  C  C   . ILE A 1 78  ? 4.690   12.030  -3.889  1.00 16.97 ? 78   ILE A C   1 
ATOM   621  O  O   . ILE A 1 78  ? 5.532   12.271  -4.761  1.00 16.83 ? 78   ILE A O   1 
ATOM   622  C  CB  . ILE A 1 78  ? 3.120   10.058  -3.998  1.00 16.18 ? 78   ILE A CB  1 
ATOM   623  C  CG1 . ILE A 1 78  ? 2.997   8.549   -3.768  1.00 15.84 ? 78   ILE A CG1 1 
ATOM   624  C  CG2 . ILE A 1 78  ? 3.035   10.357  -5.486  1.00 15.71 ? 78   ILE A CG2 1 
ATOM   625  C  CD1 . ILE A 1 78  ? 1.593   7.986   -4.016  1.00 15.11 ? 78   ILE A CD1 1 
ATOM   626  N  N   . LEU A 1 79  ? 3.955   12.976  -3.307  1.00 17.43 ? 79   LEU A N   1 
ATOM   627  C  CA  . LEU A 1 79  ? 4.032   14.379  -3.723  1.00 18.23 ? 79   LEU A CA  1 
ATOM   628  C  C   . LEU A 1 79  ? 5.377   15.011  -3.374  1.00 18.95 ? 79   LEU A C   1 
ATOM   629  O  O   . LEU A 1 79  ? 5.828   15.935  -4.045  1.00 19.21 ? 79   LEU A O   1 
ATOM   630  C  CB  . LEU A 1 79  ? 2.879   15.190  -3.120  1.00 18.21 ? 79   LEU A CB  1 
ATOM   631  C  CG  . LEU A 1 79  ? 1.459   14.757  -3.505  1.00 18.26 ? 79   LEU A CG  1 
ATOM   632  C  CD1 . LEU A 1 79  ? 0.448   15.691  -2.870  1.00 19.18 ? 79   LEU A CD1 1 
ATOM   633  C  CD2 . LEU A 1 79  ? 1.266   14.721  -5.022  1.00 18.20 ? 79   LEU A CD2 1 
ATOM   634  N  N   . ARG A 1 80  ? 6.015   14.482  -2.332  1.00 19.58 ? 80   ARG A N   1 
ATOM   635  C  CA  . ARG A 1 80  ? 7.326   14.944  -1.885  1.00 20.63 ? 80   ARG A CA  1 
ATOM   636  C  C   . ARG A 1 80  ? 8.445   14.368  -2.755  1.00 20.67 ? 80   ARG A C   1 
ATOM   637  O  O   . ARG A 1 80  ? 9.586   14.848  -2.721  1.00 20.90 ? 80   ARG A O   1 
ATOM   638  C  CB  . ARG A 1 80  ? 7.540   14.528  -0.429  1.00 20.68 ? 80   ARG A CB  1 
ATOM   639  C  CG  . ARG A 1 80  ? 8.379   15.490  0.379   1.00 23.27 ? 80   ARG A CG  1 
ATOM   640  C  CD  . ARG A 1 80  ? 8.407   15.100  1.847   1.00 25.43 ? 80   ARG A CD  1 
ATOM   641  N  NE  . ARG A 1 80  ? 7.141   15.378  2.526   1.00 26.96 ? 80   ARG A NE  1 
ATOM   642  C  CZ  . ARG A 1 80  ? 6.381   14.466  3.128   1.00 27.82 ? 80   ARG A CZ  1 
ATOM   643  N  NH1 . ARG A 1 80  ? 6.746   13.186  3.159   1.00 27.86 ? 80   ARG A NH1 1 
ATOM   644  N  NH2 . ARG A 1 80  ? 5.255   14.838  3.720   1.00 27.93 ? 80   ARG A NH2 1 
ATOM   645  N  N   . ASN A 1 81  ? 8.115   13.334  -3.524  1.00 20.82 ? 81   ASN A N   1 
ATOM   646  C  CA  . ASN A 1 81  ? 9.084   12.657  -4.379  1.00 21.10 ? 81   ASN A CA  1 
ATOM   647  C  C   . ASN A 1 81  ? 9.103   13.268  -5.782  1.00 21.23 ? 81   ASN A C   1 
ATOM   648  O  O   . ASN A 1 81  ? 8.094   13.255  -6.487  1.00 21.06 ? 81   ASN A O   1 
ATOM   649  C  CB  . ASN A 1 81  ? 8.780   11.154  -4.428  1.00 21.21 ? 81   ASN A CB  1 
ATOM   650  C  CG  . ASN A 1 81  ? 9.899   10.344  -5.060  1.00 21.87 ? 81   ASN A CG  1 
ATOM   651  O  OD1 . ASN A 1 81  ? 10.424  10.692  -6.120  1.00 22.98 ? 81   ASN A OD1 1 
ATOM   652  N  ND2 . ASN A 1 81  ? 10.255  9.240   -4.417  1.00 23.05 ? 81   ASN A ND2 1 
ATOM   653  N  N   . ALA A 1 82  ? 10.262  13.796  -6.173  1.00 21.34 ? 82   ALA A N   1 
ATOM   654  C  CA  . ALA A 1 82  ? 10.419  14.526  -7.439  1.00 21.67 ? 82   ALA A CA  1 
ATOM   655  C  C   . ALA A 1 82  ? 10.143  13.680  -8.680  1.00 21.61 ? 82   ALA A C   1 
ATOM   656  O  O   . ALA A 1 82  ? 9.691   14.195  -9.705  1.00 22.14 ? 82   ALA A O   1 
ATOM   657  C  CB  . ALA A 1 82  ? 11.805  15.143  -7.521  1.00 21.75 ? 82   ALA A CB  1 
ATOM   658  N  N   . LYS A 1 83  ? 10.427  12.386  -8.582  1.00 21.51 ? 83   LYS A N   1 
ATOM   659  C  CA  . LYS A 1 83  ? 10.205  11.459  -9.680  1.00 21.36 ? 83   LYS A CA  1 
ATOM   660  C  C   . LYS A 1 83  ? 8.762   10.962  -9.718  1.00 20.58 ? 83   LYS A C   1 
ATOM   661  O  O   . LYS A 1 83  ? 8.178   10.829  -10.795 1.00 20.98 ? 83   LYS A O   1 
ATOM   662  C  CB  . LYS A 1 83  ? 11.175  10.280  -9.584  1.00 21.70 ? 83   LYS A CB  1 
ATOM   663  C  CG  . LYS A 1 83  ? 12.610  10.631  -9.945  1.00 23.29 ? 83   LYS A CG  1 
ATOM   664  C  CD  . LYS A 1 83  ? 13.510  9.406   -9.876  1.00 26.18 ? 83   LYS A CD  1 
ATOM   665  C  CE  . LYS A 1 83  ? 14.960  9.767   -10.189 1.00 27.99 ? 83   LYS A CE  1 
ATOM   666  N  NZ  . LYS A 1 83  ? 15.601  10.571  -9.109  1.00 29.24 ? 83   LYS A NZ  1 
ATOM   667  N  N   . LEU A 1 84  ? 8.193   10.702  -8.542  1.00 19.31 ? 84   LEU A N   1 
ATOM   668  C  CA  . LEU A 1 84  ? 6.844   10.143  -8.438  1.00 17.92 ? 84   LEU A CA  1 
ATOM   669  C  C   . LEU A 1 84  ? 5.738   11.175  -8.651  1.00 17.04 ? 84   LEU A C   1 
ATOM   670  O  O   . LEU A 1 84  ? 4.699   10.858  -9.235  1.00 16.77 ? 84   LEU A O   1 
ATOM   671  C  CB  . LEU A 1 84  ? 6.644   9.438   -7.089  1.00 17.94 ? 84   LEU A CB  1 
ATOM   672  C  CG  . LEU A 1 84  ? 7.559   8.260   -6.733  1.00 17.88 ? 84   LEU A CG  1 
ATOM   673  C  CD1 . LEU A 1 84  ? 7.097   7.612   -5.434  1.00 17.65 ? 84   LEU A CD1 1 
ATOM   674  C  CD2 . LEU A 1 84  ? 7.619   7.234   -7.864  1.00 18.13 ? 84   LEU A CD2 1 
ATOM   675  N  N   . LYS A 1 85  ? 5.963   12.398  -8.175  1.00 15.97 ? 85   LYS A N   1 
ATOM   676  C  CA  . LYS A 1 85  ? 4.943   13.451  -8.233  1.00 15.71 ? 85   LYS A CA  1 
ATOM   677  C  C   . LYS A 1 85  ? 4.363   13.704  -9.636  1.00 14.90 ? 85   LYS A C   1 
ATOM   678  O  O   . LYS A 1 85  ? 3.139   13.764  -9.782  1.00 14.62 ? 85   LYS A O   1 
ATOM   679  C  CB  . LYS A 1 85  ? 5.453   14.762  -7.620  1.00 15.76 ? 85   LYS A CB  1 
ATOM   680  C  CG  . LYS A 1 85  ? 4.377   15.830  -7.507  1.00 16.64 ? 85   LYS A CG  1 
ATOM   681  C  CD  . LYS A 1 85  ? 4.937   17.142  -7.017  1.00 18.29 ? 85   LYS A CD  1 
ATOM   682  C  CE  . LYS A 1 85  ? 3.827   18.135  -6.725  1.00 19.22 ? 85   LYS A CE  1 
ATOM   683  N  NZ  . LYS A 1 85  ? 3.102   18.555  -7.952  1.00 20.90 ? 85   LYS A NZ  1 
ATOM   684  N  N   . PRO A 1 86  ? 5.231   13.871  -10.661 1.00 14.62 ? 86   PRO A N   1 
ATOM   685  C  CA  . PRO A 1 86  ? 4.714   14.142  -12.007 1.00 14.28 ? 86   PRO A CA  1 
ATOM   686  C  C   . PRO A 1 86  ? 3.870   12.992  -12.548 1.00 13.86 ? 86   PRO A C   1 
ATOM   687  O  O   . PRO A 1 86  ? 2.879   13.229  -13.236 1.00 13.63 ? 86   PRO A O   1 
ATOM   688  C  CB  . PRO A 1 86  ? 5.983   14.300  -12.854 1.00 14.43 ? 86   PRO A CB  1 
ATOM   689  C  CG  . PRO A 1 86  ? 7.076   14.575  -11.887 1.00 15.42 ? 86   PRO A CG  1 
ATOM   690  C  CD  . PRO A 1 86  ? 6.705   13.838  -10.647 1.00 14.64 ? 86   PRO A CD  1 
ATOM   691  N  N   . VAL A 1 87  ? 4.260   11.758  -12.242 1.00 13.44 ? 87   VAL A N   1 
ATOM   692  C  CA  . VAL A 1 87  ? 3.484   10.605  -12.685 1.00 13.13 ? 87   VAL A CA  1 
ATOM   693  C  C   . VAL A 1 87  ? 2.122   10.601  -11.991 1.00 12.92 ? 87   VAL A C   1 
ATOM   694  O  O   . VAL A 1 87  ? 1.087   10.433  -12.631 1.00 12.60 ? 87   VAL A O   1 
ATOM   695  C  CB  . VAL A 1 87  ? 4.226   9.270   -12.452 1.00 13.21 ? 87   VAL A CB  1 
ATOM   696  C  CG1 . VAL A 1 87  ? 3.422   8.112   -13.036 1.00 12.83 ? 87   VAL A CG1 1 
ATOM   697  C  CG2 . VAL A 1 87  ? 5.608   9.318   -13.074 1.00 13.43 ? 87   VAL A CG2 1 
ATOM   698  N  N   . TYR A 1 88  ? 2.135   10.801  -10.677 1.00 13.12 ? 88   TYR A N   1 
ATOM   699  C  CA  . TYR A 1 88  ? 0.910   10.867  -9.895  1.00 13.07 ? 88   TYR A CA  1 
ATOM   700  C  C   . TYR A 1 88  ? -0.034  11.946  -10.427 1.00 12.90 ? 88   TYR A C   1 
ATOM   701  O  O   . TYR A 1 88  ? -1.211  11.683  -10.675 1.00 12.49 ? 88   TYR A O   1 
ATOM   702  C  CB  . TYR A 1 88  ? 1.245   11.129  -8.432  1.00 13.57 ? 88   TYR A CB  1 
ATOM   703  C  CG  . TYR A 1 88  ? 0.049   11.086  -7.521  1.00 14.25 ? 88   TYR A CG  1 
ATOM   704  C  CD1 . TYR A 1 88  ? -0.427  9.873   -7.020  1.00 14.12 ? 88   TYR A CD1 1 
ATOM   705  C  CD2 . TYR A 1 88  ? -0.612  12.259  -7.160  1.00 14.77 ? 88   TYR A CD2 1 
ATOM   706  C  CE1 . TYR A 1 88  ? -1.527  9.830   -6.178  1.00 14.47 ? 88   TYR A CE1 1 
ATOM   707  C  CE2 . TYR A 1 88  ? -1.713  12.227  -6.323  1.00 15.86 ? 88   TYR A CE2 1 
ATOM   708  C  CZ  . TYR A 1 88  ? -2.168  11.010  -5.837  1.00 14.66 ? 88   TYR A CZ  1 
ATOM   709  O  OH  . TYR A 1 88  ? -3.258  10.977  -5.005  1.00 15.34 ? 88   TYR A OH  1 
ATOM   710  N  N   . ASP A 1 89  ? 0.504   13.146  -10.623 1.00 12.67 ? 89   ASP A N   1 
ATOM   711  C  CA  . ASP A 1 89  ? -0.283  14.288  -11.106 1.00 13.05 ? 89   ASP A CA  1 
ATOM   712  C  C   . ASP A 1 89  ? -0.875  14.057  -12.491 1.00 12.51 ? 89   ASP A C   1 
ATOM   713  O  O   . ASP A 1 89  ? -1.933  14.595  -12.811 1.00 12.76 ? 89   ASP A O   1 
ATOM   714  C  CB  . ASP A 1 89  ? 0.561   15.562  -11.096 1.00 13.48 ? 89   ASP A CB  1 
ATOM   715  C  CG  . ASP A 1 89  ? 0.702   16.159  -9.706  1.00 15.01 ? 89   ASP A CG  1 
ATOM   716  O  OD1 . ASP A 1 89  ? -0.028  15.734  -8.788  1.00 17.57 ? 89   ASP A OD1 1 
ATOM   717  O  OD2 . ASP A 1 89  ? 1.540   17.064  -9.536  1.00 17.64 ? 89   ASP A OD2 1 
ATOM   718  N  N   . SER A 1 90  ? -0.204  13.237  -13.297 1.00 12.00 ? 90   SER A N   1 
ATOM   719  C  CA  . SER A 1 90  ? -0.675  12.927  -14.646 1.00 11.35 ? 90   SER A CA  1 
ATOM   720  C  C   . SER A 1 90  ? -1.876  11.987  -14.645 1.00 11.33 ? 90   SER A C   1 
ATOM   721  O  O   . SER A 1 90  ? -2.585  11.883  -15.649 1.00 11.19 ? 90   SER A O   1 
ATOM   722  C  CB  . SER A 1 90  ? 0.451   12.316  -15.486 1.00 11.55 ? 90   SER A CB  1 
ATOM   723  O  OG  . SER A 1 90  ? 0.642   10.954  -15.152 1.00 10.61 ? 90   SER A OG  1 
ATOM   724  N  N   . LEU A 1 91  ? -2.091  11.297  -13.525 1.00 10.68 ? 91   LEU A N   1 
ATOM   725  C  CA  . LEU A 1 91  ? -3.138  10.283  -13.430 1.00 10.77 ? 91   LEU A CA  1 
ATOM   726  C  C   . LEU A 1 91  ? -4.490  10.853  -13.037 1.00 10.54 ? 91   LEU A C   1 
ATOM   727  O  O   . LEU A 1 91  ? -4.574  11.896  -12.393 1.00 10.77 ? 91   LEU A O   1 
ATOM   728  C  CB  . LEU A 1 91  ? -2.752  9.205   -12.413 1.00 10.57 ? 91   LEU A CB  1 
ATOM   729  C  CG  . LEU A 1 91  ? -1.496  8.374   -12.684 1.00 11.10 ? 91   LEU A CG  1 
ATOM   730  C  CD1 . LEU A 1 91  ? -1.129  7.557   -11.457 1.00 11.10 ? 91   LEU A CD1 1 
ATOM   731  C  CD2 . LEU A 1 91  ? -1.693  7.473   -13.890 1.00 12.13 ? 91   LEU A CD2 1 
ATOM   732  N  N   . ASP A 1 92  ? -5.540  10.144  -13.445 1.00 10.58 ? 92   ASP A N   1 
ATOM   733  C  CA  . ASP A 1 92  ? -6.904  10.351  -12.963 1.00 10.40 ? 92   ASP A CA  1 
ATOM   734  C  C   . ASP A 1 92  ? -7.034  9.805   -11.535 1.00 10.59 ? 92   ASP A C   1 
ATOM   735  O  O   . ASP A 1 92  ? -6.168  9.064   -11.066 1.00 10.49 ? 92   ASP A O   1 
ATOM   736  C  CB  . ASP A 1 92  ? -7.864  9.580   -13.863 1.00 10.30 ? 92   ASP A CB  1 
ATOM   737  C  CG  . ASP A 1 92  ? -7.547  8.109   -13.883 1.00 10.83 ? 92   ASP A CG  1 
ATOM   738  O  OD1 . ASP A 1 92  ? -6.675  7.720   -14.686 1.00 11.07 ? 92   ASP A OD1 1 
ATOM   739  O  OD2 . ASP A 1 92  ? -8.129  7.363   -13.059 1.00 11.11 ? 92   ASP A OD2 1 
ATOM   740  N  N   . ALA A 1 93  ? -8.140  10.133  -10.871 1.00 10.80 ? 93   ALA A N   1 
ATOM   741  C  CA  . ALA A 1 93  ? -8.336  9.792   -9.459  1.00 10.98 ? 93   ALA A CA  1 
ATOM   742  C  C   . ALA A 1 93  ? -8.358  8.289   -9.157  1.00 10.99 ? 93   ALA A C   1 
ATOM   743  O  O   . ALA A 1 93  ? -7.874  7.861   -8.103  1.00 11.27 ? 93   ALA A O   1 
ATOM   744  C  CB  . ALA A 1 93  ? -9.590  10.470  -8.913  1.00 11.19 ? 93   ALA A CB  1 
ATOM   745  N  N   . VAL A 1 94  ? -8.905  7.486   -10.069 1.00 10.77 ? 94   VAL A N   1 
ATOM   746  C  CA  . VAL A 1 94  ? -8.950  6.034   -9.842  1.00 10.65 ? 94   VAL A CA  1 
ATOM   747  C  C   . VAL A 1 94  ? -7.533  5.447   -9.872  1.00 10.46 ? 94   VAL A C   1 
ATOM   748  O  O   . VAL A 1 94  ? -7.140  4.705   -8.974  1.00 10.28 ? 94   VAL A O   1 
ATOM   749  C  CB  . VAL A 1 94  ? -9.890  5.296   -10.833 1.00 10.68 ? 94   VAL A CB  1 
ATOM   750  C  CG1 . VAL A 1 94  ? -9.878  3.792   -10.570 1.00 10.81 ? 94   VAL A CG1 1 
ATOM   751  C  CG2 . VAL A 1 94  ? -11.317 5.826   -10.711 1.00 11.01 ? 94   VAL A CG2 1 
ATOM   752  N  N   . ARG A 1 95  ? -6.763  5.798   -10.896 1.00 10.31 ? 95   ARG A N   1 
ATOM   753  C  CA  . ARG A 1 95  ? -5.393  5.299   -11.012 1.00 9.89  ? 95   ARG A CA  1 
ATOM   754  C  C   . ARG A 1 95  ? -4.481  5.865   -9.924  1.00 9.89  ? 95   ARG A C   1 
ATOM   755  O  O   . ARG A 1 95  ? -3.519  5.216   -9.501  1.00 9.63  ? 95   ARG A O   1 
ATOM   756  C  CB  . ARG A 1 95  ? -4.841  5.583   -12.403 1.00 10.10 ? 95   ARG A CB  1 
ATOM   757  C  CG  . ARG A 1 95  ? -5.584  4.818   -13.482 1.00 9.48  ? 95   ARG A CG  1 
ATOM   758  C  CD  . ARG A 1 95  ? -4.916  5.032   -14.803 1.00 10.16 ? 95   ARG A CD  1 
ATOM   759  N  NE  . ARG A 1 95  ? -5.448  4.155   -15.841 1.00 10.32 ? 95   ARG A NE  1 
ATOM   760  C  CZ  . ARG A 1 95  ? -6.453  4.459   -16.659 1.00 11.58 ? 95   ARG A CZ  1 
ATOM   761  N  NH1 . ARG A 1 95  ? -7.082  5.630   -16.567 1.00 11.06 ? 95   ARG A NH1 1 
ATOM   762  N  NH2 . ARG A 1 95  ? -6.834  3.576   -17.574 1.00 12.12 ? 95   ARG A NH2 1 
ATOM   763  N  N   . ARG A 1 96  ? -4.789  7.071   -9.459  1.00 9.68  ? 96   ARG A N   1 
ATOM   764  C  CA  . ARG A 1 96  ? -4.074  7.634   -8.317  1.00 9.91  ? 96   ARG A CA  1 
ATOM   765  C  C   . ARG A 1 96  ? -4.217  6.733   -7.094  1.00 9.92  ? 96   ARG A C   1 
ATOM   766  O  O   . ARG A 1 96  ? -3.263  6.537   -6.341  1.00 9.82  ? 96   ARG A O   1 
ATOM   767  C  CB  . ARG A 1 96  ? -4.579  9.037   -8.007  1.00 10.09 ? 96   ARG A CB  1 
ATOM   768  C  CG  . ARG A 1 96  ? -3.921  10.095  -8.863  1.00 10.61 ? 96   ARG A CG  1 
ATOM   769  C  CD  . ARG A 1 96  ? -4.496  11.464  -8.578  1.00 11.77 ? 96   ARG A CD  1 
ATOM   770  N  NE  . ARG A 1 96  ? -3.966  12.445  -9.519  1.00 12.51 ? 96   ARG A NE  1 
ATOM   771  C  CZ  . ARG A 1 96  ? -4.413  13.691  -9.642  1.00 13.42 ? 96   ARG A CZ  1 
ATOM   772  N  NH1 . ARG A 1 96  ? -5.413  14.121  -8.884  1.00 15.39 ? 96   ARG A NH1 1 
ATOM   773  N  NH2 . ARG A 1 96  ? -3.870  14.507  -10.538 1.00 13.29 ? 96   ARG A NH2 1 
ATOM   774  N  N   . ALA A 1 97  ? -5.411  6.181   -6.914  1.00 10.22 ? 97   ALA A N   1 
ATOM   775  C  CA  . ALA A 1 97  ? -5.667  5.251   -5.826  1.00 10.02 ? 97   ALA A CA  1 
ATOM   776  C  C   . ALA A 1 97  ? -4.789  4.009   -5.987  1.00 10.11 ? 97   ALA A C   1 
ATOM   777  O  O   . ALA A 1 97  ? -4.196  3.546   -5.016  1.00 10.31 ? 97   ALA A O   1 
ATOM   778  C  CB  . ALA A 1 97  ? -7.129  4.877   -5.776  1.00 10.69 ? 97   ALA A CB  1 
ATOM   779  N  N   . ALA A 1 98  ? -4.674  3.505   -7.216  1.00 9.52  ? 98   ALA A N   1 
ATOM   780  C  CA  . ALA A 1 98  ? -3.803  2.353   -7.485  1.00 9.29  ? 98   ALA A CA  1 
ATOM   781  C  C   . ALA A 1 98  ? -2.339  2.668   -7.140  1.00 9.33  ? 98   ALA A C   1 
ATOM   782  O  O   . ALA A 1 98  ? -1.632  1.820   -6.582  1.00 9.38  ? 98   ALA A O   1 
ATOM   783  C  CB  . ALA A 1 98  ? -3.946  1.891   -8.928  1.00 9.12  ? 98   ALA A CB  1 
ATOM   784  N  N   . ALA A 1 99  ? -1.904  3.888   -7.460  1.00 9.29  ? 99   ALA A N   1 
ATOM   785  C  CA  . ALA A 1 99  ? -0.567  4.368   -7.106  1.00 9.32  ? 99   ALA A CA  1 
ATOM   786  C  C   . ALA A 1 99  ? -0.345  4.362   -5.590  1.00 9.47  ? 99   ALA A C   1 
ATOM   787  O  O   . ALA A 1 99  ? 0.690   3.899   -5.101  1.00 9.35  ? 99   ALA A O   1 
ATOM   788  C  CB  . ALA A 1 99  ? -0.344  5.765   -7.675  1.00 9.40  ? 99   ALA A CB  1 
ATOM   789  N  N   . ILE A 1 100 ? -1.324  4.878   -4.853  1.00 9.35  ? 100  ILE A N   1 
ATOM   790  C  CA  . ILE A 1 100 ? -1.234  4.933   -3.395  1.00 9.76  ? 100  ILE A CA  1 
ATOM   791  C  C   . ILE A 1 100 ? -1.153  3.516   -2.828  1.00 9.70  ? 100  ILE A C   1 
ATOM   792  O  O   . ILE A 1 100 ? -0.335  3.245   -1.941  1.00 10.01 ? 100  ILE A O   1 
ATOM   793  C  CB  . ILE A 1 100 ? -2.409  5.713   -2.784  1.00 9.89  ? 100  ILE A CB  1 
ATOM   794  C  CG1 . ILE A 1 100 ? -2.352  7.167   -3.260  1.00 10.09 ? 100  ILE A CG1 1 
ATOM   795  C  CG2 . ILE A 1 100 ? -2.355  5.656   -1.254  1.00 9.68  ? 100  ILE A CG2 1 
ATOM   796  C  CD1 . ILE A 1 100 ? -3.680  7.886   -3.238  1.00 9.22  ? 100  ILE A CD1 1 
ATOM   797  N  N   . ASN A 1 101 ? -1.978  2.624   -3.376  1.00 9.81  ? 101  ASN A N   1 
ATOM   798  C  CA  . ASN A 1 101 ? -1.989  1.220   -2.979  1.00 9.82  ? 101  ASN A CA  1 
ATOM   799  C  C   . ASN A 1 101 ? -0.590  0.594   -3.038  1.00 9.95  ? 101  ASN A C   1 
ATOM   800  O  O   . ASN A 1 101 ? -0.137  -0.026  -2.073  1.00 9.91  ? 101  ASN A O   1 
ATOM   801  C  CB  . ASN A 1 101 ? -2.961  0.435   -3.862  1.00 9.83  ? 101  ASN A CB  1 
ATOM   802  C  CG  . ASN A 1 101 ? -3.320  -0.913  -3.279  1.00 10.32 ? 101  ASN A CG  1 
ATOM   803  O  OD1 . ASN A 1 101 ? -2.444  -1.721  -2.961  1.00 10.91 ? 101  ASN A OD1 1 
ATOM   804  N  ND2 . ASN A 1 101 ? -4.617  -1.169  -3.148  1.00 10.07 ? 101  ASN A ND2 1 
HETATM 805  N  N   . MSE A 1 102 ? 0.092   0.771   -4.165  1.00 9.96  ? 102  MSE A N   1 
HETATM 806  C  CA  . MSE A 1 102 ? 1.434   0.221   -4.335  1.00 10.82 ? 102  MSE A CA  1 
HETATM 807  C  C   . MSE A 1 102 ? 2.423   0.817   -3.334  1.00 10.95 ? 102  MSE A C   1 
HETATM 808  O  O   . MSE A 1 102 ? 3.193   0.088   -2.705  1.00 11.41 ? 102  MSE A O   1 
HETATM 809  C  CB  . MSE A 1 102 ? 1.920   0.416   -5.772  1.00 10.31 ? 102  MSE A CB  1 
HETATM 810  C  CG  . MSE A 1 102 ? 1.221   -0.495  -6.763  1.00 10.14 ? 102  MSE A CG  1 
HETATM 811  SE SE  . MSE A 1 102 ? 2.031   -0.440  -8.521  1.00 12.79 ? 102  MSE A SE  1 
HETATM 812  C  CE  . MSE A 1 102 ? 3.619   -1.506  -8.190  1.00 12.36 ? 102  MSE A CE  1 
ATOM   813  N  N   . VAL A 1 103 ? 2.381   2.137   -3.174  1.00 11.37 ? 103  VAL A N   1 
ATOM   814  C  CA  . VAL A 1 103 ? 3.270   2.830   -2.238  1.00 11.57 ? 103  VAL A CA  1 
ATOM   815  C  C   . VAL A 1 103 ? 3.028   2.347   -0.807  1.00 11.63 ? 103  VAL A C   1 
ATOM   816  O  O   . VAL A 1 103 ? 3.981   2.115   -0.056  1.00 11.63 ? 103  VAL A O   1 
ATOM   817  C  CB  . VAL A 1 103 ? 3.115   4.365   -2.337  1.00 11.82 ? 103  VAL A CB  1 
ATOM   818  C  CG1 . VAL A 1 103 ? 3.855   5.064   -1.189  1.00 11.78 ? 103  VAL A CG1 1 
ATOM   819  C  CG2 . VAL A 1 103 ? 3.638   4.857   -3.682  1.00 12.25 ? 103  VAL A CG2 1 
ATOM   820  N  N   . PHE A 1 104 ? 1.753   2.168   -0.461  1.00 11.76 ? 104  PHE A N   1 
ATOM   821  C  CA  . PHE A 1 104 ? 1.338   1.632   0.837   1.00 12.11 ? 104  PHE A CA  1 
ATOM   822  C  C   . PHE A 1 104 ? 1.968   0.257   1.076   1.00 12.96 ? 104  PHE A C   1 
ATOM   823  O  O   . PHE A 1 104 ? 2.493   -0.018  2.157   1.00 12.91 ? 104  PHE A O   1 
ATOM   824  C  CB  . PHE A 1 104 ? -0.189  1.530   0.888   1.00 12.04 ? 104  PHE A CB  1 
ATOM   825  C  CG  . PHE A 1 104 ? -0.751  1.244   2.261   1.00 11.43 ? 104  PHE A CG  1 
ATOM   826  C  CD1 . PHE A 1 104 ? -0.787  -0.054  2.763   1.00 11.62 ? 104  PHE A CD1 1 
ATOM   827  C  CD2 . PHE A 1 104 ? -1.283  2.276   3.031   1.00 12.20 ? 104  PHE A CD2 1 
ATOM   828  C  CE1 . PHE A 1 104 ? -1.319  -0.319  4.029   1.00 11.68 ? 104  PHE A CE1 1 
ATOM   829  C  CE2 . PHE A 1 104 ? -1.826  2.022   4.290   1.00 12.01 ? 104  PHE A CE2 1 
ATOM   830  C  CZ  . PHE A 1 104 ? -1.843  0.726   4.791   1.00 12.40 ? 104  PHE A CZ  1 
ATOM   831  N  N   . GLN A 1 105 ? 1.918   -0.598  0.058   1.00 13.86 ? 105  GLN A N   1 
ATOM   832  C  CA  . GLN A 1 105 ? 2.401   -1.970  0.200   1.00 15.35 ? 105  GLN A CA  1 
ATOM   833  C  C   . GLN A 1 105 ? 3.926   -2.112  0.243   1.00 16.91 ? 105  GLN A C   1 
ATOM   834  O  O   . GLN A 1 105 ? 4.453   -2.918  1.014   1.00 16.34 ? 105  GLN A O   1 
ATOM   835  C  CB  . GLN A 1 105 ? 1.838   -2.860  -0.910  1.00 14.72 ? 105  GLN A CB  1 
ATOM   836  C  CG  . GLN A 1 105 ? 2.195   -4.338  -0.735  1.00 14.15 ? 105  GLN A CG  1 
ATOM   837  C  CD  . GLN A 1 105 ? 1.646   -5.218  -1.832  1.00 13.37 ? 105  GLN A CD  1 
ATOM   838  O  OE1 . GLN A 1 105 ? 0.997   -4.742  -2.758  1.00 12.12 ? 105  GLN A OE1 1 
ATOM   839  N  NE2 . GLN A 1 105 ? 1.906   -6.519  -1.732  1.00 13.18 ? 105  GLN A NE2 1 
HETATM 840  N  N   A MSE A 1 106 ? 4.628   -1.332  -0.576  0.40 17.29 ? 106  MSE A N   1 
HETATM 841  N  N   B MSE A 1 106 ? 4.619   -1.333  -0.583  0.60 18.32 ? 106  MSE A N   1 
HETATM 842  C  CA  A MSE A 1 106 ? 6.065   -1.544  -0.768  0.40 18.25 ? 106  MSE A CA  1 
HETATM 843  C  CA  B MSE A 1 106 ? 6.058   -1.506  -0.775  0.60 20.84 ? 106  MSE A CA  1 
HETATM 844  C  C   A MSE A 1 106 ? 6.964   -0.362  -0.404  0.40 19.35 ? 106  MSE A C   1 
HETATM 845  C  C   B MSE A 1 106 ? 6.888   -0.433  -0.093  0.60 20.69 ? 106  MSE A C   1 
HETATM 846  O  O   A MSE A 1 106 ? 8.191   -0.495  -0.413  0.40 19.12 ? 106  MSE A O   1 
HETATM 847  O  O   B MSE A 1 106 ? 7.974   -0.707  0.419   0.60 20.86 ? 106  MSE A O   1 
HETATM 848  C  CB  A MSE A 1 106 ? 6.348   -1.999  -2.206  0.40 18.30 ? 106  MSE A CB  1 
HETATM 849  C  CB  B MSE A 1 106 ? 6.394   -1.502  -2.265  0.60 20.59 ? 106  MSE A CB  1 
HETATM 850  C  CG  A MSE A 1 106 ? 6.178   -0.913  -3.259  0.40 17.57 ? 106  MSE A CG  1 
HETATM 851  C  CG  B MSE A 1 106 ? 5.836   -2.670  -3.052  0.60 21.95 ? 106  MSE A CG  1 
HETATM 852  SE SE  A MSE A 1 106 ? 6.394   -1.587  -5.074  0.40 17.52 ? 106  MSE A SE  1 
HETATM 853  SE SE  B MSE A 1 106 ? 5.984   -2.342  -4.949  0.60 25.68 ? 106  MSE A SE  1 
HETATM 854  C  CE  A MSE A 1 106 ? 4.820   -2.747  -5.124  0.40 17.46 ? 106  MSE A CE  1 
HETATM 855  C  CE  B MSE A 1 106 ? 5.153   -0.599  -5.060  0.60 24.83 ? 106  MSE A CE  1 
ATOM   856  N  N   . GLY A 1 107 ? 6.362   0.788   -0.097  1.00 20.70 ? 107  GLY A N   1 
ATOM   857  C  CA  . GLY A 1 107 ? 7.132   1.989   0.228   1.00 22.35 ? 107  GLY A CA  1 
ATOM   858  C  C   . GLY A 1 107 ? 7.678   2.582   -1.060  1.00 23.91 ? 107  GLY A C   1 
ATOM   859  O  O   . GLY A 1 107 ? 7.676   1.925   -2.105  1.00 23.72 ? 107  GLY A O   1 
ATOM   860  N  N   . GLU A 1 108 ? 8.153   3.822   -0.998  1.00 25.62 ? 108  GLU A N   1 
ATOM   861  C  CA  . GLU A 1 108 ? 8.774   4.459   -2.166  1.00 27.23 ? 108  GLU A CA  1 
ATOM   862  C  C   . GLU A 1 108 ? 10.023  3.720   -2.659  1.00 27.94 ? 108  GLU A C   1 
ATOM   863  O  O   . GLU A 1 108 ? 10.342  3.766   -3.851  1.00 28.48 ? 108  GLU A O   1 
ATOM   864  C  CB  . GLU A 1 108 ? 9.120   5.912   -1.863  1.00 27.45 ? 108  GLU A CB  1 
ATOM   865  C  CG  . GLU A 1 108 ? 7.922   6.830   -1.801  1.00 29.00 ? 108  GLU A CG  1 
ATOM   866  C  CD  . GLU A 1 108 ? 8.268   8.156   -1.178  1.00 30.64 ? 108  GLU A CD  1 
ATOM   867  O  OE1 . GLU A 1 108 ? 9.251   8.789   -1.627  1.00 30.66 ? 108  GLU A OE1 1 
ATOM   868  O  OE2 . GLU A 1 108 ? 7.560   8.558   -0.232  1.00 32.26 ? 108  GLU A OE2 1 
ATOM   869  N  N   . THR A 1 109 ? 10.715  3.046   -1.737  1.00 28.45 ? 109  THR A N   1 
ATOM   870  C  CA  . THR A 1 109 ? 11.906  2.249   -2.051  1.00 28.99 ? 109  THR A CA  1 
ATOM   871  C  C   . THR A 1 109 ? 11.537  1.030   -2.895  1.00 28.77 ? 109  THR A C   1 
ATOM   872  O  O   . THR A 1 109 ? 12.268  0.659   -3.819  1.00 29.16 ? 109  THR A O   1 
ATOM   873  C  CB  . THR A 1 109 ? 12.644  1.801   -0.762  1.00 29.12 ? 109  THR A CB  1 
ATOM   874  O  OG1 . THR A 1 109 ? 12.949  2.951   0.037   1.00 30.28 ? 109  THR A OG1 1 
ATOM   875  C  CG2 . THR A 1 109 ? 13.943  1.052   -1.084  1.00 29.65 ? 109  THR A CG2 1 
ATOM   876  N  N   . GLY A 1 110 ? 10.398  0.417   -2.573  1.00 28.42 ? 110  GLY A N   1 
ATOM   877  C  CA  . GLY A 1 110 ? 9.847   -0.667  -3.380  1.00 27.50 ? 110  GLY A CA  1 
ATOM   878  C  C   . GLY A 1 110 ? 9.414   -0.173  -4.748  1.00 26.93 ? 110  GLY A C   1 
ATOM   879  O  O   . GLY A 1 110 ? 9.530   -0.893  -5.742  1.00 26.93 ? 110  GLY A O   1 
ATOM   880  N  N   . VAL A 1 111 ? 8.916   1.064   -4.797  1.00 26.10 ? 111  VAL A N   1 
ATOM   881  C  CA  . VAL A 1 111 ? 8.454   1.680   -6.045  1.00 25.09 ? 111  VAL A CA  1 
ATOM   882  C  C   . VAL A 1 111 ? 9.618   2.081   -6.968  1.00 24.48 ? 111  VAL A C   1 
ATOM   883  O  O   . VAL A 1 111 ? 9.444   2.165   -8.185  1.00 24.06 ? 111  VAL A O   1 
ATOM   884  C  CB  . VAL A 1 111 ? 7.521   2.896   -5.764  1.00 25.33 ? 111  VAL A CB  1 
ATOM   885  C  CG1 . VAL A 1 111 ? 7.169   3.642   -7.041  1.00 25.08 ? 111  VAL A CG1 1 
ATOM   886  C  CG2 . VAL A 1 111 ? 6.256   2.441   -5.062  1.00 25.17 ? 111  VAL A CG2 1 
ATOM   887  N  N   . ALA A 1 112 ? 10.797  2.313   -6.389  1.00 23.77 ? 112  ALA A N   1 
ATOM   888  C  CA  . ALA A 1 112 ? 11.987  2.689   -7.162  1.00 23.06 ? 112  ALA A CA  1 
ATOM   889  C  C   . ALA A 1 112 ? 12.266  1.753   -8.348  1.00 22.30 ? 112  ALA A C   1 
ATOM   890  O  O   . ALA A 1 112 ? 12.702  2.198   -9.409  1.00 22.26 ? 112  ALA A O   1 
ATOM   891  C  CB  . ALA A 1 112 ? 13.209  2.780   -6.251  1.00 23.30 ? 112  ALA A CB  1 
ATOM   892  N  N   . GLY A 1 113 ? 11.997  0.462   -8.165  1.00 21.44 ? 113  GLY A N   1 
ATOM   893  C  CA  . GLY A 1 113 ? 12.233  -0.531  -9.212  1.00 20.23 ? 113  GLY A CA  1 
ATOM   894  C  C   . GLY A 1 113 ? 11.213  -0.508  -10.340 1.00 19.40 ? 113  GLY A C   1 
ATOM   895  O  O   . GLY A 1 113 ? 11.375  -1.203  -11.341 1.00 19.33 ? 113  GLY A O   1 
ATOM   896  N  N   . PHE A 1 114 ? 10.162  0.296   -10.185 1.00 18.44 ? 114  PHE A N   1 
ATOM   897  C  CA  . PHE A 1 114 ? 9.087   0.354   -11.174 1.00 17.59 ? 114  PHE A CA  1 
ATOM   898  C  C   . PHE A 1 114 ? 9.212   1.508   -12.168 1.00 17.30 ? 114  PHE A C   1 
ATOM   899  O  O   . PHE A 1 114 ? 8.252   1.836   -12.871 1.00 16.66 ? 114  PHE A O   1 
ATOM   900  C  CB  . PHE A 1 114 ? 7.723   0.362   -10.480 1.00 17.72 ? 114  PHE A CB  1 
ATOM   901  C  CG  . PHE A 1 114 ? 7.339   -0.971  -9.919  1.00 17.37 ? 114  PHE A CG  1 
ATOM   902  C  CD1 . PHE A 1 114 ? 7.705   -1.329  -8.624  1.00 18.11 ? 114  PHE A CD1 1 
ATOM   903  C  CD2 . PHE A 1 114 ? 6.628   -1.882  -10.692 1.00 17.18 ? 114  PHE A CD2 1 
ATOM   904  C  CE1 . PHE A 1 114 ? 7.362   -2.575  -8.116  1.00 17.77 ? 114  PHE A CE1 1 
ATOM   905  C  CE2 . PHE A 1 114 ? 6.284   -3.129  -10.188 1.00 17.32 ? 114  PHE A CE2 1 
ATOM   906  C  CZ  . PHE A 1 114 ? 6.649   -3.472  -8.897  1.00 18.07 ? 114  PHE A CZ  1 
ATOM   907  N  N   . THR A 1 115 ? 10.405  2.091   -12.244 1.00 16.88 ? 115  THR A N   1 
ATOM   908  C  CA  . THR A 1 115 ? 10.682  3.219   -13.140 1.00 16.77 ? 115  THR A CA  1 
ATOM   909  C  C   . THR A 1 115 ? 10.089  3.059   -14.549 1.00 16.26 ? 115  THR A C   1 
ATOM   910  O  O   . THR A 1 115 ? 9.466   3.986   -15.077 1.00 16.12 ? 115  THR A O   1 
ATOM   911  C  CB  . THR A 1 115 ? 12.206  3.493   -13.229 1.00 17.03 ? 115  THR A CB  1 
ATOM   912  O  OG1 . THR A 1 115 ? 12.714  3.744   -11.915 1.00 18.37 ? 115  THR A OG1 1 
ATOM   913  C  CG2 . THR A 1 115 ? 12.498  4.703   -14.112 1.00 17.77 ? 115  THR A CG2 1 
ATOM   914  N  N   . ASN A 1 116 ? 10.274  1.886   -15.148 1.00 15.38 ? 116  ASN A N   1 
ATOM   915  C  CA  . ASN A 1 116 ? 9.778   1.641   -16.496 1.00 15.09 ? 116  ASN A CA  1 
ATOM   916  C  C   . ASN A 1 116 ? 8.252   1.592   -16.588 1.00 14.59 ? 116  ASN A C   1 
ATOM   917  O  O   . ASN A 1 116 ? 7.672   2.093   -17.551 1.00 14.32 ? 116  ASN A O   1 
ATOM   918  C  CB  . ASN A 1 116 ? 10.412  0.377   -17.083 1.00 15.33 ? 116  ASN A CB  1 
ATOM   919  C  CG  . ASN A 1 116 ? 11.931  0.462   -17.134 1.00 16.07 ? 116  ASN A CG  1 
ATOM   920  O  OD1 . ASN A 1 116 ? 12.501  1.553   -17.245 1.00 18.21 ? 116  ASN A OD1 1 
ATOM   921  N  ND2 . ASN A 1 116 ? 12.595  -0.686  -17.047 1.00 15.61 ? 116  ASN A ND2 1 
ATOM   922  N  N   . SER A 1 117 ? 7.616   0.991   -15.582 1.00 14.16 ? 117  SER A N   1 
ATOM   923  C  CA  . SER A 1 117 ? 6.152   0.980   -15.482 1.00 14.07 ? 117  SER A CA  1 
ATOM   924  C  C   . SER A 1 117 ? 5.613   2.397   -15.317 1.00 13.84 ? 117  SER A C   1 
ATOM   925  O  O   . SER A 1 117 ? 4.608   2.758   -15.923 1.00 13.65 ? 117  SER A O   1 
ATOM   926  C  CB  . SER A 1 117 ? 5.686   0.144   -14.291 1.00 14.00 ? 117  SER A CB  1 
ATOM   927  O  OG  . SER A 1 117 ? 6.154   -1.190  -14.367 1.00 16.31 ? 117  SER A OG  1 
ATOM   928  N  N   . LEU A 1 118 ? 6.285   3.185   -14.478 1.00 13.76 ? 118  LEU A N   1 
ATOM   929  C  CA  . LEU A 1 118 ? 5.883   4.568   -14.213 1.00 14.15 ? 118  LEU A CA  1 
ATOM   930  C  C   . LEU A 1 118 ? 5.883   5.415   -15.476 1.00 13.99 ? 118  LEU A C   1 
ATOM   931  O  O   . LEU A 1 118 ? 4.985   6.235   -15.682 1.00 13.50 ? 118  LEU A O   1 
ATOM   932  C  CB  . LEU A 1 118 ? 6.820   5.210   -13.189 1.00 14.28 ? 118  LEU A CB  1 
ATOM   933  C  CG  . LEU A 1 118 ? 6.857   4.590   -11.797 1.00 16.16 ? 118  LEU A CG  1 
ATOM   934  C  CD1 . LEU A 1 118 ? 8.057   5.110   -11.021 1.00 17.65 ? 118  LEU A CD1 1 
ATOM   935  C  CD2 . LEU A 1 118 ? 5.581   4.898   -11.077 1.00 16.44 ? 118  LEU A CD2 1 
ATOM   936  N  N   . ARG A 1 119 ? 6.902   5.214   -16.306 1.00 14.05 ? 119  ARG A N   1 
ATOM   937  C  CA  . ARG A 1 119 ? 7.035   5.940   -17.561 1.00 14.50 ? 119  ARG A CA  1 
ATOM   938  C  C   . ARG A 1 119 ? 5.841   5.628   -18.455 1.00 14.17 ? 119  ARG A C   1 
ATOM   939  O  O   . ARG A 1 119 ? 5.217   6.534   -19.002 1.00 13.91 ? 119  ARG A O   1 
ATOM   940  C  CB  . ARG A 1 119 ? 8.342   5.560   -18.251 1.00 14.85 ? 119  ARG A CB  1 
ATOM   941  C  CG  . ARG A 1 119 ? 8.705   6.432   -19.438 1.00 17.14 ? 119  ARG A CG  1 
ATOM   942  C  CD  . ARG A 1 119 ? 10.070  6.056   -19.997 1.00 20.75 ? 119  ARG A CD  1 
ATOM   943  N  NE  . ARG A 1 119 ? 11.146  6.215   -19.012 1.00 23.45 ? 119  ARG A NE  1 
ATOM   944  C  CZ  . ARG A 1 119 ? 11.787  5.211   -18.416 1.00 24.30 ? 119  ARG A CZ  1 
ATOM   945  N  NH1 . ARG A 1 119 ? 11.479  3.950   -18.696 1.00 23.88 ? 119  ARG A NH1 1 
ATOM   946  N  NH2 . ARG A 1 119 ? 12.748  5.473   -17.539 1.00 25.77 ? 119  ARG A NH2 1 
HETATM 947  N  N   . MSE A 1 120 ? 5.509   4.344   -18.571 1.00 13.88 ? 120  MSE A N   1 
HETATM 948  C  CA  . MSE A 1 120 ? 4.367   3.920   -19.377 1.00 14.27 ? 120  MSE A CA  1 
HETATM 949  C  C   . MSE A 1 120 ? 3.051   4.445   -18.816 1.00 13.41 ? 120  MSE A C   1 
HETATM 950  O  O   . MSE A 1 120 ? 2.154   4.808   -19.579 1.00 13.24 ? 120  MSE A O   1 
HETATM 951  C  CB  . MSE A 1 120 ? 4.329   2.403   -19.515 1.00 14.25 ? 120  MSE A CB  1 
HETATM 952  C  CG  . MSE A 1 120 ? 5.561   1.858   -20.185 1.00 15.62 ? 120  MSE A CG  1 
HETATM 953  SE SE  . MSE A 1 120 ? 5.442   -0.063  -20.265 1.00 17.30 ? 120  MSE A SE  1 
HETATM 954  C  CE  . MSE A 1 120 ? 7.343   -0.497  -20.283 1.00 16.83 ? 120  MSE A CE  1 
ATOM   955  N  N   . LEU A 1 121 ? 2.947   4.500   -17.488 1.00 12.78 ? 121  LEU A N   1 
ATOM   956  C  CA  . LEU A 1 121 ? 1.775   5.088   -16.843 1.00 12.38 ? 121  LEU A CA  1 
ATOM   957  C  C   . LEU A 1 121 ? 1.633   6.571   -17.191 1.00 12.60 ? 121  LEU A C   1 
ATOM   958  O  O   . LEU A 1 121 ? 0.540   7.011   -17.540 1.00 12.22 ? 121  LEU A O   1 
ATOM   959  C  CB  . LEU A 1 121 ? 1.797   4.873   -15.323 1.00 12.21 ? 121  LEU A CB  1 
ATOM   960  C  CG  . LEU A 1 121 ? 1.564   3.441   -14.818 1.00 11.37 ? 121  LEU A CG  1 
ATOM   961  C  CD1 . LEU A 1 121 ? 1.758   3.392   -13.308 1.00 11.55 ? 121  LEU A CD1 1 
ATOM   962  C  CD2 . LEU A 1 121 ? 0.178   2.917   -15.186 1.00 11.83 ? 121  LEU A CD2 1 
ATOM   963  N  N   . GLN A 1 122 ? 2.728   7.330   -17.116 1.00 12.88 ? 122  GLN A N   1 
ATOM   964  C  CA  . GLN A 1 122 ? 2.672   8.755   -17.488 1.00 13.66 ? 122  GLN A CA  1 
ATOM   965  C  C   . GLN A 1 122 ? 2.308   8.940   -18.968 1.00 13.47 ? 122  GLN A C   1 
ATOM   966  O  O   . GLN A 1 122 ? 1.620   9.899   -19.338 1.00 13.72 ? 122  GLN A O   1 
ATOM   967  C  CB  . GLN A 1 122 ? 3.971   9.497   -17.148 1.00 14.04 ? 122  GLN A CB  1 
ATOM   968  C  CG  . GLN A 1 122 ? 3.828   11.016  -17.320 1.00 16.69 ? 122  GLN A CG  1 
ATOM   969  C  CD  . GLN A 1 122 ? 4.871   11.831  -16.579 1.00 20.71 ? 122  GLN A CD  1 
ATOM   970  O  OE1 . GLN A 1 122 ? 5.676   11.296  -15.817 1.00 23.45 ? 122  GLN A OE1 1 
ATOM   971  N  NE2 . GLN A 1 122 ? 4.858   13.144  -16.803 1.00 22.18 ? 122  GLN A NE2 1 
ATOM   972  N  N   . GLN A 1 123 ? 2.752   7.999   -19.796 1.00 13.38 ? 123  GLN A N   1 
ATOM   973  C  CA  . GLN A 1 123 ? 2.454   7.995   -21.230 1.00 13.45 ? 123  GLN A CA  1 
ATOM   974  C  C   . GLN A 1 123 ? 1.020   7.552   -21.532 1.00 12.85 ? 123  GLN A C   1 
ATOM   975  O  O   . GLN A 1 123 ? 0.558   7.644   -22.676 1.00 13.14 ? 123  GLN A O   1 
ATOM   976  C  CB  . GLN A 1 123 ? 3.433   7.070   -21.952 1.00 13.95 ? 123  GLN A CB  1 
ATOM   977  C  CG  . GLN A 1 123 ? 4.863   7.571   -21.997 1.00 15.83 ? 123  GLN A CG  1 
ATOM   978  C  CD  . GLN A 1 123 ? 5.805   6.566   -22.638 1.00 18.43 ? 123  GLN A CD  1 
ATOM   979  O  OE1 . GLN A 1 123 ? 6.526   6.892   -23.579 1.00 21.68 ? 123  GLN A OE1 1 
ATOM   980  N  NE2 . GLN A 1 123 ? 5.796   5.338   -22.136 1.00 19.10 ? 123  GLN A NE2 1 
ATOM   981  N  N   . LYS A 1 124 ? 0.329   7.058   -20.501 1.00 12.15 ? 124  LYS A N   1 
ATOM   982  C  CA  . LYS A 1 124 ? -1.023  6.501   -20.621 1.00 11.64 ? 124  LYS A CA  1 
ATOM   983  C  C   . LYS A 1 124 ? -1.078  5.314   -21.586 1.00 11.59 ? 124  LYS A C   1 
ATOM   984  O  O   . LYS A 1 124 ? -2.081  5.094   -22.272 1.00 11.40 ? 124  LYS A O   1 
ATOM   985  C  CB  . LYS A 1 124 ? -2.063  7.584   -20.972 1.00 11.77 ? 124  LYS A CB  1 
ATOM   986  C  CG  . LYS A 1 124 ? -2.052  8.757   -20.002 1.00 11.65 ? 124  LYS A CG  1 
ATOM   987  C  CD  . LYS A 1 124 ? -3.313  9.601   -20.114 1.00 11.53 ? 124  LYS A CD  1 
ATOM   988  C  CE  . LYS A 1 124 ? -3.285  10.743  -19.101 1.00 12.04 ? 124  LYS A CE  1 
ATOM   989  N  NZ  . LYS A 1 124 ? -3.307  10.253  -17.693 1.00 11.44 ? 124  LYS A NZ  1 
ATOM   990  N  N   . ARG A 1 125 ? 0.022   4.563   -21.626 1.00 11.46 ? 125  ARG A N   1 
ATOM   991  C  CA  A ARG A 1 125 ? 0.073   3.311   -22.368 0.60 11.71 ? 125  ARG A CA  1 
ATOM   992  C  CA  B ARG A 1 125 ? 0.085   3.307   -22.371 0.40 11.72 ? 125  ARG A CA  1 
ATOM   993  C  C   . ARG A 1 125 ? -0.368  2.197   -21.426 1.00 11.64 ? 125  ARG A C   1 
ATOM   994  O  O   . ARG A 1 125 ? 0.449   1.433   -20.908 1.00 11.84 ? 125  ARG A O   1 
ATOM   995  C  CB  A ARG A 1 125 ? 1.477   3.081   -22.931 0.60 11.90 ? 125  ARG A CB  1 
ATOM   996  C  CB  B ARG A 1 125 ? 1.506   3.040   -22.887 0.40 11.85 ? 125  ARG A CB  1 
ATOM   997  C  CG  A ARG A 1 125 ? 1.858   4.141   -23.958 0.60 12.48 ? 125  ARG A CG  1 
ATOM   998  C  CG  B ARG A 1 125 ? 2.051   4.106   -23.843 0.40 12.48 ? 125  ARG A CG  1 
ATOM   999  C  CD  A ARG A 1 125 ? 3.293   4.043   -24.423 0.60 14.59 ? 125  ARG A CD  1 
ATOM   1000 C  CD  B ARG A 1 125 ? 3.216   3.581   -24.683 0.40 14.33 ? 125  ARG A CD  1 
ATOM   1001 N  NE  A ARG A 1 125 ? 3.543   5.015   -25.488 0.60 16.55 ? 125  ARG A NE  1 
ATOM   1002 N  NE  B ARG A 1 125 ? 4.408   3.294   -23.889 0.40 16.13 ? 125  ARG A NE  1 
ATOM   1003 C  CZ  A ARG A 1 125 ? 4.638   5.052   -26.243 0.60 17.62 ? 125  ARG A CZ  1 
ATOM   1004 C  CZ  B ARG A 1 125 ? 5.452   2.581   -24.311 0.40 16.99 ? 125  ARG A CZ  1 
ATOM   1005 N  NH1 A ARG A 1 125 ? 5.611   4.168   -26.064 0.60 18.57 ? 125  ARG A NH1 1 
ATOM   1006 N  NH1 B ARG A 1 125 ? 5.473   2.058   -25.532 0.40 17.48 ? 125  ARG A NH1 1 
ATOM   1007 N  NH2 A ARG A 1 125 ? 4.759   5.980   -27.184 0.60 17.50 ? 125  ARG A NH2 1 
ATOM   1008 N  NH2 B ARG A 1 125 ? 6.483   2.384   -23.502 0.40 17.68 ? 125  ARG A NH2 1 
ATOM   1009 N  N   . TRP A 1 126 ? -1.679  2.129   -21.209 1.00 11.65 ? 126  TRP A N   1 
ATOM   1010 C  CA  . TRP A 1 126 ? -2.255  1.325   -20.126 1.00 11.46 ? 126  TRP A CA  1 
ATOM   1011 C  C   . TRP A 1 126 ? -2.020  -0.172  -20.212 1.00 11.57 ? 126  TRP A C   1 
ATOM   1012 O  O   . TRP A 1 126 ? -1.670  -0.796  -19.211 1.00 11.48 ? 126  TRP A O   1 
ATOM   1013 C  CB  . TRP A 1 126 ? -3.753  1.600   -19.974 1.00 11.55 ? 126  TRP A CB  1 
ATOM   1014 C  CG  . TRP A 1 126 ? -4.113  3.051   -19.788 1.00 11.45 ? 126  TRP A CG  1 
ATOM   1015 C  CD1 . TRP A 1 126 ? -5.049  3.752   -20.496 1.00 11.48 ? 126  TRP A CD1 1 
ATOM   1016 C  CD2 . TRP A 1 126 ? -3.559  3.974   -18.835 1.00 11.46 ? 126  TRP A CD2 1 
ATOM   1017 N  NE1 . TRP A 1 126 ? -5.117  5.046   -20.045 1.00 10.89 ? 126  TRP A NE1 1 
ATOM   1018 C  CE2 . TRP A 1 126 ? -4.210  5.214   -19.031 1.00 11.55 ? 126  TRP A CE2 1 
ATOM   1019 C  CE3 . TRP A 1 126 ? -2.568  3.879   -17.844 1.00 11.68 ? 126  TRP A CE3 1 
ATOM   1020 C  CZ2 . TRP A 1 126 ? -3.915  6.346   -18.265 1.00 11.85 ? 126  TRP A CZ2 1 
ATOM   1021 C  CZ3 . TRP A 1 126 ? -2.270  5.009   -17.084 1.00 11.48 ? 126  TRP A CZ3 1 
ATOM   1022 C  CH2 . TRP A 1 126 ? -2.940  6.228   -17.304 1.00 11.79 ? 126  TRP A CH2 1 
ATOM   1023 N  N   . ASP A 1 127 ? -2.229  -0.754  -21.388 1.00 11.64 ? 127  ASP A N   1 
ATOM   1024 C  CA  . ASP A 1 127 ? -2.017  -2.192  -21.546 1.00 11.81 ? 127  ASP A CA  1 
ATOM   1025 C  C   . ASP A 1 127 ? -0.544  -2.558  -21.387 1.00 11.67 ? 127  ASP A C   1 
ATOM   1026 O  O   . ASP A 1 127 ? -0.211  -3.548  -20.728 1.00 11.61 ? 127  ASP A O   1 
ATOM   1027 C  CB  . ASP A 1 127 ? -2.571  -2.683  -22.883 1.00 11.85 ? 127  ASP A CB  1 
ATOM   1028 C  CG  . ASP A 1 127 ? -4.070  -2.915  -22.842 1.00 12.72 ? 127  ASP A CG  1 
ATOM   1029 O  OD1 . ASP A 1 127 ? -4.764  -2.249  -22.045 1.00 13.55 ? 127  ASP A OD1 1 
ATOM   1030 O  OD2 . ASP A 1 127 ? -4.556  -3.764  -23.614 1.00 14.25 ? 127  ASP A OD2 1 
ATOM   1031 N  N   . GLU A 1 128 ? 0.328   -1.748  -21.977 1.00 11.57 ? 128  GLU A N   1 
ATOM   1032 C  CA  . GLU A 1 128 ? 1.769   -1.930  -21.848 1.00 11.93 ? 128  GLU A CA  1 
ATOM   1033 C  C   . GLU A 1 128 ? 2.236   -1.781  -20.399 1.00 11.34 ? 128  GLU A C   1 
ATOM   1034 O  O   . GLU A 1 128 ? 3.002   -2.611  -19.895 1.00 11.22 ? 128  GLU A O   1 
ATOM   1035 C  CB  . GLU A 1 128 ? 2.507   -0.953  -22.769 1.00 12.42 ? 128  GLU A CB  1 
ATOM   1036 C  CG  . GLU A 1 128 ? 2.460   -1.363  -24.230 1.00 14.35 ? 128  GLU A CG  1 
ATOM   1037 C  CD  . GLU A 1 128 ? 2.884   -0.254  -25.165 1.00 17.77 ? 128  GLU A CD  1 
ATOM   1038 O  OE1 . GLU A 1 128 ? 4.008   -0.335  -25.697 1.00 19.51 ? 128  GLU A OE1 1 
ATOM   1039 O  OE2 . GLU A 1 128 ? 2.096   0.697   -25.366 1.00 19.10 ? 128  GLU A OE2 1 
ATOM   1040 N  N   . ALA A 1 129 ? 1.754   -0.735  -19.730 1.00 10.93 ? 129  ALA A N   1 
ATOM   1041 C  CA  . ALA A 1 129 ? 2.045   -0.514  -18.316 1.00 10.79 ? 129  ALA A CA  1 
ATOM   1042 C  C   . ALA A 1 129 ? 1.663   -1.736  -17.498 1.00 10.55 ? 129  ALA A C   1 
ATOM   1043 O  O   . ALA A 1 129 ? 2.451   -2.212  -16.685 1.00 10.55 ? 129  ALA A O   1 
ATOM   1044 C  CB  . ALA A 1 129 ? 1.306   0.712   -17.805 1.00 10.66 ? 129  ALA A CB  1 
ATOM   1045 N  N   . ALA A 1 130 ? 0.461   -2.248  -17.751 1.00 10.48 ? 130  ALA A N   1 
ATOM   1046 C  CA  . ALA A 1 130 ? -0.073  -3.411  -17.054 1.00 10.56 ? 130  ALA A CA  1 
ATOM   1047 C  C   . ALA A 1 130 ? 0.832   -4.629  -17.228 1.00 10.92 ? 130  ALA A C   1 
ATOM   1048 O  O   . ALA A 1 130 ? 1.155   -5.308  -16.256 1.00 10.97 ? 130  ALA A O   1 
ATOM   1049 C  CB  . ALA A 1 130 ? -1.490  -3.716  -17.535 1.00 10.77 ? 130  ALA A CB  1 
ATOM   1050 N  N   . VAL A 1 131 ? 1.247   -4.887  -18.467 1.00 10.81 ? 131  VAL A N   1 
ATOM   1051 C  CA  . VAL A 1 131 ? 2.166   -5.984  -18.769 1.00 11.07 ? 131  VAL A CA  1 
ATOM   1052 C  C   . VAL A 1 131 ? 3.480   -5.807  -18.016 1.00 10.93 ? 131  VAL A C   1 
ATOM   1053 O  O   . VAL A 1 131 ? 3.992   -6.753  -17.410 1.00 11.41 ? 131  VAL A O   1 
ATOM   1054 C  CB  . VAL A 1 131 ? 2.436   -6.093  -20.293 1.00 10.86 ? 131  VAL A CB  1 
ATOM   1055 C  CG1 . VAL A 1 131 ? 3.655   -6.983  -20.581 1.00 11.83 ? 131  VAL A CG1 1 
ATOM   1056 C  CG2 . VAL A 1 131 ? 1.200   -6.620  -21.002 1.00 11.32 ? 131  VAL A CG2 1 
ATOM   1057 N  N   . ASN A 1 132 ? 4.015   -4.589  -18.050 1.00 10.76 ? 132  ASN A N   1 
ATOM   1058 C  CA  . ASN A 1 132 ? 5.285   -4.308  -17.390 1.00 10.88 ? 132  ASN A CA  1 
ATOM   1059 C  C   . ASN A 1 132 ? 5.203   -4.429  -15.868 1.00 10.81 ? 132  ASN A C   1 
ATOM   1060 O  O   . ASN A 1 132 ? 6.136   -4.922  -15.232 1.00 10.63 ? 132  ASN A O   1 
ATOM   1061 C  CB  . ASN A 1 132 ? 5.804   -2.932  -17.782 1.00 11.13 ? 132  ASN A CB  1 
ATOM   1062 C  CG  . ASN A 1 132 ? 7.214   -2.702  -17.314 1.00 11.46 ? 132  ASN A CG  1 
ATOM   1063 O  OD1 . ASN A 1 132 ? 7.442   -2.039  -16.304 1.00 13.26 ? 132  ASN A OD1 1 
ATOM   1064 N  ND2 . ASN A 1 132 ? 8.175   -3.276  -18.027 1.00 12.25 ? 132  ASN A ND2 1 
ATOM   1065 N  N   . LEU A 1 133 ? 4.091   -3.970  -15.291 1.00 10.54 ? 133  LEU A N   1 
ATOM   1066 C  CA  . LEU A 1 133 ? 3.886   -4.055  -13.841 1.00 10.52 ? 133  LEU A CA  1 
ATOM   1067 C  C   . LEU A 1 133 ? 3.955   -5.495  -13.333 1.00 10.57 ? 133  LEU A C   1 
ATOM   1068 O  O   . LEU A 1 133 ? 4.455   -5.742  -12.235 1.00 10.85 ? 133  LEU A O   1 
ATOM   1069 C  CB  . LEU A 1 133 ? 2.546   -3.422  -13.437 1.00 10.31 ? 133  LEU A CB  1 
ATOM   1070 C  CG  . LEU A 1 133 ? 2.513   -1.888  -13.379 1.00 10.38 ? 133  LEU A CG  1 
ATOM   1071 C  CD1 . LEU A 1 133 ? 1.077   -1.384  -13.394 1.00 9.43  ? 133  LEU A CD1 1 
ATOM   1072 C  CD2 . LEU A 1 133 ? 3.272   -1.349  -12.164 1.00 10.96 ? 133  LEU A CD2 1 
ATOM   1073 N  N   . ALA A 1 134 ? 3.459   -6.432  -14.140 1.00 10.28 ? 134  ALA A N   1 
ATOM   1074 C  CA  . ALA A 1 134 ? 3.385   -7.838  -13.743 1.00 10.44 ? 134  ALA A CA  1 
ATOM   1075 C  C   . ALA A 1 134 ? 4.741   -8.544  -13.775 1.00 10.56 ? 134  ALA A C   1 
ATOM   1076 O  O   . ALA A 1 134 ? 4.889   -9.634  -13.219 1.00 10.80 ? 134  ALA A O   1 
ATOM   1077 C  CB  . ALA A 1 134 ? 2.363   -8.580  -14.592 1.00 10.28 ? 134  ALA A CB  1 
ATOM   1078 N  N   . LYS A 1 135 ? 5.722   -7.919  -14.428 1.00 10.40 ? 135  LYS A N   1 
ATOM   1079 C  CA  . LYS A 1 135 ? 7.076   -8.456  -14.499 1.00 10.60 ? 135  LYS A CA  1 
ATOM   1080 C  C   . LYS A 1 135 ? 7.852   -8.000  -13.270 1.00 10.07 ? 135  LYS A C   1 
ATOM   1081 O  O   . LYS A 1 135 ? 8.781   -7.200  -13.356 1.00 10.65 ? 135  LYS A O   1 
ATOM   1082 C  CB  . LYS A 1 135 ? 7.763   -8.004  -15.791 1.00 10.50 ? 135  LYS A CB  1 
ATOM   1083 C  CG  . LYS A 1 135 ? 7.087   -8.521  -17.050 1.00 11.87 ? 135  LYS A CG  1 
ATOM   1084 C  CD  . LYS A 1 135 ? 7.723   -7.941  -18.300 1.00 14.02 ? 135  LYS A CD  1 
ATOM   1085 C  CE  . LYS A 1 135 ? 7.032   -8.466  -19.545 1.00 15.56 ? 135  LYS A CE  1 
ATOM   1086 N  NZ  . LYS A 1 135 ? 7.521   -7.782  -20.783 1.00 15.90 ? 135  LYS A NZ  1 
ATOM   1087 N  N   . SER A 1 136 ? 7.455   -8.514  -12.112 1.00 10.02 ? 136  SER A N   1 
ATOM   1088 C  CA  . SER A 1 136 ? 7.963   -7.999  -10.852 1.00 9.87  ? 136  SER A CA  1 
ATOM   1089 C  C   . SER A 1 136 ? 7.871   -9.045  -9.754  1.00 9.65  ? 136  SER A C   1 
ATOM   1090 O  O   . SER A 1 136 ? 6.985   -9.902  -9.772  1.00 9.12  ? 136  SER A O   1 
ATOM   1091 C  CB  . SER A 1 136 ? 7.150   -6.773  -10.425 1.00 10.03 ? 136  SER A CB  1 
ATOM   1092 O  OG  . SER A 1 136 ? 5.776   -7.105  -10.254 1.00 10.52 ? 136  SER A OG  1 
ATOM   1093 N  N   . ARG A 1 137 ? 8.779   -8.955  -8.786  1.00 9.78  ? 137  ARG A N   1 
ATOM   1094 C  CA  . ARG A 1 137 ? 8.662   -9.767  -7.582  1.00 10.17 ? 137  ARG A CA  1 
ATOM   1095 C  C   . ARG A 1 137 ? 7.291   -9.540  -6.942  1.00 10.22 ? 137  ARG A C   1 
ATOM   1096 O  O   . ARG A 1 137 ? 6.629   -10.488 -6.511  1.00 10.19 ? 137  ARG A O   1 
ATOM   1097 C  CB  . ARG A 1 137 ? 9.776   -9.432  -6.591  1.00 10.14 ? 137  ARG A CB  1 
ATOM   1098 C  CG  . ARG A 1 137 ? 9.616   -10.174 -5.280  1.00 10.97 ? 137  ARG A CG  1 
ATOM   1099 C  CD  . ARG A 1 137 ? 10.755  -9.936  -4.321  1.00 11.56 ? 137  ARG A CD  1 
ATOM   1100 N  NE  . ARG A 1 137 ? 10.643  -10.843 -3.183  1.00 11.79 ? 137  ARG A NE  1 
ATOM   1101 C  CZ  . ARG A 1 137 ? 9.820   -10.663 -2.152  1.00 12.51 ? 137  ARG A CZ  1 
ATOM   1102 N  NH1 . ARG A 1 137 ? 9.023   -9.601  -2.094  1.00 12.40 ? 137  ARG A NH1 1 
ATOM   1103 N  NH2 . ARG A 1 137 ? 9.793   -11.555 -1.172  1.00 12.83 ? 137  ARG A NH2 1 
ATOM   1104 N  N   . TRP A 1 138 ? 6.870   -8.276  -6.898  1.00 10.35 ? 138  TRP A N   1 
ATOM   1105 C  CA  . TRP A 1 138 ? 5.572   -7.894  -6.341  1.00 10.33 ? 138  TRP A CA  1 
ATOM   1106 C  C   . TRP A 1 138 ? 4.442   -8.776  -6.863  1.00 10.47 ? 138  TRP A C   1 
ATOM   1107 O  O   . TRP A 1 138 ? 3.698   -9.384  -6.087  1.00 10.33 ? 138  TRP A O   1 
ATOM   1108 C  CB  . TRP A 1 138 ? 5.294   -6.435  -6.693  1.00 10.71 ? 138  TRP A CB  1 
ATOM   1109 C  CG  . TRP A 1 138 ? 3.898   -5.959  -6.417  1.00 10.74 ? 138  TRP A CG  1 
ATOM   1110 C  CD1 . TRP A 1 138 ? 3.248   -5.966  -5.217  1.00 11.19 ? 138  TRP A CD1 1 
ATOM   1111 C  CD2 . TRP A 1 138 ? 2.997   -5.362  -7.361  1.00 10.49 ? 138  TRP A CD2 1 
ATOM   1112 N  NE1 . TRP A 1 138 ? 1.992   -5.422  -5.354  1.00 10.71 ? 138  TRP A NE1 1 
ATOM   1113 C  CE2 . TRP A 1 138 ? 1.813   -5.042  -6.660  1.00 10.78 ? 138  TRP A CE2 1 
ATOM   1114 C  CE3 . TRP A 1 138 ? 3.075   -5.075  -8.734  1.00 10.34 ? 138  TRP A CE3 1 
ATOM   1115 C  CZ2 . TRP A 1 138 ? 0.714   -4.442  -7.282  1.00 11.45 ? 138  TRP A CZ2 1 
ATOM   1116 C  CZ3 . TRP A 1 138 ? 1.979   -4.483  -9.356  1.00 10.76 ? 138  TRP A CZ3 1 
ATOM   1117 C  CH2 . TRP A 1 138 ? 0.814   -4.168  -8.627  1.00 11.25 ? 138  TRP A CH2 1 
ATOM   1118 N  N   . TYR A 1 139 ? 4.327   -8.844  -8.187  1.00 10.57 ? 139  TYR A N   1 
ATOM   1119 C  CA  . TYR A 1 139 ? 3.293   -9.640  -8.831  1.00 11.02 ? 139  TYR A CA  1 
ATOM   1120 C  C   . TYR A 1 139 ? 3.408   -11.117 -8.465  1.00 10.95 ? 139  TYR A C   1 
ATOM   1121 O  O   . TYR A 1 139 ? 2.410   -11.764 -8.155  1.00 10.97 ? 139  TYR A O   1 
ATOM   1122 C  CB  . TYR A 1 139 ? 3.354   -9.461  -10.346 1.00 11.88 ? 139  TYR A CB  1 
ATOM   1123 C  CG  . TYR A 1 139 ? 2.352   -10.310 -11.093 1.00 12.78 ? 139  TYR A CG  1 
ATOM   1124 C  CD1 . TYR A 1 139 ? 1.084   -9.822  -11.398 1.00 13.60 ? 139  TYR A CD1 1 
ATOM   1125 C  CD2 . TYR A 1 139 ? 2.676   -11.605 -11.487 1.00 14.11 ? 139  TYR A CD2 1 
ATOM   1126 C  CE1 . TYR A 1 139 ? 0.166   -10.606 -12.088 1.00 14.69 ? 139  TYR A CE1 1 
ATOM   1127 C  CE2 . TYR A 1 139 ? 1.772   -12.395 -12.163 1.00 15.24 ? 139  TYR A CE2 1 
ATOM   1128 C  CZ  . TYR A 1 139 ? 0.519   -11.892 -12.462 1.00 15.09 ? 139  TYR A CZ  1 
ATOM   1129 O  OH  . TYR A 1 139 ? -0.368  -12.689 -13.145 1.00 16.19 ? 139  TYR A OH  1 
ATOM   1130 N  N   . ASN A 1 140 ? 4.623   -11.646 -8.503  1.00 10.90 ? 140  ASN A N   1 
ATOM   1131 C  CA  . ASN A 1 140 ? 4.839   -13.060 -8.223  1.00 10.91 ? 140  ASN A CA  1 
ATOM   1132 C  C   . ASN A 1 140 ? 4.549   -13.443 -6.778  1.00 10.75 ? 140  ASN A C   1 
ATOM   1133 O  O   . ASN A 1 140 ? 4.056   -14.534 -6.515  1.00 11.19 ? 140  ASN A O   1 
ATOM   1134 C  CB  . ASN A 1 140 ? 6.251   -13.465 -8.623  1.00 11.38 ? 140  ASN A CB  1 
ATOM   1135 C  CG  . ASN A 1 140 ? 6.408   -13.587 -10.121 1.00 12.13 ? 140  ASN A CG  1 
ATOM   1136 O  OD1 . ASN A 1 140 ? 6.868   -12.658 -10.794 1.00 13.03 ? 140  ASN A OD1 1 
ATOM   1137 N  ND2 . ASN A 1 140 ? 6.013   -14.732 -10.659 1.00 13.05 ? 140  ASN A ND2 1 
ATOM   1138 N  N   . GLN A 1 141 ? 4.836   -12.537 -5.847  1.00 10.24 ? 141  GLN A N   1 
ATOM   1139 C  CA  . GLN A 1 141 ? 4.630   -12.825 -4.426  1.00 10.25 ? 141  GLN A CA  1 
ATOM   1140 C  C   . GLN A 1 141 ? 3.190   -12.589 -3.973  1.00 10.25 ? 141  GLN A C   1 
ATOM   1141 O  O   . GLN A 1 141 ? 2.667   -13.341 -3.150  1.00 10.25 ? 141  GLN A O   1 
ATOM   1142 C  CB  . GLN A 1 141 ? 5.614   -12.037 -3.554  1.00 10.31 ? 141  GLN A CB  1 
ATOM   1143 C  CG  . GLN A 1 141 ? 7.100   -12.312 -3.865  1.00 10.92 ? 141  GLN A CG  1 
ATOM   1144 C  CD  . GLN A 1 141 ? 7.497   -13.783 -3.763  1.00 12.30 ? 141  GLN A CD  1 
ATOM   1145 O  OE1 . GLN A 1 141 ? 8.130   -14.327 -4.671  1.00 11.70 ? 141  GLN A OE1 1 
ATOM   1146 N  NE2 . GLN A 1 141 ? 7.137   -14.427 -2.655  1.00 11.21 ? 141  GLN A NE2 1 
ATOM   1147 N  N   . THR A 1 142 ? 2.552   -11.551 -4.510  1.00 10.11 ? 142  THR A N   1 
ATOM   1148 C  CA  . THR A 1 142 ? 1.149   -11.272 -4.199  1.00 10.21 ? 142  THR A CA  1 
ATOM   1149 C  C   . THR A 1 142 ? 0.331   -11.101 -5.479  1.00 10.19 ? 142  THR A C   1 
ATOM   1150 O  O   . THR A 1 142 ? -0.157  -10.001 -5.756  1.00 10.49 ? 142  THR A O   1 
ATOM   1151 C  CB  . THR A 1 142 ? 0.982   -10.020 -3.291  1.00 10.08 ? 142  THR A CB  1 
ATOM   1152 O  OG1 . THR A 1 142 ? 1.706   -8.913  -3.847  1.00 10.66 ? 142  THR A OG1 1 
ATOM   1153 C  CG2 . THR A 1 142 ? 1.480   -10.297 -1.880  1.00 10.26 ? 142  THR A CG2 1 
ATOM   1154 N  N   . PRO A 1 143 ? 0.175   -12.192 -6.259  1.00 10.21 ? 143  PRO A N   1 
ATOM   1155 C  CA  . PRO A 1 143 ? -0.456  -12.089 -7.576  1.00 10.24 ? 143  PRO A CA  1 
ATOM   1156 C  C   . PRO A 1 143 ? -1.910  -11.624 -7.539  1.00 10.34 ? 143  PRO A C   1 
ATOM   1157 O  O   . PRO A 1 143 ? -2.303  -10.812 -8.363  1.00 10.16 ? 143  PRO A O   1 
ATOM   1158 C  CB  . PRO A 1 143 ? -0.328  -13.511 -8.149  1.00 10.07 ? 143  PRO A CB  1 
ATOM   1159 C  CG  . PRO A 1 143 ? -0.153  -14.395 -6.962  1.00 10.07 ? 143  PRO A CG  1 
ATOM   1160 C  CD  . PRO A 1 143 ? 0.620   -13.573 -5.972  1.00 10.25 ? 143  PRO A CD  1 
ATOM   1161 N  N   . ASN A 1 144 ? -2.701  -12.109 -6.587  1.00 10.40 ? 144  ASN A N   1 
ATOM   1162 C  CA  . ASN A 1 144 ? -4.108  -11.716 -6.548  1.00 11.02 ? 144  ASN A CA  1 
ATOM   1163 C  C   . ASN A 1 144 ? -4.287  -10.218 -6.319  1.00 10.40 ? 144  ASN A C   1 
ATOM   1164 O  O   . ASN A 1 144 ? -5.063  -9.568  -7.018  1.00 10.22 ? 144  ASN A O   1 
ATOM   1165 C  CB  . ASN A 1 144 ? -4.887  -12.541 -5.523  1.00 11.44 ? 144  ASN A CB  1 
ATOM   1166 C  CG  . ASN A 1 144 ? -5.166  -13.953 -6.014  1.00 14.05 ? 144  ASN A CG  1 
ATOM   1167 O  OD1 . ASN A 1 144 ? -4.680  -14.365 -7.067  1.00 17.73 ? 144  ASN A OD1 1 
ATOM   1168 N  ND2 . ASN A 1 144 ? -5.967  -14.691 -5.261  1.00 16.47 ? 144  ASN A ND2 1 
ATOM   1169 N  N   . ARG A 1 145 ? -3.541  -9.675  -5.361  1.00 10.25 ? 145  ARG A N   1 
ATOM   1170 C  CA  . ARG A 1 145 ? -3.584  -8.248  -5.092  1.00 10.16 ? 145  ARG A CA  1 
ATOM   1171 C  C   . ARG A 1 145 ? -2.999  -7.463  -6.259  1.00 9.74  ? 145  ARG A C   1 
ATOM   1172 O  O   . ARG A 1 145 ? -3.570  -6.462  -6.678  1.00 9.64  ? 145  ARG A O   1 
ATOM   1173 C  CB  . ARG A 1 145 ? -2.827  -7.907  -3.817  1.00 10.53 ? 145  ARG A CB  1 
ATOM   1174 C  CG  . ARG A 1 145 ? -3.034  -6.468  -3.396  1.00 11.73 ? 145  ARG A CG  1 
ATOM   1175 C  CD  . ARG A 1 145 ? -1.923  -6.038  -2.506  1.00 12.39 ? 145  ARG A CD  1 
ATOM   1176 N  NE  . ARG A 1 145 ? -2.044  -4.653  -2.071  1.00 11.70 ? 145  ARG A NE  1 
ATOM   1177 C  CZ  . ARG A 1 145 ? -1.713  -4.251  -0.849  1.00 11.27 ? 145  ARG A CZ  1 
ATOM   1178 N  NH1 . ARG A 1 145 ? -1.286  -5.139  0.044   1.00 11.97 ? 145  ARG A NH1 1 
ATOM   1179 N  NH2 . ARG A 1 145 ? -1.835  -2.975  -0.505  1.00 11.64 ? 145  ARG A NH2 1 
ATOM   1180 N  N   . ALA A 1 146 ? -1.869  -7.930  -6.782  1.00 9.73  ? 146  ALA A N   1 
ATOM   1181 C  CA  . ALA A 1 146 ? -1.218  -7.260  -7.910  1.00 9.91  ? 146  ALA A CA  1 
ATOM   1182 C  C   . ALA A 1 146 ? -2.155  -7.200  -9.114  1.00 10.34 ? 146  ALA A C   1 
ATOM   1183 O  O   . ALA A 1 146 ? -2.261  -6.158  -9.767  1.00 10.42 ? 146  ALA A O   1 
ATOM   1184 C  CB  . ALA A 1 146 ? 0.082   -7.945  -8.269  1.00 10.14 ? 146  ALA A CB  1 
ATOM   1185 N  N   . LYS A 1 147 ? -2.850  -8.305  -9.390  1.00 10.43 ? 147  LYS A N   1 
ATOM   1186 C  CA  . LYS A 1 147 ? -3.816  -8.336  -10.495 1.00 10.87 ? 147  LYS A CA  1 
ATOM   1187 C  C   . LYS A 1 147 ? -4.903  -7.275  -10.323 1.00 10.64 ? 147  LYS A C   1 
ATOM   1188 O  O   . LYS A 1 147 ? -5.285  -6.624  -11.288 1.00 10.22 ? 147  LYS A O   1 
ATOM   1189 C  CB  . LYS A 1 147 ? -4.443  -9.720  -10.663 1.00 11.42 ? 147  LYS A CB  1 
ATOM   1190 C  CG  . LYS A 1 147 ? -3.499  -10.755 -11.264 1.00 12.48 ? 147  LYS A CG  1 
ATOM   1191 C  CD  . LYS A 1 147 ? -4.163  -12.120 -11.334 1.00 15.86 ? 147  LYS A CD  1 
ATOM   1192 C  CE  . LYS A 1 147 ? -3.143  -13.204 -11.627 1.00 17.85 ? 147  LYS A CE  1 
ATOM   1193 N  NZ  . LYS A 1 147 ? -3.760  -14.557 -11.632 1.00 21.02 ? 147  LYS A NZ  1 
ATOM   1194 N  N   . ARG A 1 148 ? -5.378  -7.092  -9.093  1.00 10.27 ? 148  ARG A N   1 
ATOM   1195 C  CA  . ARG A 1 148 ? -6.396  -6.075  -8.812  1.00 10.18 ? 148  ARG A CA  1 
ATOM   1196 C  C   . ARG A 1 148 ? -5.873  -4.664  -9.065  1.00 10.08 ? 148  ARG A C   1 
ATOM   1197 O  O   . ARG A 1 148 ? -6.537  -3.855  -9.715  1.00 9.98  ? 148  ARG A O   1 
ATOM   1198 C  CB  . ARG A 1 148 ? -6.913  -6.199  -7.380  1.00 10.09 ? 148  ARG A CB  1 
ATOM   1199 C  CG  . ARG A 1 148 ? -7.862  -7.371  -7.168  1.00 10.89 ? 148  ARG A CG  1 
ATOM   1200 C  CD  . ARG A 1 148 ? -8.602  -7.259  -5.844  1.00 10.35 ? 148  ARG A CD  1 
ATOM   1201 N  NE  . ARG A 1 148 ? -7.716  -7.360  -4.683  1.00 12.19 ? 148  ARG A NE  1 
ATOM   1202 C  CZ  . ARG A 1 148 ? -7.310  -8.505  -4.134  1.00 12.66 ? 148  ARG A CZ  1 
ATOM   1203 N  NH1 . ARG A 1 148 ? -7.691  -9.673  -4.643  1.00 13.64 ? 148  ARG A NH1 1 
ATOM   1204 N  NH2 . ARG A 1 148 ? -6.515  -8.481  -3.071  1.00 13.35 ? 148  ARG A NH2 1 
ATOM   1205 N  N   . VAL A 1 149 ? -4.676  -4.382  -8.557  1.00 9.94  ? 149  VAL A N   1 
ATOM   1206 C  CA  . VAL A 1 149 ? -4.063  -3.062  -8.694  1.00 9.84  ? 149  VAL A CA  1 
ATOM   1207 C  C   . VAL A 1 149 ? -3.738  -2.799  -10.164 1.00 10.04 ? 149  VAL A C   1 
ATOM   1208 O  O   . VAL A 1 149 ? -4.001  -1.715  -10.692 1.00 9.98  ? 149  VAL A O   1 
ATOM   1209 C  CB  . VAL A 1 149 ? -2.811  -2.941  -7.793  1.00 9.66  ? 149  VAL A CB  1 
ATOM   1210 C  CG1 . VAL A 1 149 ? -2.061  -1.648  -8.057  1.00 10.01 ? 149  VAL A CG1 1 
ATOM   1211 C  CG2 . VAL A 1 149 ? -3.215  -3.031  -6.313  1.00 10.02 ? 149  VAL A CG2 1 
ATOM   1212 N  N   . ILE A 1 150 ? -3.204  -3.816  -10.833 1.00 9.83  ? 150  ILE A N   1 
ATOM   1213 C  CA  . ILE A 1 150 ? -2.863  -3.700  -12.248 1.00 9.98  ? 150  ILE A CA  1 
ATOM   1214 C  C   . ILE A 1 150 ? -4.106  -3.450  -13.108 1.00 10.19 ? 150  ILE A C   1 
ATOM   1215 O  O   . ILE A 1 150 ? -4.081  -2.592  -13.988 1.00 9.98  ? 150  ILE A O   1 
ATOM   1216 C  CB  . ILE A 1 150 ? -2.060  -4.926  -12.736 1.00 10.03 ? 150  ILE A CB  1 
ATOM   1217 C  CG1 . ILE A 1 150 ? -0.668  -4.906  -12.093 1.00 10.06 ? 150  ILE A CG1 1 
ATOM   1218 C  CG2 . ILE A 1 150 ? -1.958  -4.933  -14.254 1.00 10.56 ? 150  ILE A CG2 1 
ATOM   1219 C  CD1 . ILE A 1 150 ? 0.150   -6.187  -12.299 1.00 10.94 ? 150  ILE A CD1 1 
ATOM   1220 N  N   . THR A 1 151 ? -5.193  -4.175  -12.832 1.00 10.38 ? 151  THR A N   1 
ATOM   1221 C  CA  . THR A 1 151 ? -6.458  -3.966  -13.546 1.00 10.96 ? 151  THR A CA  1 
ATOM   1222 C  C   . THR A 1 151 ? -6.968  -2.535  -13.369 1.00 10.86 ? 151  THR A C   1 
ATOM   1223 O  O   . THR A 1 151 ? -7.479  -1.925  -14.312 1.00 10.74 ? 151  THR A O   1 
ATOM   1224 C  CB  . THR A 1 151 ? -7.519  -4.996  -13.114 1.00 11.23 ? 151  THR A CB  1 
ATOM   1225 O  OG1 . THR A 1 151 ? -7.165  -6.270  -13.661 1.00 12.28 ? 151  THR A OG1 1 
ATOM   1226 C  CG2 . THR A 1 151 ? -8.914  -4.614  -13.608 1.00 11.97 ? 151  THR A CG2 1 
ATOM   1227 N  N   . THR A 1 152 ? -6.809  -2.009  -12.158 1.00 10.77 ? 152  THR A N   1 
ATOM   1228 C  CA  . THR A 1 152 ? -7.162  -0.627  -11.852 1.00 10.95 ? 152  THR A CA  1 
ATOM   1229 C  C   . THR A 1 152 ? -6.332  0.352   -12.695 1.00 11.03 ? 152  THR A C   1 
ATOM   1230 O  O   . THR A 1 152 ? -6.880  1.297   -13.259 1.00 11.15 ? 152  THR A O   1 
ATOM   1231 C  CB  . THR A 1 152 ? -7.020  -0.334  -10.345 1.00 10.90 ? 152  THR A CB  1 
ATOM   1232 O  OG1 . THR A 1 152 ? -7.694  -1.359  -9.601  1.00 11.06 ? 152  THR A OG1 1 
ATOM   1233 C  CG2 . THR A 1 152 ? -7.632  1.022   -9.988  1.00 11.14 ? 152  THR A CG2 1 
ATOM   1234 N  N   . PHE A 1 153 ? -5.023  0.113   -12.793 1.00 11.39 ? 153  PHE A N   1 
ATOM   1235 C  CA  . PHE A 1 153 ? -4.164  0.906   -13.684 1.00 11.63 ? 153  PHE A CA  1 
ATOM   1236 C  C   . PHE A 1 153 ? -4.500  0.732   -15.161 1.00 12.03 ? 153  PHE A C   1 
ATOM   1237 O  O   . PHE A 1 153 ? -4.395  1.678   -15.947 1.00 12.11 ? 153  PHE A O   1 
ATOM   1238 C  CB  . PHE A 1 153 ? -2.691  0.560   -13.487 1.00 11.71 ? 153  PHE A CB  1 
ATOM   1239 C  CG  . PHE A 1 153 ? -2.025  1.314   -12.376 1.00 12.13 ? 153  PHE A CG  1 
ATOM   1240 C  CD1 . PHE A 1 153 ? -2.046  2.710   -12.339 1.00 12.12 ? 153  PHE A CD1 1 
ATOM   1241 C  CD2 . PHE A 1 153 ? -1.336  0.627   -11.381 1.00 12.02 ? 153  PHE A CD2 1 
ATOM   1242 C  CE1 . PHE A 1 153 ? -1.408  3.407   -11.315 1.00 11.80 ? 153  PHE A CE1 1 
ATOM   1243 C  CE2 . PHE A 1 153 ? -0.688  1.315   -10.357 1.00 12.48 ? 153  PHE A CE2 1 
ATOM   1244 C  CZ  . PHE A 1 153 ? -0.728  2.709   -10.323 1.00 11.97 ? 153  PHE A CZ  1 
ATOM   1245 N  N   . ARG A 1 154 ? -4.872  -0.483  -15.549 1.00 12.27 ? 154  ARG A N   1 
ATOM   1246 C  CA  . ARG A 1 154 ? -5.156  -0.755  -16.955 1.00 12.74 ? 154  ARG A CA  1 
ATOM   1247 C  C   . ARG A 1 154 ? -6.442  -0.065  -17.405 1.00 12.67 ? 154  ARG A C   1 
ATOM   1248 O  O   . ARG A 1 154 ? -6.487  0.501   -18.497 1.00 12.39 ? 154  ARG A O   1 
ATOM   1249 C  CB  . ARG A 1 154 ? -5.223  -2.262  -17.223 1.00 13.02 ? 154  ARG A CB  1 
ATOM   1250 C  CG  . ARG A 1 154 ? -5.361  -2.625  -18.710 1.00 14.18 ? 154  ARG A CG  1 
ATOM   1251 C  CD  . ARG A 1 154 ? -5.461  -4.138  -18.936 1.00 16.68 ? 154  ARG A CD  1 
ATOM   1252 N  NE  . ARG A 1 154 ? -6.511  -4.777  -18.137 1.00 19.54 ? 154  ARG A NE  1 
ATOM   1253 C  CZ  . ARG A 1 154 ? -7.791  -4.879  -18.497 1.00 20.96 ? 154  ARG A CZ  1 
ATOM   1254 N  NH1 . ARG A 1 154 ? -8.211  -4.371  -19.650 1.00 21.99 ? 154  ARG A NH1 1 
ATOM   1255 N  NH2 . ARG A 1 154 ? -8.659  -5.485  -17.696 1.00 22.38 ? 154  ARG A NH2 1 
ATOM   1256 N  N   . THR A 1 155 ? -7.455  -0.077  -16.539 1.00 12.65 ? 155  THR A N   1 
ATOM   1257 C  CA  . THR A 1 155 ? -8.822  0.324   -16.915 1.00 12.73 ? 155  THR A CA  1 
ATOM   1258 C  C   . THR A 1 155 ? -9.245  1.697   -16.407 1.00 12.69 ? 155  THR A C   1 
ATOM   1259 O  O   . THR A 1 155 ? -10.122 2.338   -16.997 1.00 12.70 ? 155  THR A O   1 
ATOM   1260 C  CB  . THR A 1 155 ? -9.876  -0.704  -16.431 1.00 12.88 ? 155  THR A CB  1 
ATOM   1261 O  OG1 . THR A 1 155 ? -9.891  -0.749  -14.998 1.00 12.66 ? 155  THR A OG1 1 
ATOM   1262 C  CG2 . THR A 1 155 ? -9.586  -2.098  -16.988 1.00 12.90 ? 155  THR A CG2 1 
ATOM   1263 N  N   . GLY A 1 156 ? -8.651  2.142   -15.302 1.00 12.46 ? 156  GLY A N   1 
ATOM   1264 C  CA  . GLY A 1 156 ? -9.113  3.357   -14.637 1.00 12.70 ? 156  GLY A CA  1 
ATOM   1265 C  C   . GLY A 1 156 ? -10.504 3.184   -14.039 1.00 12.68 ? 156  GLY A C   1 
ATOM   1266 O  O   . GLY A 1 156 ? -11.251 4.154   -13.879 1.00 12.97 ? 156  GLY A O   1 
ATOM   1267 N  N   . THR A 1 157 ? -10.857 1.940   -13.726 1.00 12.69 ? 157  THR A N   1 
ATOM   1268 C  CA  . THR A 1 157 ? -12.145 1.616   -13.112 1.00 12.67 ? 157  THR A CA  1 
ATOM   1269 C  C   . THR A 1 157 ? -11.905 0.813   -11.847 1.00 12.78 ? 157  THR A C   1 
ATOM   1270 O  O   . THR A 1 157 ? -10.800 0.332   -11.609 1.00 12.64 ? 157  THR A O   1 
ATOM   1271 C  CB  . THR A 1 157 ? -13.047 0.752   -14.032 1.00 12.66 ? 157  THR A CB  1 
ATOM   1272 O  OG1 . THR A 1 157 ? -12.520 -0.582  -14.111 1.00 13.30 ? 157  THR A OG1 1 
ATOM   1273 C  CG2 . THR A 1 157 ? -13.164 1.360   -15.430 1.00 12.90 ? 157  THR A CG2 1 
ATOM   1274 N  N   . TRP A 1 158 ? -12.960 0.653   -11.058 1.00 13.04 ? 158  TRP A N   1 
ATOM   1275 C  CA  . TRP A 1 158 ? -12.906 -0.150  -9.839  1.00 13.82 ? 158  TRP A CA  1 
ATOM   1276 C  C   . TRP A 1 158 ? -13.369 -1.590  -10.050 1.00 14.29 ? 158  TRP A C   1 
ATOM   1277 O  O   . TRP A 1 158 ? -13.693 -2.293  -9.088  1.00 13.96 ? 158  TRP A O   1 
ATOM   1278 C  CB  . TRP A 1 158 ? -13.782 0.494   -8.777  1.00 13.88 ? 158  TRP A CB  1 
ATOM   1279 C  CG  . TRP A 1 158 ? -13.291 1.803   -8.298  1.00 13.77 ? 158  TRP A CG  1 
ATOM   1280 C  CD1 . TRP A 1 158 ? -13.874 3.016   -8.499  1.00 13.63 ? 158  TRP A CD1 1 
ATOM   1281 C  CD2 . TRP A 1 158 ? -12.113 2.045   -7.516  1.00 13.99 ? 158  TRP A CD2 1 
ATOM   1282 N  NE1 . TRP A 1 158 ? -13.139 4.002   -7.888  1.00 14.29 ? 158  TRP A NE1 1 
ATOM   1283 C  CE2 . TRP A 1 158 ? -12.055 3.433   -7.272  1.00 13.60 ? 158  TRP A CE2 1 
ATOM   1284 C  CE3 . TRP A 1 158 ? -11.106 1.220   -6.985  1.00 14.30 ? 158  TRP A CE3 1 
ATOM   1285 C  CZ2 . TRP A 1 158 ? -11.030 4.021   -6.525  1.00 14.27 ? 158  TRP A CZ2 1 
ATOM   1286 C  CZ3 . TRP A 1 158 ? -10.089 1.806   -6.238  1.00 14.04 ? 158  TRP A CZ3 1 
ATOM   1287 C  CH2 . TRP A 1 158 ? -10.059 3.192   -6.021  1.00 14.25 ? 158  TRP A CH2 1 
ATOM   1288 N  N   . ASP A 1 159 ? -13.394 -2.027  -11.306 1.00 14.95 ? 159  ASP A N   1 
ATOM   1289 C  CA  . ASP A 1 159 ? -13.936 -3.343  -11.661 1.00 15.94 ? 159  ASP A CA  1 
ATOM   1290 C  C   . ASP A 1 159 ? -13.327 -4.507  -10.868 1.00 15.85 ? 159  ASP A C   1 
ATOM   1291 O  O   . ASP A 1 159 ? -14.032 -5.458  -10.514 1.00 16.21 ? 159  ASP A O   1 
ATOM   1292 C  CB  . ASP A 1 159 ? -13.792 -3.595  -13.160 1.00 16.25 ? 159  ASP A CB  1 
ATOM   1293 C  CG  . ASP A 1 159 ? -14.761 -2.767  -13.994 1.00 18.34 ? 159  ASP A CG  1 
ATOM   1294 O  OD1 . ASP A 1 159 ? -15.574 -2.003  -13.420 1.00 20.29 ? 159  ASP A OD1 1 
ATOM   1295 O  OD2 . ASP A 1 159 ? -14.706 -2.886  -15.235 1.00 21.01 ? 159  ASP A OD2 1 
ATOM   1296 N  N   . ALA A 1 160 ? -12.032 -4.420  -10.573 1.00 15.82 ? 160  ALA A N   1 
ATOM   1297 C  CA  . ALA A 1 160 ? -11.342 -5.482  -9.835  1.00 16.26 ? 160  ALA A CA  1 
ATOM   1298 C  C   . ALA A 1 160 ? -11.758 -5.573  -8.357  1.00 16.71 ? 160  ALA A C   1 
ATOM   1299 O  O   . ALA A 1 160 ? -11.454 -6.563  -7.690  1.00 16.78 ? 160  ALA A O   1 
ATOM   1300 C  CB  . ALA A 1 160 ? -9.830  -5.320  -9.957  1.00 16.23 ? 160  ALA A CB  1 
ATOM   1301 N  N   . TYR A 1 161 ? -12.458 -4.550  -7.864  1.00 17.22 ? 161  TYR A N   1 
ATOM   1302 C  CA  . TYR A 1 161 ? -12.847 -4.457  -6.450  1.00 18.38 ? 161  TYR A CA  1 
ATOM   1303 C  C   . TYR A 1 161 ? -14.358 -4.404  -6.241  1.00 20.03 ? 161  TYR A C   1 
ATOM   1304 O  O   . TYR A 1 161 ? -14.850 -4.629  -5.132  1.00 20.29 ? 161  TYR A O   1 
ATOM   1305 C  CB  . TYR A 1 161 ? -12.228 -3.216  -5.809  1.00 17.43 ? 161  TYR A CB  1 
ATOM   1306 C  CG  . TYR A 1 161 ? -10.731 -3.272  -5.655  1.00 16.63 ? 161  TYR A CG  1 
ATOM   1307 C  CD1 . TYR A 1 161 ? -9.893  -2.849  -6.685  1.00 14.64 ? 161  TYR A CD1 1 
ATOM   1308 C  CD2 . TYR A 1 161 ? -10.148 -3.744  -4.478  1.00 15.19 ? 161  TYR A CD2 1 
ATOM   1309 C  CE1 . TYR A 1 161 ? -8.516  -2.901  -6.555  1.00 14.77 ? 161  TYR A CE1 1 
ATOM   1310 C  CE2 . TYR A 1 161 ? -8.765  -3.798  -4.335  1.00 14.85 ? 161  TYR A CE2 1 
ATOM   1311 C  CZ  . TYR A 1 161 ? -7.956  -3.372  -5.380  1.00 15.09 ? 161  TYR A CZ  1 
ATOM   1312 O  OH  . TYR A 1 161 ? -6.589  -3.417  -5.262  1.00 14.32 ? 161  TYR A OH  1 
ATOM   1313 N  N   . LYS A 1 162 ? -15.076 -4.074  -7.311  1.00 21.94 ? 162  LYS A N   1 
ATOM   1314 C  CA  . LYS A 1 162 ? -16.528 -3.942  -7.289  1.00 23.53 ? 162  LYS A CA  1 
ATOM   1315 C  C   . LYS A 1 162 ? -17.169 -5.292  -7.606  1.00 23.87 ? 162  LYS A C   1 
ATOM   1316 O  O   . LYS A 1 162 ? -17.072 -6.238  -6.819  1.00 24.70 ? 162  LYS A O   1 
ATOM   1317 C  CB  . LYS A 1 162 ? -16.963 -2.872  -8.302  1.00 23.85 ? 162  LYS A CB  1 
ATOM   1318 C  CG  . LYS A 1 162 ? -18.470 -2.693  -8.507  1.00 26.05 ? 162  LYS A CG  1 
ATOM   1319 C  CD  . LYS A 1 162 ? -19.124 -1.912  -7.369  1.00 28.49 ? 162  LYS A CD  1 
ATOM   1320 C  CE  . LYS A 1 162 ? -20.092 -0.852  -7.896  1.00 29.54 ? 162  LYS A CE  1 
ATOM   1321 N  NZ  . LYS A 1 162 ? -21.217 -1.390  -8.722  1.00 30.48 ? 162  LYS A NZ  1 
HETATM 1322 P  P   . PO4 B 2 .   ? -1.477  0.687   -24.933 1.00 20.95 ? 901  PO4 A P   1 
HETATM 1323 O  O1  . PO4 B 2 .   ? -1.342  2.147   -25.311 1.00 18.88 ? 901  PO4 A O1  1 
HETATM 1324 O  O2  . PO4 B 2 .   ? -2.685  0.457   -24.050 1.00 18.50 ? 901  PO4 A O2  1 
HETATM 1325 O  O3  . PO4 B 2 .   ? -0.241  0.319   -24.124 1.00 17.78 ? 901  PO4 A O3  1 
HETATM 1326 O  O4  . PO4 B 2 .   ? -1.576  -0.145  -26.198 1.00 19.83 ? 901  PO4 A O4  1 
HETATM 1327 CL CL  . CL  C 3 .   ? -7.504  -12.690 -2.925  1.00 49.38 ? 902  CL  A CL  1 
HETATM 1328 C  C1  . HED D 4 .   ? 5.575   -5.927  -1.784  1.00 30.19 ? 903  HED A C1  1 
HETATM 1329 O  O1  . HED D 4 .   ? 6.140   -6.522  -2.933  1.00 29.09 ? 903  HED A O1  1 
HETATM 1330 C  C2  . HED D 4 .   ? 5.996   -6.688  -0.531  1.00 30.58 ? 903  HED A C2  1 
HETATM 1331 S  S3  . HED D 4 .   ? 7.791   -6.708  -0.301  1.00 31.66 ? 903  HED A S3  1 
HETATM 1332 S  S4  . HED D 4 .   ? 8.303   -4.754  -0.012  1.00 32.43 ? 903  HED A S4  1 
HETATM 1333 C  C5  . HED D 4 .   ? 9.324   -4.770  1.486   1.00 32.97 ? 903  HED A C5  1 
HETATM 1334 C  C6  . HED D 4 .   ? 8.738   -5.619  2.608   1.00 32.97 ? 903  HED A C6  1 
HETATM 1335 O  O6  . HED D 4 .   ? 8.117   -4.795  3.571   1.00 33.34 ? 903  HED A O6  1 
HETATM 1336 C  C1  . HED E 4 .   ? -7.381  9.775   -5.788  1.00 42.59 ? 904  HED A C1  1 
HETATM 1337 O  O1  . HED E 4 .   ? -7.804  8.523   -5.303  1.00 41.75 ? 904  HED A O1  1 
HETATM 1338 C  C2  . HED E 4 .   ? -6.675  10.523  -4.672  1.00 43.13 ? 904  HED A C2  1 
HETATM 1339 S  S3  . HED E 4 .   ? -7.878  11.203  -3.507  1.00 44.44 ? 904  HED A S3  1 
HETATM 1340 S  S4  . HED E 4 .   ? -7.664  10.078  -1.832  1.00 43.67 ? 904  HED A S4  1 
HETATM 1341 C  C5  . HED E 4 .   ? -5.946  10.287  -1.297  1.00 43.84 ? 904  HED A C5  1 
HETATM 1342 C  C6  . HED E 4 .   ? -5.414  11.707  -1.457  1.00 43.77 ? 904  HED A C6  1 
HETATM 1343 O  O6  . HED E 4 .   ? -6.425  12.649  -1.168  1.00 43.63 ? 904  HED A O6  1 
HETATM 1344 C  C1  . BME F 5 .   ? -3.097  14.171  -3.412  1.00 31.26 ? 905  BME A C1  1 
HETATM 1345 C  C2  . BME F 5 .   ? -3.924  14.826  -2.312  1.00 31.40 ? 905  BME A C2  1 
HETATM 1346 O  O1  . BME F 5 .   ? -3.879  13.209  -4.083  1.00 30.36 ? 905  BME A O1  1 
HETATM 1347 S  S2  . BME F 5 .   ? -3.016  16.158  -1.483  1.00 32.03 ? 905  BME A S2  1 
HETATM 1348 C  C1  . HED G 4 .   ? 3.936   2.151   8.173   1.00 33.81 ? 906  HED A C1  1 
HETATM 1349 O  O1  . HED G 4 .   ? 3.847   1.262   9.258   1.00 34.97 ? 906  HED A O1  1 
HETATM 1350 C  C2  . HED G 4 .   ? 4.342   1.332   6.966   1.00 34.71 ? 906  HED A C2  1 
HETATM 1351 S  S3  . HED G 4 .   ? 3.025   0.175   6.545   1.00 32.76 ? 906  HED A S3  1 
HETATM 1352 S  S4  . HED G 4 .   ? 1.631   1.291   5.557   1.00 36.40 ? 906  HED A S4  1 
HETATM 1353 C  C5  . HED G 4 .   ? 2.556   2.370   4.431   1.00 36.59 ? 906  HED A C5  1 
HETATM 1354 C  C6  . HED G 4 .   ? 2.880   3.725   5.053   1.00 37.58 ? 906  HED A C6  1 
HETATM 1355 O  O6  . HED G 4 .   ? 2.286   4.763   4.308   1.00 38.16 ? 906  HED A O6  1 
HETATM 1356 C  C1  A PIH H 6 .   ? 3.282   5.547   -7.435  0.50 11.23 ? 900  PIH A C1  1 
HETATM 1357 C  C1  B PIH H 6 .   ? 2.600   4.929   -9.549  0.44 22.14 ? 900  PIH A C1  1 
HETATM 1358 C  C2  A PIH H 6 .   ? 3.302   6.939   -7.343  0.50 11.46 ? 900  PIH A C2  1 
HETATM 1359 C  C2  B PIH H 6 .   ? 2.579   3.548   -9.347  0.44 22.03 ? 900  PIH A C2  1 
HETATM 1360 C  C3  A PIH H 6 .   ? 2.943   7.712   -8.451  0.50 11.27 ? 900  PIH A C3  1 
HETATM 1361 C  C3  B PIH H 6 .   ? 3.113   3.007   -8.178  0.44 21.68 ? 900  PIH A C3  1 
HETATM 1362 C  C4  A PIH H 6 .   ? 2.567   7.091   -9.644  0.50 10.42 ? 900  PIH A C4  1 
HETATM 1363 C  C4  B PIH H 6 .   ? 3.666   3.845   -7.211  0.44 21.89 ? 900  PIH A C4  1 
HETATM 1364 C  C5  A PIH H 6 .   ? 2.551   5.695   -9.734  0.50 10.75 ? 900  PIH A C5  1 
HETATM 1365 C  C5  B PIH H 6 .   ? 3.691   5.225   -7.411  0.44 22.15 ? 900  PIH A C5  1 
HETATM 1366 C  C6  A PIH H 6 .   ? 2.907   4.922   -8.626  0.50 11.36 ? 900  PIH A C6  1 
HETATM 1367 C  C6  B PIH H 6 .   ? 3.158   5.766   -8.582  0.44 22.18 ? 900  PIH A C6  1 
HETATM 1368 I  I6  A PIH H 6 .   ? 2.883   2.828   -8.732  0.50 11.42 ? 900  PIH A I6  1 
HETATM 1369 I  I6  B PIH H 6 .   ? 3.193   7.835   -8.882  0.44 22.61 ? 900  PIH A I6  1 
HETATM 1370 O  O   . HOH I 7 .   ? -2.621  0.988   8.514   1.00 10.24 ? 907  HOH A O   1 
HETATM 1371 O  O   . HOH I 7 .   ? -0.818  9.238   -16.845 1.00 11.69 ? 908  HOH A O   1 
HETATM 1372 O  O   . HOH I 7 .   ? -10.220 -2.112  -10.725 1.00 12.86 ? 909  HOH A O   1 
HETATM 1373 O  O   . HOH I 7 .   ? -2.264  -7.156  5.713   1.00 14.75 ? 910  HOH A O   1 
HETATM 1374 O  O   . HOH I 7 .   ? -2.257  -11.228 -3.309  1.00 12.62 ? 911  HOH A O   1 
HETATM 1375 O  O   . HOH I 7 .   ? -1.992  13.554  -17.927 1.00 12.22 ? 912  HOH A O   1 
HETATM 1376 O  O   . HOH I 7 .   ? -1.531  9.430   16.294  1.00 10.77 ? 913  HOH A O   1 
HETATM 1377 O  O   . HOH I 7 .   ? 1.079   6.978   15.244  1.00 11.27 ? 914  HOH A O   1 
HETATM 1378 O  O   . HOH I 7 .   ? 6.824   -14.771 3.490   1.00 11.48 ? 915  HOH A O   1 
HETATM 1379 O  O   . HOH I 7 .   ? -0.104  -2.709  -4.347  1.00 12.62 ? 916  HOH A O   1 
HETATM 1380 O  O   . HOH I 7 .   ? -13.691 5.387   -13.444 1.00 15.51 ? 917  HOH A O   1 
HETATM 1381 O  O   . HOH I 7 .   ? -7.840  1.209   -20.692 1.00 15.39 ? 918  HOH A O   1 
HETATM 1382 O  O   . HOH I 7 .   ? 2.990   -15.674 -1.845  1.00 11.92 ? 919  HOH A O   1 
HETATM 1383 O  O   . HOH I 7 .   ? 3.517   -9.451  -17.951 1.00 15.32 ? 920  HOH A O   1 
HETATM 1384 O  O   . HOH I 7 .   ? 5.729   -6.114  3.798   1.00 18.63 ? 921  HOH A O   1 
HETATM 1385 O  O   . HOH I 7 .   ? 0.394   -5.845  5.467   1.00 15.70 ? 922  HOH A O   1 
HETATM 1386 O  O   . HOH I 7 .   ? 3.719   4.915   24.071  1.00 16.94 ? 923  HOH A O   1 
HETATM 1387 O  O   . HOH I 7 .   ? 2.986   -5.174  6.640   1.00 12.24 ? 924  HOH A O   1 
HETATM 1388 O  O   . HOH I 7 .   ? -2.403  -5.479  -20.311 1.00 17.49 ? 925  HOH A O   1 
HETATM 1389 O  O   . HOH I 7 .   ? -7.047  -10.831 -8.398  1.00 13.11 ? 926  HOH A O   1 
HETATM 1390 O  O   . HOH I 7 .   ? -4.049  0.063   10.765  1.00 10.08 ? 927  HOH A O   1 
HETATM 1391 O  O   . HOH I 7 .   ? -4.569  -7.640  -13.934 1.00 14.76 ? 928  HOH A O   1 
HETATM 1392 O  O   . HOH I 7 .   ? -6.030  0.222   -22.629 1.00 13.44 ? 929  HOH A O   1 
HETATM 1393 O  O   . HOH I 7 .   ? 8.995   -11.097 11.852  1.00 20.62 ? 930  HOH A O   1 
HETATM 1394 O  O   . HOH I 7 .   ? -9.430  -10.426 -6.805  1.00 15.71 ? 931  HOH A O   1 
HETATM 1395 O  O   . HOH I 7 .   ? -2.150  6.886   17.257  1.00 16.29 ? 932  HOH A O   1 
HETATM 1396 O  O   . HOH I 7 .   ? -6.508  13.875  -12.755 1.00 12.84 ? 933  HOH A O   1 
HETATM 1397 O  O   . HOH I 7 .   ? -9.419  10.637  6.547   1.00 19.08 ? 934  HOH A O   1 
HETATM 1398 O  O   . HOH I 7 .   ? -4.198  2.413   -23.296 1.00 14.43 ? 935  HOH A O   1 
HETATM 1399 O  O   . HOH I 7 .   ? 9.814   -13.966 15.970  1.00 17.47 ? 936  HOH A O   1 
HETATM 1400 O  O   . HOH I 7 .   ? 4.958   -3.660  -21.591 1.00 14.01 ? 937  HOH A O   1 
HETATM 1401 O  O   . HOH I 7 .   ? 2.319   -2.907  5.228   1.00 20.16 ? 938  HOH A O   1 
HETATM 1402 O  O   . HOH I 7 .   ? 0.590   5.643   11.357  1.00 16.58 ? 939  HOH A O   1 
HETATM 1403 O  O   . HOH I 7 .   ? -10.556 6.790   -14.257 1.00 16.40 ? 940  HOH A O   1 
HETATM 1404 O  O   . HOH I 7 .   ? 4.220   -1.629  3.835   1.00 25.55 ? 941  HOH A O   1 
HETATM 1405 O  O   . HOH I 7 .   ? -0.518  -7.584  -16.442 1.00 14.99 ? 942  HOH A O   1 
HETATM 1406 O  O   . HOH I 7 .   ? 8.894   -8.282  11.775  1.00 15.28 ? 943  HOH A O   1 
HETATM 1407 O  O   . HOH I 7 .   ? 1.214   -4.071  2.939   1.00 15.43 ? 944  HOH A O   1 
HETATM 1408 O  O   . HOH I 7 .   ? -11.726 1.423   -18.907 1.00 20.38 ? 945  HOH A O   1 
HETATM 1409 O  O   . HOH I 7 .   ? 3.873   8.207   20.856  1.00 15.50 ? 946  HOH A O   1 
HETATM 1410 O  O   . HOH I 7 .   ? -16.469 6.906   -1.758  1.00 17.92 ? 947  HOH A O   1 
HETATM 1411 O  O   . HOH I 7 .   ? 7.175   -4.804  -20.410 1.00 18.29 ? 948  HOH A O   1 
HETATM 1412 O  O   . HOH I 7 .   ? 11.082  -0.668  -13.978 1.00 21.60 ? 949  HOH A O   1 
HETATM 1413 O  O   . HOH I 7 .   ? -10.193 6.050   14.351  1.00 20.82 ? 950  HOH A O   1 
HETATM 1414 O  O   . HOH I 7 .   ? 0.221   12.160  -18.948 1.00 15.67 ? 951  HOH A O   1 
HETATM 1415 O  O   . HOH I 7 .   ? -2.410  5.400   -25.021 1.00 15.76 ? 952  HOH A O   1 
HETATM 1416 O  O   . HOH I 7 .   ? -15.716 4.898   2.230   1.00 14.97 ? 953  HOH A O   1 
HETATM 1417 O  O   . HOH I 7 .   ? -12.876 0.718   18.401  1.00 21.66 ? 954  HOH A O   1 
HETATM 1418 O  O   . HOH I 7 .   ? -0.770  -7.970  0.107   1.00 18.52 ? 955  HOH A O   1 
HETATM 1419 O  O   . HOH I 7 .   ? -10.946 -8.964  -8.604  1.00 17.24 ? 956  HOH A O   1 
HETATM 1420 O  O   . HOH I 7 .   ? 6.887   -12.112 -13.605 1.00 16.26 ? 957  HOH A O   1 
HETATM 1421 O  O   . HOH I 7 .   ? -4.691  -3.154  24.464  1.00 22.05 ? 958  HOH A O   1 
HETATM 1422 O  O   . HOH I 7 .   ? -15.436 1.966   -11.647 1.00 16.41 ? 959  HOH A O   1 
HETATM 1423 O  O   . HOH I 7 .   ? -1.956  -11.247 -14.780 1.00 19.70 ? 960  HOH A O   1 
HETATM 1424 O  O   . HOH I 7 .   ? -4.419  -8.660  -0.688  1.00 16.38 ? 961  HOH A O   1 
HETATM 1425 O  O   . HOH I 7 .   ? -3.065  -11.726 7.749   1.00 26.23 ? 962  HOH A O   1 
HETATM 1426 O  O   . HOH I 7 .   ? -8.848  -9.068  14.858  1.00 29.21 ? 963  HOH A O   1 
HETATM 1427 O  O   . HOH I 7 .   ? 3.064   5.586   7.930   1.00 23.49 ? 964  HOH A O   1 
HETATM 1428 O  O   . HOH I 7 .   ? 5.330   -16.961 -9.181  1.00 19.98 ? 965  HOH A O   1 
HETATM 1429 O  O   . HOH I 7 .   ? 4.459   -8.788  -2.981  1.00 18.73 ? 966  HOH A O   1 
HETATM 1430 O  O   . HOH I 7 .   ? 8.735   -14.256 10.222  1.00 19.10 ? 967  HOH A O   1 
HETATM 1431 O  O   . HOH I 7 .   ? -11.901 4.493   -17.216 1.00 22.25 ? 968  HOH A O   1 
HETATM 1432 O  O   . HOH I 7 .   ? 5.710   2.620   15.708  1.00 18.28 ? 969  HOH A O   1 
HETATM 1433 O  O   . HOH I 7 .   ? -12.514 -2.740  18.459  1.00 19.78 ? 970  HOH A O   1 
HETATM 1434 O  O   . HOH I 7 .   ? 7.974   -4.535  24.062  1.00 24.11 ? 971  HOH A O   1 
HETATM 1435 O  O   . HOH I 7 .   ? 10.863  -14.103 -1.492  1.00 22.47 ? 972  HOH A O   1 
HETATM 1436 O  O   . HOH I 7 .   ? -6.099  5.208   21.678  1.00 23.88 ? 973  HOH A O   1 
HETATM 1437 O  O   . HOH I 7 .   ? -13.538 -2.099  1.796   1.00 16.99 ? 974  HOH A O   1 
HETATM 1438 O  O   . HOH I 7 .   ? 9.014   11.202  -0.680  1.00 23.28 ? 975  HOH A O   1 
HETATM 1439 O  O   . HOH I 7 .   ? 10.179  -11.823 3.377   1.00 24.35 ? 976  HOH A O   1 
HETATM 1440 O  O   . HOH I 7 .   ? 2.237   -12.632 15.449  1.00 18.92 ? 977  HOH A O   1 
HETATM 1441 O  O   . HOH I 7 .   ? -7.342  -2.834  -21.629 1.00 19.51 ? 978  HOH A O   1 
HETATM 1442 O  O   . HOH I 7 .   ? 2.273   -7.519  1.024   1.00 25.43 ? 979  HOH A O   1 
HETATM 1443 O  O   . HOH I 7 .   ? 8.107   -15.901 15.137  1.00 28.10 ? 980  HOH A O   1 
HETATM 1444 O  O   . HOH I 7 .   ? 12.007  -2.086  10.799  1.00 28.33 ? 981  HOH A O   1 
HETATM 1445 O  O   . HOH I 7 .   ? 8.719   -6.995  -3.825  1.00 22.32 ? 982  HOH A O   1 
HETATM 1446 O  O   . HOH I 7 .   ? -17.311 4.316   -1.908  1.00 25.58 ? 983  HOH A O   1 
HETATM 1447 O  O   . HOH I 7 .   ? 3.395   -5.320  2.308   1.00 23.69 ? 984  HOH A O   1 
HETATM 1448 O  O   . HOH I 7 .   ? 9.192   2.661   -19.796 1.00 21.63 ? 985  HOH A O   1 
HETATM 1449 O  O   . HOH I 7 .   ? 4.573   -10.070 -0.406  1.00 19.40 ? 986  HOH A O   1 
HETATM 1450 O  O   . HOH I 7 .   ? 10.517  -11.038 21.394  1.00 25.52 ? 987  HOH A O   1 
HETATM 1451 O  O   . HOH I 7 .   ? -9.117  7.835   12.651  1.00 26.71 ? 988  HOH A O   1 
HETATM 1452 O  O   . HOH I 7 .   ? 5.741   -14.399 17.012  1.00 37.50 ? 989  HOH A O   1 
HETATM 1453 O  O   . HOH I 7 .   ? 10.912  1.316   1.822   1.00 36.53 ? 990  HOH A O   1 
HETATM 1454 O  O   . HOH I 7 .   ? -3.374  0.591   27.507  1.00 23.42 ? 991  HOH A O   1 
HETATM 1455 O  O   . HOH I 7 .   ? 6.051   -14.268 -0.016  1.00 25.50 ? 992  HOH A O   1 
HETATM 1456 O  O   . HOH I 7 .   ? -15.446 1.316   10.103  1.00 30.10 ? 993  HOH A O   1 
HETATM 1457 O  O   . HOH I 7 .   ? -9.219  -5.516  20.316  1.00 22.16 ? 994  HOH A O   1 
HETATM 1458 O  O   . HOH I 7 .   ? -0.270  -14.956 -11.894 1.00 39.50 ? 995  HOH A O   1 
HETATM 1459 O  O   . HOH I 7 .   ? -0.586  -11.362 18.275  1.00 24.73 ? 996  HOH A O   1 
HETATM 1460 O  O   . HOH I 7 .   ? -2.325  -12.600 15.117  1.00 23.09 ? 997  HOH A O   1 
HETATM 1461 O  O   . HOH I 7 .   ? -4.938  -6.015  -16.221 1.00 23.11 ? 998  HOH A O   1 
HETATM 1462 O  O   . HOH I 7 .   ? 3.721   -12.973 -0.348  1.00 22.02 ? 999  HOH A O   1 
HETATM 1463 O  O   . HOH I 7 .   ? 10.375  -12.363 7.289   1.00 29.60 ? 1000 HOH A O   1 
HETATM 1464 O  O   . HOH I 7 .   ? 9.723   -13.395 13.345  1.00 20.92 ? 1001 HOH A O   1 
HETATM 1465 O  O   . HOH I 7 .   ? -5.058  -7.116  8.402   1.00 22.17 ? 1002 HOH A O   1 
HETATM 1466 O  O   . HOH I 7 .   ? 14.576  3.049   -16.742 1.00 31.83 ? 1003 HOH A O   1 
HETATM 1467 O  O   . HOH I 7 .   ? -8.581  -8.180  -12.551 1.00 25.03 ? 1004 HOH A O   1 
HETATM 1468 O  O   . HOH I 7 .   ? 10.481  -12.578 19.154  1.00 28.29 ? 1005 HOH A O   1 
HETATM 1469 O  O   . HOH I 7 .   ? 0.495   -8.447  4.301   1.00 22.69 ? 1006 HOH A O   1 
HETATM 1470 O  O   . HOH I 7 .   ? -12.104 -0.218  8.414   1.00 28.39 ? 1007 HOH A O   1 
HETATM 1471 O  O   . HOH I 7 .   ? -3.200  -15.271 -8.901  1.00 29.89 ? 1008 HOH A O   1 
HETATM 1472 O  O   . HOH I 7 .   ? 0.920   11.223  -21.788 1.00 23.93 ? 1009 HOH A O   1 
HETATM 1473 O  O   . HOH I 7 .   ? 2.693   15.411  -14.586 1.00 24.05 ? 1010 HOH A O   1 
HETATM 1474 O  O   . HOH I 7 .   ? 12.057  -12.533 9.370   1.00 35.54 ? 1011 HOH A O   1 
HETATM 1475 O  O   . HOH I 7 .   ? 3.706   17.284  -11.055 1.00 38.40 ? 1012 HOH A O   1 
HETATM 1476 O  O   . HOH I 7 .   ? 5.989   6.707   -29.584 1.00 40.13 ? 1013 HOH A O   1 
HETATM 1477 O  O   . HOH I 7 .   ? 0.511   10.893  7.704   1.00 31.64 ? 1014 HOH A O   1 
HETATM 1478 O  O   . HOH I 7 .   ? 5.058   10.833  4.105   1.00 22.89 ? 1015 HOH A O   1 
HETATM 1479 O  O   . HOH I 7 .   ? 0.612   8.758   24.701  1.00 34.36 ? 1016 HOH A O   1 
HETATM 1480 O  O   . HOH I 7 .   ? 5.380   -15.358 -13.243 1.00 25.09 ? 1017 HOH A O   1 
HETATM 1481 O  O   . HOH I 7 .   ? 9.161   16.903  -10.000 1.00 32.75 ? 1018 HOH A O   1 
HETATM 1482 O  O   . HOH I 7 .   ? 8.081   3.752   -22.069 1.00 27.25 ? 1019 HOH A O   1 
HETATM 1483 O  O   . HOH I 7 .   ? -5.794  -6.253  -22.091 1.00 37.36 ? 1020 HOH A O   1 
HETATM 1484 O  O   . HOH I 7 .   ? -1.445  10.433  -23.270 1.00 29.36 ? 1021 HOH A O   1 
HETATM 1485 O  O   . HOH I 7 .   ? 11.682  14.870  -0.397  1.00 38.28 ? 1022 HOH A O   1 
HETATM 1486 O  O   . HOH I 7 .   ? -0.997  -7.296  2.579   1.00 29.85 ? 1023 HOH A O   1 
HETATM 1487 O  O   . HOH I 7 .   ? 4.914   -5.403  25.361  1.00 51.96 ? 1024 HOH A O   1 
HETATM 1488 O  O   . HOH I 7 .   ? 6.205   1.206   10.436  1.00 29.24 ? 1025 HOH A O   1 
HETATM 1489 O  O   . HOH I 7 .   ? -15.714 -1.766  0.108   1.00 29.65 ? 1026 HOH A O   1 
HETATM 1490 O  O   . HOH I 7 .   ? -1.502  -9.998  5.153   1.00 24.06 ? 1027 HOH A O   1 
HETATM 1491 O  O   . HOH I 7 .   ? 2.586   5.766   13.220  1.00 16.81 ? 1028 HOH A O   1 
HETATM 1492 O  O   . HOH I 7 .   ? 8.608   -0.119  24.631  1.00 27.36 ? 1029 HOH A O   1 
HETATM 1493 O  O   . HOH I 7 .   ? -2.731  -6.904  -18.015 1.00 15.30 ? 1030 HOH A O   1 
HETATM 1494 O  O   . HOH I 7 .   ? 3.409   -4.995  -23.701 1.00 23.34 ? 1031 HOH A O   1 
HETATM 1495 O  O   . HOH I 7 .   ? -7.172  -13.390 -9.116  1.00 26.97 ? 1032 HOH A O   1 
HETATM 1496 O  O   . HOH I 7 .   ? -1.974  -8.608  -14.211 1.00 15.99 ? 1033 HOH A O   1 
HETATM 1497 O  O   . HOH I 7 .   ? -1.334  -9.701  20.181  1.00 33.81 ? 1034 HOH A O   1 
HETATM 1498 O  O   . HOH I 7 .   ? 6.483   -2.422  24.615  1.00 35.40 ? 1035 HOH A O   1 
HETATM 1499 O  O   . HOH I 7 .   ? -12.432 5.411   13.131  1.00 29.09 ? 1036 HOH A O   1 
HETATM 1500 O  O   . HOH I 7 .   ? -6.709  -10.604 15.000  1.00 31.43 ? 1037 HOH A O   1 
HETATM 1501 O  O   . HOH I 7 .   ? 10.227  -8.118  -20.733 1.00 25.32 ? 1038 HOH A O   1 
HETATM 1502 O  O   . HOH I 7 .   ? -10.205 2.762   21.071  1.00 26.85 ? 1039 HOH A O   1 
HETATM 1503 O  O   . HOH I 7 .   ? 13.450  11.436  -6.403  1.00 47.44 ? 1040 HOH A O   1 
HETATM 1504 O  O   . HOH I 7 .   ? 6.393   -10.707 23.682  1.00 49.23 ? 1041 HOH A O   1 
HETATM 1505 O  O   . HOH I 7 .   ? 12.436  -12.678 -4.341  1.00 32.83 ? 1042 HOH A O   1 
HETATM 1506 O  O   . HOH I 7 .   ? 7.353   -16.175 -6.919  1.00 27.86 ? 1043 HOH A O   1 
HETATM 1507 O  O   . HOH I 7 .   ? -13.443 -2.480  8.402   1.00 28.23 ? 1044 HOH A O   1 
HETATM 1508 O  O   . HOH I 7 .   ? -7.116  -2.923  23.305  1.00 25.88 ? 1045 HOH A O   1 
HETATM 1509 O  O   . HOH I 7 .   ? 0.586   -1.152  -27.442 1.00 27.55 ? 1046 HOH A O   1 
HETATM 1510 O  O   . HOH I 7 .   ? -9.878  -8.106  3.207   1.00 24.47 ? 1047 HOH A O   1 
HETATM 1511 O  O   . HOH I 7 .   ? 5.092   7.660   0.189   1.00 29.23 ? 1048 HOH A O   1 
HETATM 1512 O  O   . HOH I 7 .   ? -8.271  -0.916  24.627  1.00 27.48 ? 1049 HOH A O   1 
HETATM 1513 O  O   . HOH I 7 .   ? 8.378   -13.707 1.562   1.00 23.80 ? 1050 HOH A O   1 
HETATM 1514 O  O   . HOH I 7 .   ? 6.359   -3.121  27.513  1.00 38.22 ? 1051 HOH A O   1 
HETATM 1515 O  O   . HOH I 7 .   ? 13.135  -10.268 21.876  1.00 42.45 ? 1052 HOH A O   1 
HETATM 1516 O  O   . HOH I 7 .   ? -7.944  1.928   23.534  1.00 28.21 ? 1053 HOH A O   1 
HETATM 1517 O  O   . HOH I 7 .   ? 8.908   10.321  -13.282 1.00 43.45 ? 1054 HOH A O   1 
HETATM 1518 O  O   . HOH I 7 .   ? -8.903  -4.952  22.965  1.00 23.57 ? 1055 HOH A O   1 
HETATM 1519 O  O   . HOH I 7 .   ? -10.950 -1.386  24.696  1.00 30.12 ? 1056 HOH A O   1 
HETATM 1520 O  O   . HOH I 7 .   ? -12.818 -7.122  2.797   1.00 29.62 ? 1057 HOH A O   1 
HETATM 1521 O  O   . HOH I 7 .   ? 5.801   0.242   25.768  1.00 23.89 ? 1058 HOH A O   1 
HETATM 1522 O  O   . HOH I 7 .   ? 8.089   9.432   -16.840 1.00 36.17 ? 1059 HOH A O   1 
HETATM 1523 O  O   . HOH I 7 .   ? 2.285   -4.081  22.547  1.00 35.85 ? 1060 HOH A O   1 
HETATM 1524 O  O   . HOH I 7 .   ? -16.691 -0.502  -15.449 1.00 31.82 ? 1061 HOH A O   1 
HETATM 1525 O  O   . HOH I 7 .   ? 1.702   7.515   -25.224 1.00 28.72 ? 1062 HOH A O   1 
HETATM 1526 O  O   . HOH I 7 .   ? -6.223  9.137   11.967  1.00 29.95 ? 1063 HOH A O   1 
HETATM 1527 O  O   . HOH I 7 .   ? 6.951   -6.594  -23.309 1.00 40.51 ? 1064 HOH A O   1 
HETATM 1528 O  O   . HOH I 7 .   ? -16.313 -6.444  -11.626 1.00 38.08 ? 1065 HOH A O   1 
HETATM 1529 O  O   . HOH I 7 .   ? -7.376  -2.223  27.406  1.00 38.94 ? 1066 HOH A O   1 
HETATM 1530 O  O   . HOH I 7 .   ? 4.121   2.682   26.231  1.00 34.40 ? 1067 HOH A O   1 
HETATM 1531 O  O   . HOH I 7 .   ? 11.338  -10.422 10.753  1.00 35.93 ? 1068 HOH A O   1 
HETATM 1532 O  O   . HOH I 7 .   ? -14.695 2.380   13.877  1.00 44.05 ? 1069 HOH A O   1 
HETATM 1533 O  O   . HOH I 7 .   ? -1.020  6.406   27.380  1.00 30.22 ? 1070 HOH A O   1 
HETATM 1534 O  O   . HOH I 7 .   ? -16.631 1.880   -14.174 1.00 30.81 ? 1071 HOH A O   1 
HETATM 1535 O  O   . HOH I 7 .   ? -12.785 1.807   20.905  1.00 49.55 ? 1072 HOH A O   1 
HETATM 1536 O  O   . HOH I 7 .   ? -7.091  -9.299  0.621   1.00 34.08 ? 1073 HOH A O   1 
HETATM 1537 O  O   . HOH I 7 .   ? -19.196 1.731   -13.127 1.00 29.92 ? 1074 HOH A O   1 
HETATM 1538 O  O   . HOH I 7 .   ? -15.168 -2.361  5.825   1.00 41.97 ? 1075 HOH A O   1 
HETATM 1539 O  O   . HOH I 7 .   ? -15.683 -0.043  -18.186 1.00 39.88 ? 1076 HOH A O   1 
HETATM 1540 O  O   . HOH I 7 .   ? 8.068   11.975  -15.269 1.00 35.28 ? 1077 HOH A O   1 
HETATM 1541 O  O   . HOH I 7 .   ? -4.202  -10.830 14.280  1.00 34.76 ? 1078 HOH A O   1 
HETATM 1542 O  O   . HOH I 7 .   ? -11.541 -8.059  10.439  1.00 42.17 ? 1079 HOH A O   1 
HETATM 1543 O  O   . HOH I 7 .   ? 10.377  -5.630  -19.793 1.00 37.58 ? 1080 HOH A O   1 
HETATM 1544 O  O   . HOH I 7 .   ? -4.742  -3.777  27.031  1.00 34.42 ? 1081 HOH A O   1 
HETATM 1545 O  O   . HOH I 7 .   ? -2.877  17.113  -12.053 1.00 38.41 ? 1082 HOH A O   1 
HETATM 1546 O  O   . HOH I 7 .   ? 13.519  -13.364 17.319  1.00 32.58 ? 1083 HOH A O   1 
HETATM 1547 O  O   . HOH I 7 .   ? 14.143  -6.298  20.869  1.00 40.71 ? 1084 HOH A O   1 
HETATM 1548 O  O   . HOH I 7 .   ? 0.193   -3.739  -26.634 1.00 35.48 ? 1085 HOH A O   1 
HETATM 1549 O  O   . HOH I 7 .   ? 0.457   -11.803 -16.073 1.00 38.49 ? 1086 HOH A O   1 
HETATM 1550 O  O   . HOH I 7 .   ? 14.640  -7.953  9.212   1.00 42.00 ? 1087 HOH A O   1 
HETATM 1551 O  O   . HOH I 7 .   ? -3.236  -8.795  2.749   1.00 39.24 ? 1088 HOH A O   1 
HETATM 1552 O  O   . HOH I 7 .   ? 4.698   1.747   13.516  1.00 37.39 ? 1089 HOH A O   1 
HETATM 1553 O  O   . HOH I 7 .   ? -11.177 -4.356  -20.057 1.00 42.85 ? 1090 HOH A O   1 
HETATM 1554 O  O   . HOH I 7 .   ? 4.992   16.082  -15.958 1.00 35.19 ? 1091 HOH A O   1 
HETATM 1555 O  O   . HOH I 7 .   ? -7.452  3.238   26.084  1.00 47.82 ? 1092 HOH A O   1 
HETATM 1556 O  O   . HOH I 7 .   ? -19.279 3.007   0.552   1.00 42.16 ? 1093 HOH A O   1 
HETATM 1557 O  O   . HOH I 7 .   ? 7.868   8.371   -26.712 1.00 51.43 ? 1094 HOH A O   1 
HETATM 1558 O  O   . HOH I 7 .   ? 0.753   -4.470  -24.121 1.00 18.52 ? 1095 HOH A O   1 
HETATM 1559 O  O   . HOH I 7 .   ? -0.959  -6.546  -24.159 1.00 33.22 ? 1096 HOH A O   1 
HETATM 1560 O  O   . HOH I 7 .   ? -2.010  -10.131 -0.758  1.00 19.18 ? 1097 HOH A O   1 
HETATM 1561 O  O   . HOH I 7 .   ? 5.557   6.102   23.688  1.00 31.72 ? 1098 HOH A O   1 
HETATM 1562 O  O   . HOH I 7 .   ? 11.104  -1.037  0.440   1.00 69.88 ? 1099 HOH A O   1 
HETATM 1563 O  O   . HOH I 7 .   ? 0.713   -9.689  -17.702 1.00 16.29 ? 1100 HOH A O   1 
HETATM 1564 O  O   . HOH I 7 .   ? 8.299   7.999   -14.550 1.00 49.45 ? 1101 HOH A O   1 
HETATM 1565 O  O   . HOH I 7 .   ? -14.475 -0.537  3.844   1.00 20.59 ? 1102 HOH A O   1 
HETATM 1566 O  O   . HOH I 7 .   ? -12.574 1.630   4.230   1.00 22.07 ? 1103 HOH A O   1 
HETATM 1567 O  O   . HOH I 7 .   ? -13.946 -4.599  3.164   1.00 26.58 ? 1104 HOH A O   1 
HETATM 1568 O  O   . HOH I 7 .   ? 2.237   7.447   9.449   1.00 24.46 ? 1105 HOH A O   1 
HETATM 1569 O  O   . HOH I 7 .   ? -2.678  17.070  -9.382  1.00 41.84 ? 1106 HOH A O   1 
HETATM 1570 O  O   . HOH I 7 .   ? -15.614 4.298   -15.190 1.00 34.82 ? 1107 HOH A O   1 
HETATM 1571 O  O   . HOH I 7 .   ? 10.976  -3.617  -21.450 1.00 39.10 ? 1108 HOH A O   1 
HETATM 1572 O  O   . HOH I 7 .   ? 0.802   4.352   28.525  1.00 35.76 ? 1109 HOH A O   1 
HETATM 1573 O  O   . HOH I 7 .   ? -13.144 -1.450  -17.984 1.00 32.70 ? 1110 HOH A O   1 
HETATM 1574 O  O   . HOH I 7 .   ? 8.711   1.277   3.142   1.00 38.88 ? 1111 HOH A O   1 
HETATM 1575 O  O   . HOH I 7 .   ? -14.973 3.020   -18.063 1.00 47.90 ? 1112 HOH A O   1 
HETATM 1576 O  O   . HOH I 7 .   ? -17.000 0.143   3.009   1.00 36.92 ? 1113 HOH A O   1 
HETATM 1577 O  O   . HOH I 7 .   ? -15.799 -5.116  1.157   1.00 45.36 ? 1114 HOH A O   1 
HETATM 1578 O  O   . HOH I 7 .   ? 14.431  4.853   -3.022  1.00 53.00 ? 1115 HOH A O   1 
HETATM 1579 O  O   . HOH I 7 .   ? -0.465  -10.194 -20.191 1.00 37.32 ? 1116 HOH A O   1 
HETATM 1580 O  O   . HOH I 7 .   ? 3.845   -10.595 -20.360 1.00 29.64 ? 1117 HOH A O   1 
HETATM 1581 O  O   . HOH I 7 .   ? 1.342   -10.139 -22.562 1.00 49.33 ? 1118 HOH A O   1 
HETATM 1582 O  O   . HOH I 7 .   ? 9.210   16.848  -13.527 1.00 43.93 ? 1119 HOH A O   1 
HETATM 1583 O  O   . HOH I 7 .   ? -21.167 1.979   2.284   1.00 49.24 ? 1120 HOH A O   1 
HETATM 1584 O  O   . HOH I 7 .   ? -11.084 1.299   6.432   1.00 22.36 ? 1121 HOH A O   1 
HETATM 1585 O  O   . HOH I 7 .   ? 1.906   -15.912 -10.896 1.00 25.66 ? 1122 HOH A O   1 
HETATM 1586 O  O   . HOH I 7 .   ? 9.487   5.736   -23.322 1.00 47.19 ? 1123 HOH A O   1 
HETATM 1587 O  O   . HOH I 7 .   ? -4.227  -9.406  7.286   1.00 28.53 ? 1124 HOH A O   1 
HETATM 1588 O  O   . HOH I 7 .   ? -9.524  8.106   16.063  1.00 22.90 ? 1125 HOH A O   1 
HETATM 1589 O  O   . HOH I 7 .   ? -4.774  10.584  13.481  1.00 25.68 ? 1126 HOH A O   1 
HETATM 1590 O  O   . HOH I 7 .   ? -15.549 8.035   -3.738  1.00 23.86 ? 1127 HOH A O   1 
HETATM 1591 O  O   . HOH I 7 .   ? 9.162   8.035   -11.858 1.00 28.88 ? 1128 HOH A O   1 
HETATM 1592 O  O   . HOH I 7 .   ? -9.031  -9.236  7.644   1.00 25.31 ? 1129 HOH A O   1 
HETATM 1593 O  O   . HOH I 7 .   ? 4.891   -11.416 -16.526 1.00 23.19 ? 1130 HOH A O   1 
HETATM 1594 O  O   . HOH I 7 .   ? 2.958   -13.558 17.739  1.00 30.54 ? 1131 HOH A O   1 
HETATM 1595 O  O   . HOH I 7 .   ? 2.161   -14.833 13.845  1.00 33.53 ? 1132 HOH A O   1 
HETATM 1596 O  O   . HOH I 7 .   ? -6.217  6.431   19.266  1.00 24.41 ? 1133 HOH A O   1 
HETATM 1597 O  O   . HOH I 7 .   ? 7.073   1.070   13.435  1.00 31.06 ? 1134 HOH A O   1 
HETATM 1598 O  O   . HOH I 7 .   ? 5.194   3.703   10.882  1.00 24.00 ? 1135 HOH A O   1 
HETATM 1599 O  O   . HOH I 7 .   ? 6.912   5.622   1.061   1.00 34.18 ? 1136 HOH A O   1 
HETATM 1600 O  O   . HOH I 7 .   ? -8.418  5.955   17.952  1.00 28.25 ? 1137 HOH A O   1 
HETATM 1601 O  O   . HOH I 7 .   ? 12.791  -12.530 6.185   1.00 41.85 ? 1138 HOH A O   1 
HETATM 1602 O  O   . HOH I 7 .   ? 10.212  -0.706  6.907   1.00 31.80 ? 1139 HOH A O   1 
HETATM 1603 O  O   . HOH I 7 .   ? -3.203  -4.784  -25.692 1.00 29.68 ? 1140 HOH A O   1 
HETATM 1604 O  O   . HOH I 7 .   ? -11.571 -8.719  5.782   1.00 40.72 ? 1141 HOH A O   1 
HETATM 1605 O  O   . HOH I 7 .   ? -8.475  -9.404  -10.228 1.00 28.50 ? 1142 HOH A O   1 
HETATM 1606 O  O   . HOH I 7 .   ? -3.474  -14.450 16.611  1.00 33.72 ? 1143 HOH A O   1 
HETATM 1607 O  O   . HOH I 7 .   ? -14.689 6.062   14.546  1.00 30.95 ? 1144 HOH A O   1 
HETATM 1608 O  O   . HOH I 7 .   ? 7.389   1.614   7.581   1.00 45.75 ? 1145 HOH A O   1 
HETATM 1609 O  O   . HOH I 7 .   ? -2.543  -7.238  -22.188 1.00 40.65 ? 1146 HOH A O   1 
HETATM 1610 O  O   . HOH I 7 .   ? -3.373  -8.168  26.793  1.00 36.45 ? 1147 HOH A O   1 
HETATM 1611 O  O   . HOH I 7 .   ? -8.812  -8.339  19.639  1.00 33.82 ? 1148 HOH A O   1 
HETATM 1612 O  O   . HOH I 7 .   ? 9.627   -15.296 6.624   1.00 27.92 ? 1149 HOH A O   1 
HETATM 1613 O  O   . HOH I 7 .   ? 9.911   -1.230  9.429   1.00 29.93 ? 1150 HOH A O   1 
HETATM 1614 O  O   . HOH I 7 .   ? -4.040  6.221   23.314  1.00 34.10 ? 1151 HOH A O   1 
HETATM 1615 O  O   . HOH I 7 .   ? -0.621  15.278  5.273   1.00 66.38 ? 1152 HOH A O   1 
HETATM 1616 O  O   . HOH I 7 .   ? 9.817   -4.239  -5.685  1.00 34.28 ? 1153 HOH A O   1 
HETATM 1617 O  O   . HOH I 7 .   ? 1.322   -10.301 20.382  1.00 40.04 ? 1154 HOH A O   1 
HETATM 1618 O  O   . HOH I 7 .   ? 8.311   16.919  -5.125  1.00 37.44 ? 1155 HOH A O   1 
HETATM 1619 O  O   . HOH I 7 .   ? 3.974   -11.952 -14.355 1.00 32.67 ? 1156 HOH A O   1 
HETATM 1620 O  O   . HOH I 7 .   ? 8.828   11.752  1.985   1.00 37.75 ? 1157 HOH A O   1 
HETATM 1621 O  O   . HOH I 7 .   ? 12.437  14.093  -4.379  1.00 28.96 ? 1158 HOH A O   1 
HETATM 1622 O  O   . HOH I 7 .   ? 10.267  6.840   -15.476 1.00 42.60 ? 1159 HOH A O   1 
HETATM 1623 O  O   . HOH I 7 .   ? 4.614   5.414   2.385   1.00 52.99 ? 1160 HOH A O   1 
HETATM 1624 O  O   . HOH I 7 .   ? 13.396  -8.487  23.910  1.00 47.75 ? 1161 HOH A O   1 
HETATM 1625 O  O   . HOH I 7 .   ? -7.826  -11.892 12.888  1.00 45.24 ? 1162 HOH A O   1 
HETATM 1626 O  O   . HOH I 7 .   ? 6.059   -0.529  28.348  1.00 49.28 ? 1163 HOH A O   1 
HETATM 1627 O  O   . HOH I 7 .   ? 2.962   -3.533  25.256  1.00 36.21 ? 1164 HOH A O   1 
HETATM 1628 O  O   . HOH I 7 .   ? 11.152  6.315   -5.806  1.00 45.19 ? 1165 HOH A O   1 
HETATM 1629 O  O   . HOH I 7 .   ? 7.233   -6.844  25.369  1.00 57.08 ? 1166 HOH A O   1 
HETATM 1630 O  O   . HOH I 7 .   ? -14.474 -8.321  -10.371 1.00 48.00 ? 1167 HOH A O   1 
HETATM 1631 O  O   . HOH I 7 .   ? 1.433   -14.370 -14.816 1.00 44.40 ? 1168 HOH A O   1 
HETATM 1632 O  O   . HOH I 7 .   ? 6.978   9.841   -24.224 1.00 46.61 ? 1169 HOH A O   1 
HETATM 1633 O  O   . HOH I 7 .   ? -1.425  11.611  8.937   1.00 23.81 ? 1170 HOH A O   1 
HETATM 1634 O  O   . HOH I 7 .   ? -4.163  5.031   16.986  1.00 28.99 ? 1171 HOH A O   1 
HETATM 1635 O  O   . HOH I 7 .   ? 15.142  -4.689  11.720  1.00 44.42 ? 1172 HOH A O   1 
HETATM 1636 O  O   . HOH I 7 .   ? -9.692  5.255   20.138  1.00 46.49 ? 1173 HOH A O   1 
HETATM 1637 O  O   . HOH I 7 .   ? -9.750  -9.492  17.383  1.00 36.01 ? 1174 HOH A O   1 
HETATM 1638 O  O   . HOH I 7 .   ? 8.435   -6.806  28.009  1.00 41.77 ? 1175 HOH A O   1 
HETATM 1639 O  O   . HOH I 7 .   ? -10.086 -12.279 17.771  1.00 38.10 ? 1176 HOH A O   1 
# 
loop_
_pdbx_poly_seq_scheme.asym_id 
_pdbx_poly_seq_scheme.entity_id 
_pdbx_poly_seq_scheme.seq_id 
_pdbx_poly_seq_scheme.mon_id 
_pdbx_poly_seq_scheme.ndb_seq_num 
_pdbx_poly_seq_scheme.pdb_seq_num 
_pdbx_poly_seq_scheme.auth_seq_num 
_pdbx_poly_seq_scheme.pdb_mon_id 
_pdbx_poly_seq_scheme.auth_mon_id 
_pdbx_poly_seq_scheme.pdb_strand_id 
_pdbx_poly_seq_scheme.pdb_ins_code 
_pdbx_poly_seq_scheme.hetero 
A 1 1   MSE 1   1   1   MSE MSE A . n 
A 1 2   ASN 2   2   2   ASN ASN A . n 
A 1 3   ILE 3   3   3   ILE ILE A . n 
A 1 4   PHE 4   4   4   PHE PHE A . n 
A 1 5   GLU 5   5   5   GLU GLU A . n 
A 1 6   MSE 6   6   6   MSE MSE A . n 
A 1 7   LEU 7   7   7   LEU LEU A . n 
A 1 8   ARG 8   8   8   ARG ARG A . n 
A 1 9   ILE 9   9   9   ILE ILE A . n 
A 1 10  ASP 10  10  10  ASP ASP A . n 
A 1 11  GLU 11  11  11  GLU GLU A . n 
A 1 12  GLY 12  12  12  GLY GLY A . n 
A 1 13  LEU 13  13  13  LEU LEU A . n 
A 1 14  ARG 14  14  14  ARG ARG A . n 
A 1 15  LEU 15  15  15  LEU LEU A . n 
A 1 16  LYS 16  16  16  LYS LYS A . n 
A 1 17  ILE 17  17  17  ILE ILE A . n 
A 1 18  TYR 18  18  18  TYR TYR A . n 
A 1 19  LYS 19  19  19  LYS LYS A . n 
A 1 20  ASP 20  20  20  ASP ASP A . n 
A 1 21  THR 21  21  21  THR THR A . n 
A 1 22  GLU 22  22  22  GLU GLU A . n 
A 1 23  GLY 23  23  23  GLY GLY A . n 
A 1 24  TYR 24  24  24  TYR TYR A . n 
A 1 25  TYR 25  25  25  TYR TYR A . n 
A 1 26  THR 26  26  26  THR THR A . n 
A 1 27  ILE 27  27  27  ILE ILE A . n 
A 1 28  GLY 28  28  28  GLY GLY A . n 
A 1 29  ILE 29  29  29  ILE ILE A . n 
A 1 30  GLY 30  30  30  GLY GLY A . n 
A 1 31  HIS 31  31  31  HIS HIS A . n 
A 1 32  LEU 32  32  32  LEU LEU A . n 
A 1 33  LEU 33  33  33  LEU LEU A . n 
A 1 34  THR 34  34  34  THR THR A . n 
A 1 35  LYS 35  35  35  LYS LYS A . n 
A 1 36  SER 36  36  36  SER SER A . n 
A 1 37  PRO 37  37  37  PRO PRO A . n 
A 1 38  SER 38  38  38  SER SER A . n 
A 1 39  LEU 39  39  39  LEU LEU A . n 
A 1 40  ASN 40  40  40  ASN ASN A . n 
A 1 41  ALA 41  41  41  ALA ALA A . n 
A 1 42  ALA 42  42  42  ALA ALA A . n 
A 1 43  LYS 43  43  43  LYS LYS A . n 
A 1 44  SER 44  44  44  SER SER A . n 
A 1 45  GLU 45  45  45  GLU GLU A . n 
A 1 46  LEU 46  46  46  LEU LEU A . n 
A 1 47  ASP 47  47  47  ASP ASP A . n 
A 1 48  LYS 48  48  48  LYS LYS A . n 
A 1 49  ALA 49  49  49  ALA ALA A . n 
A 1 50  ILE 50  50  50  ILE ILE A . n 
A 1 51  GLY 51  51  51  GLY GLY A . n 
A 1 52  ARG 52  52  52  ARG ARG A . n 
A 1 53  ASN 53  53  53  ASN ASN A . n 
A 1 54  THR 54  54  54  THR THR A . n 
A 1 55  ASN 55  55  55  ASN ASN A . n 
A 1 56  GLY 56  56  56  GLY GLY A . n 
A 1 57  VAL 57  57  57  VAL VAL A . n 
A 1 58  ILE 58  58  58  ILE ILE A . n 
A 1 59  THR 59  59  59  THR THR A . n 
A 1 60  LYS 60  60  60  LYS LYS A . n 
A 1 61  ASP 61  61  61  ASP ASP A . n 
A 1 62  GLU 62  62  62  GLU GLU A . n 
A 1 63  ALA 63  63  63  ALA ALA A . n 
A 1 64  GLU 64  64  64  GLU GLU A . n 
A 1 65  LYS 65  65  65  LYS LYS A . n 
A 1 66  LEU 66  66  66  LEU LEU A . n 
A 1 67  PHE 67  67  67  PHE PHE A . n 
A 1 68  ASN 68  68  68  ASN ASN A . n 
A 1 69  GLN 69  69  69  GLN GLN A . n 
A 1 70  ASP 70  70  70  ASP ASP A . n 
A 1 71  VAL 71  71  71  VAL VAL A . n 
A 1 72  ASP 72  72  72  ASP ASP A . n 
A 1 73  ALA 73  73  73  ALA ALA A . n 
A 1 74  ALA 74  74  74  ALA ALA A . n 
A 1 75  VAL 75  75  75  VAL VAL A . n 
A 1 76  ARG 76  76  76  ARG ARG A . n 
A 1 77  GLY 77  77  77  GLY GLY A . n 
A 1 78  ILE 78  78  78  ILE ILE A . n 
A 1 79  LEU 79  79  79  LEU LEU A . n 
A 1 80  ARG 80  80  80  ARG ARG A . n 
A 1 81  ASN 81  81  81  ASN ASN A . n 
A 1 82  ALA 82  82  82  ALA ALA A . n 
A 1 83  LYS 83  83  83  LYS LYS A . n 
A 1 84  LEU 84  84  84  LEU LEU A . n 
A 1 85  LYS 85  85  85  LYS LYS A . n 
A 1 86  PRO 86  86  86  PRO PRO A . n 
A 1 87  VAL 87  87  87  VAL VAL A . n 
A 1 88  TYR 88  88  88  TYR TYR A . n 
A 1 89  ASP 89  89  89  ASP ASP A . n 
A 1 90  SER 90  90  90  SER SER A . n 
A 1 91  LEU 91  91  91  LEU LEU A . n 
A 1 92  ASP 92  92  92  ASP ASP A . n 
A 1 93  ALA 93  93  93  ALA ALA A . n 
A 1 94  VAL 94  94  94  VAL VAL A . n 
A 1 95  ARG 95  95  95  ARG ARG A . n 
A 1 96  ARG 96  96  96  ARG ARG A . n 
A 1 97  ALA 97  97  97  ALA ALA A . n 
A 1 98  ALA 98  98  98  ALA ALA A . n 
A 1 99  ALA 99  99  99  ALA ALA A . n 
A 1 100 ILE 100 100 100 ILE ILE A . n 
A 1 101 ASN 101 101 101 ASN ASN A . n 
A 1 102 MSE 102 102 102 MSE MSE A . n 
A 1 103 VAL 103 103 103 VAL VAL A . n 
A 1 104 PHE 104 104 104 PHE PHE A . n 
A 1 105 GLN 105 105 105 GLN GLN A . n 
A 1 106 MSE 106 106 106 MSE MSE A . n 
A 1 107 GLY 107 107 107 GLY GLY A . n 
A 1 108 GLU 108 108 108 GLU GLU A . n 
A 1 109 THR 109 109 109 THR THR A . n 
A 1 110 GLY 110 110 110 GLY GLY A . n 
A 1 111 VAL 111 111 111 VAL VAL A . n 
A 1 112 ALA 112 112 112 ALA ALA A . n 
A 1 113 GLY 113 113 113 GLY GLY A . n 
A 1 114 PHE 114 114 114 PHE PHE A . n 
A 1 115 THR 115 115 115 THR THR A . n 
A 1 116 ASN 116 116 116 ASN ASN A . n 
A 1 117 SER 117 117 117 SER SER A . n 
A 1 118 LEU 118 118 118 LEU LEU A . n 
A 1 119 ARG 119 119 119 ARG ARG A . n 
A 1 120 MSE 120 120 120 MSE MSE A . n 
A 1 121 LEU 121 121 121 LEU LEU A . n 
A 1 122 GLN 122 122 122 GLN GLN A . n 
A 1 123 GLN 123 123 123 GLN GLN A . n 
A 1 124 LYS 124 124 124 LYS LYS A . n 
A 1 125 ARG 125 125 125 ARG ARG A . n 
A 1 126 TRP 126 126 126 TRP TRP A . n 
A 1 127 ASP 127 127 127 ASP ASP A . n 
A 1 128 GLU 128 128 128 GLU GLU A . n 
A 1 129 ALA 129 129 129 ALA ALA A . n 
A 1 130 ALA 130 130 130 ALA ALA A . n 
A 1 131 VAL 131 131 131 VAL VAL A . n 
A 1 132 ASN 132 132 132 ASN ASN A . n 
A 1 133 LEU 133 133 133 LEU LEU A . n 
A 1 134 ALA 134 134 134 ALA ALA A . n 
A 1 135 LYS 135 135 135 LYS LYS A . n 
A 1 136 SER 136 136 136 SER SER A . n 
A 1 137 ARG 137 137 137 ARG ARG A . n 
A 1 138 TRP 138 138 138 TRP TRP A . n 
A 1 139 TYR 139 139 139 TYR TYR A . n 
A 1 140 ASN 140 140 140 ASN ASN A . n 
A 1 141 GLN 141 141 141 GLN GLN A . n 
A 1 142 THR 142 142 142 THR THR A . n 
A 1 143 PRO 143 143 143 PRO PRO A . n 
A 1 144 ASN 144 144 144 ASN ASN A . n 
A 1 145 ARG 145 145 145 ARG ARG A . n 
A 1 146 ALA 146 146 146 ALA ALA A . n 
A 1 147 LYS 147 147 147 LYS LYS A . n 
A 1 148 ARG 148 148 148 ARG ARG A . n 
A 1 149 VAL 149 149 149 VAL VAL A . n 
A 1 150 ILE 150 150 150 ILE ILE A . n 
A 1 151 THR 151 151 151 THR THR A . n 
A 1 152 THR 152 152 152 THR THR A . n 
A 1 153 PHE 153 153 153 PHE PHE A . n 
A 1 154 ARG 154 154 154 ARG ARG A . n 
A 1 155 THR 155 155 155 THR THR A . n 
A 1 156 GLY 156 156 156 GLY GLY A . n 
A 1 157 THR 157 157 157 THR THR A . n 
A 1 158 TRP 158 158 158 TRP TRP A . n 
A 1 159 ASP 159 159 159 ASP ASP A . n 
A 1 160 ALA 160 160 160 ALA ALA A . n 
A 1 161 TYR 161 161 161 TYR TYR A . n 
A 1 162 LYS 162 162 162 LYS LYS A . n 
A 1 163 ASN 163 163 ?   ?   ?   A . n 
A 1 164 LEU 164 164 ?   ?   ?   A . n 
# 
loop_
_pdbx_nonpoly_scheme.asym_id 
_pdbx_nonpoly_scheme.entity_id 
_pdbx_nonpoly_scheme.mon_id 
_pdbx_nonpoly_scheme.ndb_seq_num 
_pdbx_nonpoly_scheme.pdb_seq_num 
_pdbx_nonpoly_scheme.auth_seq_num 
_pdbx_nonpoly_scheme.pdb_mon_id 
_pdbx_nonpoly_scheme.auth_mon_id 
_pdbx_nonpoly_scheme.pdb_strand_id 
_pdbx_nonpoly_scheme.pdb_ins_code 
B 2 PO4 1   901  901 PO4 PO4 A . 
C 3 CL  1   902  902 CL  CL  A . 
D 4 HED 1   903  903 HED HED A . 
E 4 HED 1   904  904 HED HED A . 
F 5 BME 1   905  905 BME BME A . 
G 4 HED 1   906  906 HED HED A . 
H 6 PIH 1   900  900 PIH I1B A . 
I 7 HOH 1   907  1   HOH HOH A . 
I 7 HOH 2   908  2   HOH HOH A . 
I 7 HOH 3   909  3   HOH HOH A . 
I 7 HOH 4   910  4   HOH HOH A . 
I 7 HOH 5   911  5   HOH HOH A . 
I 7 HOH 6   912  6   HOH HOH A . 
I 7 HOH 7   913  7   HOH HOH A . 
I 7 HOH 8   914  8   HOH HOH A . 
I 7 HOH 9   915  9   HOH HOH A . 
I 7 HOH 10  916  10  HOH HOH A . 
I 7 HOH 11  917  11  HOH HOH A . 
I 7 HOH 12  918  12  HOH HOH A . 
I 7 HOH 13  919  13  HOH HOH A . 
I 7 HOH 14  920  14  HOH HOH A . 
I 7 HOH 15  921  15  HOH HOH A . 
I 7 HOH 16  922  16  HOH HOH A . 
I 7 HOH 17  923  17  HOH HOH A . 
I 7 HOH 18  924  18  HOH HOH A . 
I 7 HOH 19  925  19  HOH HOH A . 
I 7 HOH 20  926  20  HOH HOH A . 
I 7 HOH 21  927  21  HOH HOH A . 
I 7 HOH 22  928  22  HOH HOH A . 
I 7 HOH 23  929  23  HOH HOH A . 
I 7 HOH 24  930  24  HOH HOH A . 
I 7 HOH 25  931  25  HOH HOH A . 
I 7 HOH 26  932  26  HOH HOH A . 
I 7 HOH 27  933  27  HOH HOH A . 
I 7 HOH 28  934  28  HOH HOH A . 
I 7 HOH 29  935  29  HOH HOH A . 
I 7 HOH 30  936  30  HOH HOH A . 
I 7 HOH 31  937  31  HOH HOH A . 
I 7 HOH 32  938  32  HOH HOH A . 
I 7 HOH 33  939  33  HOH HOH A . 
I 7 HOH 34  940  34  HOH HOH A . 
I 7 HOH 35  941  35  HOH HOH A . 
I 7 HOH 36  942  36  HOH HOH A . 
I 7 HOH 37  943  37  HOH HOH A . 
I 7 HOH 38  944  38  HOH HOH A . 
I 7 HOH 39  945  39  HOH HOH A . 
I 7 HOH 40  946  40  HOH HOH A . 
I 7 HOH 41  947  41  HOH HOH A . 
I 7 HOH 42  948  42  HOH HOH A . 
I 7 HOH 43  949  43  HOH HOH A . 
I 7 HOH 44  950  44  HOH HOH A . 
I 7 HOH 45  951  45  HOH HOH A . 
I 7 HOH 46  952  46  HOH HOH A . 
I 7 HOH 47  953  47  HOH HOH A . 
I 7 HOH 48  954  48  HOH HOH A . 
I 7 HOH 49  955  49  HOH HOH A . 
I 7 HOH 50  956  50  HOH HOH A . 
I 7 HOH 51  957  51  HOH HOH A . 
I 7 HOH 52  958  52  HOH HOH A . 
I 7 HOH 53  959  53  HOH HOH A . 
I 7 HOH 54  960  54  HOH HOH A . 
I 7 HOH 55  961  55  HOH HOH A . 
I 7 HOH 56  962  56  HOH HOH A . 
I 7 HOH 57  963  57  HOH HOH A . 
I 7 HOH 58  964  58  HOH HOH A . 
I 7 HOH 59  965  59  HOH HOH A . 
I 7 HOH 60  966  60  HOH HOH A . 
I 7 HOH 61  967  61  HOH HOH A . 
I 7 HOH 62  968  62  HOH HOH A . 
I 7 HOH 63  969  63  HOH HOH A . 
I 7 HOH 64  970  64  HOH HOH A . 
I 7 HOH 65  971  65  HOH HOH A . 
I 7 HOH 66  972  66  HOH HOH A . 
I 7 HOH 67  973  67  HOH HOH A . 
I 7 HOH 68  974  68  HOH HOH A . 
I 7 HOH 69  975  69  HOH HOH A . 
I 7 HOH 70  976  70  HOH HOH A . 
I 7 HOH 71  977  71  HOH HOH A . 
I 7 HOH 72  978  72  HOH HOH A . 
I 7 HOH 73  979  73  HOH HOH A . 
I 7 HOH 74  980  74  HOH HOH A . 
I 7 HOH 75  981  75  HOH HOH A . 
I 7 HOH 76  982  76  HOH HOH A . 
I 7 HOH 77  983  77  HOH HOH A . 
I 7 HOH 78  984  78  HOH HOH A . 
I 7 HOH 79  985  79  HOH HOH A . 
I 7 HOH 80  986  80  HOH HOH A . 
I 7 HOH 81  987  81  HOH HOH A . 
I 7 HOH 82  988  82  HOH HOH A . 
I 7 HOH 83  989  83  HOH HOH A . 
I 7 HOH 84  990  84  HOH HOH A . 
I 7 HOH 85  991  85  HOH HOH A . 
I 7 HOH 86  992  86  HOH HOH A . 
I 7 HOH 87  993  87  HOH HOH A . 
I 7 HOH 88  994  88  HOH HOH A . 
I 7 HOH 89  995  89  HOH HOH A . 
I 7 HOH 90  996  90  HOH HOH A . 
I 7 HOH 91  997  91  HOH HOH A . 
I 7 HOH 92  998  92  HOH HOH A . 
I 7 HOH 93  999  93  HOH HOH A . 
I 7 HOH 94  1000 94  HOH HOH A . 
I 7 HOH 95  1001 95  HOH HOH A . 
I 7 HOH 96  1002 96  HOH HOH A . 
I 7 HOH 97  1003 97  HOH HOH A . 
I 7 HOH 98  1004 98  HOH HOH A . 
I 7 HOH 99  1005 99  HOH HOH A . 
I 7 HOH 100 1006 100 HOH HOH A . 
I 7 HOH 101 1007 101 HOH HOH A . 
I 7 HOH 102 1008 102 HOH HOH A . 
I 7 HOH 103 1009 103 HOH HOH A . 
I 7 HOH 104 1010 104 HOH HOH A . 
I 7 HOH 105 1011 105 HOH HOH A . 
I 7 HOH 106 1012 106 HOH HOH A . 
I 7 HOH 107 1013 107 HOH HOH A . 
I 7 HOH 108 1014 108 HOH HOH A . 
I 7 HOH 109 1015 109 HOH HOH A . 
I 7 HOH 110 1016 110 HOH HOH A . 
I 7 HOH 111 1017 111 HOH HOH A . 
I 7 HOH 112 1018 112 HOH HOH A . 
I 7 HOH 113 1019 113 HOH HOH A . 
I 7 HOH 114 1020 114 HOH HOH A . 
I 7 HOH 115 1021 115 HOH HOH A . 
I 7 HOH 116 1022 116 HOH HOH A . 
I 7 HOH 117 1023 117 HOH HOH A . 
I 7 HOH 118 1024 118 HOH HOH A . 
I 7 HOH 119 1025 119 HOH HOH A . 
I 7 HOH 120 1026 120 HOH HOH A . 
I 7 HOH 121 1027 121 HOH HOH A . 
I 7 HOH 122 1028 122 HOH HOH A . 
I 7 HOH 123 1029 123 HOH HOH A . 
I 7 HOH 124 1030 124 HOH HOH A . 
I 7 HOH 125 1031 125 HOH HOH A . 
I 7 HOH 126 1032 126 HOH HOH A . 
I 7 HOH 127 1033 127 HOH HOH A . 
I 7 HOH 128 1034 128 HOH HOH A . 
I 7 HOH 129 1035 129 HOH HOH A . 
I 7 HOH 130 1036 130 HOH HOH A . 
I 7 HOH 131 1037 131 HOH HOH A . 
I 7 HOH 132 1038 132 HOH HOH A . 
I 7 HOH 133 1039 133 HOH HOH A . 
I 7 HOH 134 1040 134 HOH HOH A . 
I 7 HOH 135 1041 135 HOH HOH A . 
I 7 HOH 136 1042 136 HOH HOH A . 
I 7 HOH 137 1043 137 HOH HOH A . 
I 7 HOH 138 1044 138 HOH HOH A . 
I 7 HOH 139 1045 139 HOH HOH A . 
I 7 HOH 140 1046 140 HOH HOH A . 
I 7 HOH 141 1047 141 HOH HOH A . 
I 7 HOH 142 1048 142 HOH HOH A . 
I 7 HOH 143 1049 143 HOH HOH A . 
I 7 HOH 144 1050 144 HOH HOH A . 
I 7 HOH 145 1051 145 HOH HOH A . 
I 7 HOH 146 1052 146 HOH HOH A . 
I 7 HOH 147 1053 147 HOH HOH A . 
I 7 HOH 148 1054 148 HOH HOH A . 
I 7 HOH 149 1055 149 HOH HOH A . 
I 7 HOH 150 1056 150 HOH HOH A . 
I 7 HOH 151 1057 151 HOH HOH A . 
I 7 HOH 152 1058 152 HOH HOH A . 
I 7 HOH 153 1059 153 HOH HOH A . 
I 7 HOH 154 1060 154 HOH HOH A . 
I 7 HOH 155 1061 155 HOH HOH A . 
I 7 HOH 156 1062 156 HOH HOH A . 
I 7 HOH 157 1063 157 HOH HOH A . 
I 7 HOH 158 1064 158 HOH HOH A . 
I 7 HOH 159 1065 159 HOH HOH A . 
I 7 HOH 160 1066 160 HOH HOH A . 
I 7 HOH 161 1067 161 HOH HOH A . 
I 7 HOH 162 1068 162 HOH HOH A . 
I 7 HOH 163 1069 163 HOH HOH A . 
I 7 HOH 164 1070 164 HOH HOH A . 
I 7 HOH 165 1071 165 HOH HOH A . 
I 7 HOH 166 1072 166 HOH HOH A . 
I 7 HOH 167 1073 167 HOH HOH A . 
I 7 HOH 168 1074 168 HOH HOH A . 
I 7 HOH 169 1075 169 HOH HOH A . 
I 7 HOH 170 1076 170 HOH HOH A . 
I 7 HOH 171 1077 171 HOH HOH A . 
I 7 HOH 172 1078 172 HOH HOH A . 
I 7 HOH 173 1079 173 HOH HOH A . 
I 7 HOH 174 1080 174 HOH HOH A . 
I 7 HOH 175 1081 175 HOH HOH A . 
I 7 HOH 176 1082 176 HOH HOH A . 
I 7 HOH 177 1083 177 HOH HOH A . 
I 7 HOH 178 1084 178 HOH HOH A . 
I 7 HOH 179 1085 179 HOH HOH A . 
I 7 HOH 180 1086 180 HOH HOH A . 
I 7 HOH 181 1087 181 HOH HOH A . 
I 7 HOH 182 1088 182 HOH HOH A . 
I 7 HOH 183 1089 183 HOH HOH A . 
I 7 HOH 184 1090 184 HOH HOH A . 
I 7 HOH 185 1091 185 HOH HOH A . 
I 7 HOH 186 1092 186 HOH HOH A . 
I 7 HOH 187 1093 187 HOH HOH A . 
I 7 HOH 188 1094 188 HOH HOH A . 
I 7 HOH 189 1095 189 HOH HOH A . 
I 7 HOH 190 1096 190 HOH HOH A . 
I 7 HOH 191 1097 191 HOH HOH A . 
I 7 HOH 192 1098 192 HOH HOH A . 
I 7 HOH 193 1099 193 HOH HOH A . 
I 7 HOH 194 1100 194 HOH HOH A . 
I 7 HOH 195 1101 195 HOH HOH A . 
I 7 HOH 196 1102 196 HOH HOH A . 
I 7 HOH 197 1103 197 HOH HOH A . 
I 7 HOH 198 1104 198 HOH HOH A . 
I 7 HOH 199 1105 199 HOH HOH A . 
I 7 HOH 200 1106 200 HOH HOH A . 
I 7 HOH 201 1107 201 HOH HOH A . 
I 7 HOH 202 1108 202 HOH HOH A . 
I 7 HOH 203 1109 203 HOH HOH A . 
I 7 HOH 204 1110 204 HOH HOH A . 
I 7 HOH 205 1111 205 HOH HOH A . 
I 7 HOH 206 1112 206 HOH HOH A . 
I 7 HOH 207 1113 207 HOH HOH A . 
I 7 HOH 208 1114 208 HOH HOH A . 
I 7 HOH 209 1115 209 HOH HOH A . 
I 7 HOH 210 1116 210 HOH HOH A . 
I 7 HOH 211 1117 211 HOH HOH A . 
I 7 HOH 212 1118 212 HOH HOH A . 
I 7 HOH 213 1119 213 HOH HOH A . 
I 7 HOH 214 1120 214 HOH HOH A . 
I 7 HOH 215 1121 215 HOH HOH A . 
I 7 HOH 216 1122 216 HOH HOH A . 
I 7 HOH 217 1123 217 HOH HOH A . 
I 7 HOH 218 1124 218 HOH HOH A . 
I 7 HOH 219 1125 219 HOH HOH A . 
I 7 HOH 220 1126 220 HOH HOH A . 
I 7 HOH 221 1127 221 HOH HOH A . 
I 7 HOH 222 1128 222 HOH HOH A . 
I 7 HOH 223 1129 223 HOH HOH A . 
I 7 HOH 224 1130 224 HOH HOH A . 
I 7 HOH 225 1131 225 HOH HOH A . 
I 7 HOH 226 1132 226 HOH HOH A . 
I 7 HOH 227 1133 227 HOH HOH A . 
I 7 HOH 228 1134 228 HOH HOH A . 
I 7 HOH 229 1135 229 HOH HOH A . 
I 7 HOH 230 1136 230 HOH HOH A . 
I 7 HOH 231 1137 231 HOH HOH A . 
I 7 HOH 232 1138 232 HOH HOH A . 
I 7 HOH 233 1139 233 HOH HOH A . 
I 7 HOH 234 1140 234 HOH HOH A . 
I 7 HOH 235 1141 235 HOH HOH A . 
I 7 HOH 236 1142 236 HOH HOH A . 
I 7 HOH 237 1143 237 HOH HOH A . 
I 7 HOH 238 1144 238 HOH HOH A . 
I 7 HOH 239 1145 239 HOH HOH A . 
I 7 HOH 240 1146 240 HOH HOH A . 
I 7 HOH 241 1147 241 HOH HOH A . 
I 7 HOH 242 1148 242 HOH HOH A . 
I 7 HOH 243 1149 243 HOH HOH A . 
I 7 HOH 244 1150 244 HOH HOH A . 
I 7 HOH 245 1151 245 HOH HOH A . 
I 7 HOH 246 1152 246 HOH HOH A . 
I 7 HOH 247 1153 247 HOH HOH A . 
I 7 HOH 248 1154 248 HOH HOH A . 
I 7 HOH 249 1155 249 HOH HOH A . 
I 7 HOH 250 1156 250 HOH HOH A . 
I 7 HOH 251 1157 251 HOH HOH A . 
I 7 HOH 252 1158 252 HOH HOH A . 
I 7 HOH 253 1159 253 HOH HOH A . 
I 7 HOH 254 1160 254 HOH HOH A . 
I 7 HOH 255 1161 255 HOH HOH A . 
I 7 HOH 256 1162 256 HOH HOH A . 
I 7 HOH 257 1163 257 HOH HOH A . 
I 7 HOH 258 1164 258 HOH HOH A . 
I 7 HOH 259 1165 259 HOH HOH A . 
I 7 HOH 260 1166 260 HOH HOH A . 
I 7 HOH 261 1167 261 HOH HOH A . 
I 7 HOH 262 1168 262 HOH HOH A . 
I 7 HOH 263 1169 263 HOH HOH A . 
I 7 HOH 264 1170 264 HOH HOH A . 
I 7 HOH 265 1171 265 HOH HOH A . 
I 7 HOH 266 1172 266 HOH HOH A . 
I 7 HOH 267 1173 267 HOH HOH A . 
I 7 HOH 268 1174 268 HOH HOH A . 
I 7 HOH 269 1175 269 HOH HOH A . 
I 7 HOH 270 1176 270 HOH HOH A . 
# 
loop_
_pdbx_struct_mod_residue.id 
_pdbx_struct_mod_residue.label_asym_id 
_pdbx_struct_mod_residue.label_comp_id 
_pdbx_struct_mod_residue.label_seq_id 
_pdbx_struct_mod_residue.auth_asym_id 
_pdbx_struct_mod_residue.auth_comp_id 
_pdbx_struct_mod_residue.auth_seq_id 
_pdbx_struct_mod_residue.PDB_ins_code 
_pdbx_struct_mod_residue.parent_comp_id 
_pdbx_struct_mod_residue.details 
1 A MSE 1   A MSE 1   ? MET SELENOMETHIONINE 
2 A MSE 6   A MSE 6   ? MET SELENOMETHIONINE 
3 A MSE 102 A MSE 102 ? MET SELENOMETHIONINE 
4 A MSE 106 A MSE 106 ? MET SELENOMETHIONINE 
5 A MSE 120 A MSE 120 ? MET SELENOMETHIONINE 
# 
_pdbx_struct_assembly.id                   1 
_pdbx_struct_assembly.details              author_and_software_defined_assembly 
_pdbx_struct_assembly.method_details       PISA 
_pdbx_struct_assembly.oligomeric_details   monomeric 
_pdbx_struct_assembly.oligomeric_count     1 
# 
_pdbx_struct_assembly_gen.assembly_id       1 
_pdbx_struct_assembly_gen.oper_expression   1 
_pdbx_struct_assembly_gen.asym_id_list      A,B,C,D,E,F,G,H,I 
# 
_pdbx_struct_oper_list.id                   1 
_pdbx_struct_oper_list.type                 'identity operation' 
_pdbx_struct_oper_list.name                 1_555 
_pdbx_struct_oper_list.symmetry_operation   x,y,z 
_pdbx_struct_oper_list.matrix[1][1]         1.0000000000 
_pdbx_struct_oper_list.matrix[1][2]         0.0000000000 
_pdbx_struct_oper_list.matrix[1][3]         0.0000000000 
_pdbx_struct_oper_list.vector[1]            0.0000000000 
_pdbx_struct_oper_list.matrix[2][1]         0.0000000000 
_pdbx_struct_oper_list.matrix[2][2]         1.0000000000 
_pdbx_struct_oper_list.matrix[2][3]         0.0000000000 
_pdbx_struct_oper_list.vector[2]            0.0000000000 
_pdbx_struct_oper_list.matrix[3][1]         0.0000000000 
_pdbx_struct_oper_list.matrix[3][2]         0.0000000000 
_pdbx_struct_oper_list.matrix[3][3]         1.0000000000 
_pdbx_struct_oper_list.vector[3]            0.0000000000 
# 
loop_
_pdbx_audit_revision_history.ordinal 
_pdbx_audit_revision_history.data_content_type 
_pdbx_audit_revision_history.major_revision 
_pdbx_audit_revision_history.minor_revision 
_pdbx_audit_revision_history.revision_date 
1 'Structure model' 1 0 2008-11-11 
2 'Structure model' 1 1 2011-07-13 
3 'Structure model' 1 2 2021-01-13 
4 'Structure model' 1 3 2021-10-20 
5 'Structure model' 1 4 2023-08-30 
6 'Structure model' 1 5 2023-11-15 
# 
_pdbx_audit_revision_details.ordinal             1 
_pdbx_audit_revision_details.revision_ordinal    1 
_pdbx_audit_revision_details.data_content_type   'Structure model' 
_pdbx_audit_revision_details.provider            repository 
_pdbx_audit_revision_details.type                'Initial release' 
_pdbx_audit_revision_details.description         ? 
_pdbx_audit_revision_details.details             ? 
# 
loop_
_pdbx_audit_revision_group.ordinal 
_pdbx_audit_revision_group.revision_ordinal 
_pdbx_audit_revision_group.data_content_type 
_pdbx_audit_revision_group.group 
1 2 'Structure model' 'Version format compliance' 
2 3 'Structure model' 'Derived calculations'      
3 3 'Structure model' 'Structure summary'         
4 4 'Structure model' 'Database references'       
5 5 'Structure model' 'Data collection'           
6 5 'Structure model' 'Refinement description'    
7 6 'Structure model' 'Data collection'           
# 
loop_
_pdbx_audit_revision_category.ordinal 
_pdbx_audit_revision_category.revision_ordinal 
_pdbx_audit_revision_category.data_content_type 
_pdbx_audit_revision_category.category 
1  3 'Structure model' chem_comp                     
2  3 'Structure model' entity                        
3  3 'Structure model' pdbx_entity_nonpoly           
4  3 'Structure model' struct_conn                   
5  3 'Structure model' struct_site                   
6  4 'Structure model' database_2                    
7  4 'Structure model' struct_ref_seq_dif            
8  5 'Structure model' chem_comp_atom                
9  5 'Structure model' chem_comp_bond                
10 5 'Structure model' pdbx_initial_refinement_model 
11 6 'Structure model' chem_comp_atom                
12 6 'Structure model' chem_comp_bond                
# 
loop_
_pdbx_audit_revision_item.ordinal 
_pdbx_audit_revision_item.revision_ordinal 
_pdbx_audit_revision_item.data_content_type 
_pdbx_audit_revision_item.item 
1  3 'Structure model' '_chem_comp.name'                     
2  3 'Structure model' '_entity.pdbx_description'            
3  3 'Structure model' '_pdbx_entity_nonpoly.name'           
4  3 'Structure model' '_struct_conn.pdbx_leaving_atom_flag' 
5  3 'Structure model' '_struct_site.pdbx_auth_asym_id'      
6  3 'Structure model' '_struct_site.pdbx_auth_comp_id'      
7  3 'Structure model' '_struct_site.pdbx_auth_seq_id'       
8  4 'Structure model' '_database_2.pdbx_DOI'                
9  4 'Structure model' '_database_2.pdbx_database_accession' 
10 4 'Structure model' '_struct_ref_seq_dif.details'         
11 6 'Structure model' '_chem_comp_atom.atom_id'             
12 6 'Structure model' '_chem_comp_bond.atom_id_2'           
# 
loop_
_software.name 
_software.classification 
_software.version 
_software.citation_id 
_software.pdbx_ordinal 
REFMAC   refinement        5.2.0019 ? 1 
HKL-2000 'data collection' .        ? 2 
HKL-2000 'data reduction'  .        ? 3 
HKL-2000 'data scaling'    .        ? 4 
AMoRE    phasing           .        ? 5 
# 
_pdbx_validate_torsion.id              1 
_pdbx_validate_torsion.PDB_model_num   1 
_pdbx_validate_torsion.auth_comp_id    ILE 
_pdbx_validate_torsion.auth_asym_id    A 
_pdbx_validate_torsion.auth_seq_id     29 
_pdbx_validate_torsion.PDB_ins_code    ? 
_pdbx_validate_torsion.label_alt_id    ? 
_pdbx_validate_torsion.phi             -102.31 
_pdbx_validate_torsion.psi             73.41 
# 
loop_
_pdbx_unobs_or_zero_occ_residues.id 
_pdbx_unobs_or_zero_occ_residues.PDB_model_num 
_pdbx_unobs_or_zero_occ_residues.polymer_flag 
_pdbx_unobs_or_zero_occ_residues.occupancy_flag 
_pdbx_unobs_or_zero_occ_residues.auth_asym_id 
_pdbx_unobs_or_zero_occ_residues.auth_comp_id 
_pdbx_unobs_or_zero_occ_residues.auth_seq_id 
_pdbx_unobs_or_zero_occ_residues.PDB_ins_code 
_pdbx_unobs_or_zero_occ_residues.label_asym_id 
_pdbx_unobs_or_zero_occ_residues.label_comp_id 
_pdbx_unobs_or_zero_occ_residues.label_seq_id 
1 1 Y 1 A ASN 163 ? A ASN 163 
2 1 Y 1 A LEU 164 ? A LEU 164 
# 
loop_
_chem_comp_atom.comp_id 
_chem_comp_atom.atom_id 
_chem_comp_atom.type_symbol 
_chem_comp_atom.pdbx_aromatic_flag 
_chem_comp_atom.pdbx_stereo_config 
_chem_comp_atom.pdbx_ordinal 
ALA N    N  N N 1   
ALA CA   C  N S 2   
ALA C    C  N N 3   
ALA O    O  N N 4   
ALA CB   C  N N 5   
ALA OXT  O  N N 6   
ALA H    H  N N 7   
ALA H2   H  N N 8   
ALA HA   H  N N 9   
ALA HB1  H  N N 10  
ALA HB2  H  N N 11  
ALA HB3  H  N N 12  
ALA HXT  H  N N 13  
ARG N    N  N N 14  
ARG CA   C  N S 15  
ARG C    C  N N 16  
ARG O    O  N N 17  
ARG CB   C  N N 18  
ARG CG   C  N N 19  
ARG CD   C  N N 20  
ARG NE   N  N N 21  
ARG CZ   C  N N 22  
ARG NH1  N  N N 23  
ARG NH2  N  N N 24  
ARG OXT  O  N N 25  
ARG H    H  N N 26  
ARG H2   H  N N 27  
ARG HA   H  N N 28  
ARG HB2  H  N N 29  
ARG HB3  H  N N 30  
ARG HG2  H  N N 31  
ARG HG3  H  N N 32  
ARG HD2  H  N N 33  
ARG HD3  H  N N 34  
ARG HE   H  N N 35  
ARG HH11 H  N N 36  
ARG HH12 H  N N 37  
ARG HH21 H  N N 38  
ARG HH22 H  N N 39  
ARG HXT  H  N N 40  
ASN N    N  N N 41  
ASN CA   C  N S 42  
ASN C    C  N N 43  
ASN O    O  N N 44  
ASN CB   C  N N 45  
ASN CG   C  N N 46  
ASN OD1  O  N N 47  
ASN ND2  N  N N 48  
ASN OXT  O  N N 49  
ASN H    H  N N 50  
ASN H2   H  N N 51  
ASN HA   H  N N 52  
ASN HB2  H  N N 53  
ASN HB3  H  N N 54  
ASN HD21 H  N N 55  
ASN HD22 H  N N 56  
ASN HXT  H  N N 57  
ASP N    N  N N 58  
ASP CA   C  N S 59  
ASP C    C  N N 60  
ASP O    O  N N 61  
ASP CB   C  N N 62  
ASP CG   C  N N 63  
ASP OD1  O  N N 64  
ASP OD2  O  N N 65  
ASP OXT  O  N N 66  
ASP H    H  N N 67  
ASP H2   H  N N 68  
ASP HA   H  N N 69  
ASP HB2  H  N N 70  
ASP HB3  H  N N 71  
ASP HD2  H  N N 72  
ASP HXT  H  N N 73  
BME C1   C  N N 74  
BME C2   C  N N 75  
BME O1   O  N N 76  
BME S2   S  N N 77  
BME H11  H  N N 78  
BME H12  H  N N 79  
BME H21  H  N N 80  
BME H22  H  N N 81  
BME HO1  H  N N 82  
BME HS2  H  N N 83  
CL  CL   CL N N 84  
CYS N    N  N N 85  
CYS CA   C  N R 86  
CYS C    C  N N 87  
CYS O    O  N N 88  
CYS CB   C  N N 89  
CYS SG   S  N N 90  
CYS OXT  O  N N 91  
CYS H    H  N N 92  
CYS H2   H  N N 93  
CYS HA   H  N N 94  
CYS HB2  H  N N 95  
CYS HB3  H  N N 96  
CYS HG   H  N N 97  
CYS HXT  H  N N 98  
GLN N    N  N N 99  
GLN CA   C  N S 100 
GLN C    C  N N 101 
GLN O    O  N N 102 
GLN CB   C  N N 103 
GLN CG   C  N N 104 
GLN CD   C  N N 105 
GLN OE1  O  N N 106 
GLN NE2  N  N N 107 
GLN OXT  O  N N 108 
GLN H    H  N N 109 
GLN H2   H  N N 110 
GLN HA   H  N N 111 
GLN HB2  H  N N 112 
GLN HB3  H  N N 113 
GLN HG2  H  N N 114 
GLN HG3  H  N N 115 
GLN HE21 H  N N 116 
GLN HE22 H  N N 117 
GLN HXT  H  N N 118 
GLU N    N  N N 119 
GLU CA   C  N S 120 
GLU C    C  N N 121 
GLU O    O  N N 122 
GLU CB   C  N N 123 
GLU CG   C  N N 124 
GLU CD   C  N N 125 
GLU OE1  O  N N 126 
GLU OE2  O  N N 127 
GLU OXT  O  N N 128 
GLU H    H  N N 129 
GLU H2   H  N N 130 
GLU HA   H  N N 131 
GLU HB2  H  N N 132 
GLU HB3  H  N N 133 
GLU HG2  H  N N 134 
GLU HG3  H  N N 135 
GLU HE2  H  N N 136 
GLU HXT  H  N N 137 
GLY N    N  N N 138 
GLY CA   C  N N 139 
GLY C    C  N N 140 
GLY O    O  N N 141 
GLY OXT  O  N N 142 
GLY H    H  N N 143 
GLY H2   H  N N 144 
GLY HA2  H  N N 145 
GLY HA3  H  N N 146 
GLY HXT  H  N N 147 
HED C1   C  N N 148 
HED O1   O  N N 149 
HED C2   C  N N 150 
HED S3   S  N N 151 
HED S4   S  N N 152 
HED C5   C  N N 153 
HED C6   C  N N 154 
HED O6   O  N N 155 
HED H11  H  N N 156 
HED H12  H  N N 157 
HED HO1  H  N N 158 
HED H21  H  N N 159 
HED H22  H  N N 160 
HED H51  H  N N 161 
HED H52  H  N N 162 
HED H61  H  N N 163 
HED H62  H  N N 164 
HED HO6  H  N N 165 
HIS N    N  N N 166 
HIS CA   C  N S 167 
HIS C    C  N N 168 
HIS O    O  N N 169 
HIS CB   C  N N 170 
HIS CG   C  Y N 171 
HIS ND1  N  Y N 172 
HIS CD2  C  Y N 173 
HIS CE1  C  Y N 174 
HIS NE2  N  Y N 175 
HIS OXT  O  N N 176 
HIS H    H  N N 177 
HIS H2   H  N N 178 
HIS HA   H  N N 179 
HIS HB2  H  N N 180 
HIS HB3  H  N N 181 
HIS HD1  H  N N 182 
HIS HD2  H  N N 183 
HIS HE1  H  N N 184 
HIS HE2  H  N N 185 
HIS HXT  H  N N 186 
HOH O    O  N N 187 
HOH H1   H  N N 188 
HOH H2   H  N N 189 
ILE N    N  N N 190 
ILE CA   C  N S 191 
ILE C    C  N N 192 
ILE O    O  N N 193 
ILE CB   C  N S 194 
ILE CG1  C  N N 195 
ILE CG2  C  N N 196 
ILE CD1  C  N N 197 
ILE OXT  O  N N 198 
ILE H    H  N N 199 
ILE H2   H  N N 200 
ILE HA   H  N N 201 
ILE HB   H  N N 202 
ILE HG12 H  N N 203 
ILE HG13 H  N N 204 
ILE HG21 H  N N 205 
ILE HG22 H  N N 206 
ILE HG23 H  N N 207 
ILE HD11 H  N N 208 
ILE HD12 H  N N 209 
ILE HD13 H  N N 210 
ILE HXT  H  N N 211 
LEU N    N  N N 212 
LEU CA   C  N S 213 
LEU C    C  N N 214 
LEU O    O  N N 215 
LEU CB   C  N N 216 
LEU CG   C  N N 217 
LEU CD1  C  N N 218 
LEU CD2  C  N N 219 
LEU OXT  O  N N 220 
LEU H    H  N N 221 
LEU H2   H  N N 222 
LEU HA   H  N N 223 
LEU HB2  H  N N 224 
LEU HB3  H  N N 225 
LEU HG   H  N N 226 
LEU HD11 H  N N 227 
LEU HD12 H  N N 228 
LEU HD13 H  N N 229 
LEU HD21 H  N N 230 
LEU HD22 H  N N 231 
LEU HD23 H  N N 232 
LEU HXT  H  N N 233 
LYS N    N  N N 234 
LYS CA   C  N S 235 
LYS C    C  N N 236 
LYS O    O  N N 237 
LYS CB   C  N N 238 
LYS CG   C  N N 239 
LYS CD   C  N N 240 
LYS CE   C  N N 241 
LYS NZ   N  N N 242 
LYS OXT  O  N N 243 
LYS H    H  N N 244 
LYS H2   H  N N 245 
LYS HA   H  N N 246 
LYS HB2  H  N N 247 
LYS HB3  H  N N 248 
LYS HG2  H  N N 249 
LYS HG3  H  N N 250 
LYS HD2  H  N N 251 
LYS HD3  H  N N 252 
LYS HE2  H  N N 253 
LYS HE3  H  N N 254 
LYS HZ1  H  N N 255 
LYS HZ2  H  N N 256 
LYS HZ3  H  N N 257 
LYS HXT  H  N N 258 
MSE N    N  N N 259 
MSE CA   C  N S 260 
MSE C    C  N N 261 
MSE O    O  N N 262 
MSE OXT  O  N N 263 
MSE CB   C  N N 264 
MSE CG   C  N N 265 
MSE SE   SE N N 266 
MSE CE   C  N N 267 
MSE H    H  N N 268 
MSE H2   H  N N 269 
MSE HA   H  N N 270 
MSE HXT  H  N N 271 
MSE HB2  H  N N 272 
MSE HB3  H  N N 273 
MSE HG2  H  N N 274 
MSE HG3  H  N N 275 
MSE HE1  H  N N 276 
MSE HE2  H  N N 277 
MSE HE3  H  N N 278 
PHE N    N  N N 279 
PHE CA   C  N S 280 
PHE C    C  N N 281 
PHE O    O  N N 282 
PHE CB   C  N N 283 
PHE CG   C  Y N 284 
PHE CD1  C  Y N 285 
PHE CD2  C  Y N 286 
PHE CE1  C  Y N 287 
PHE CE2  C  Y N 288 
PHE CZ   C  Y N 289 
PHE OXT  O  N N 290 
PHE H    H  N N 291 
PHE H2   H  N N 292 
PHE HA   H  N N 293 
PHE HB2  H  N N 294 
PHE HB3  H  N N 295 
PHE HD1  H  N N 296 
PHE HD2  H  N N 297 
PHE HE1  H  N N 298 
PHE HE2  H  N N 299 
PHE HZ   H  N N 300 
PHE HXT  H  N N 301 
PIH C1   C  Y N 302 
PIH C2   C  Y N 303 
PIH C3   C  Y N 304 
PIH C4   C  Y N 305 
PIH C5   C  Y N 306 
PIH C6   C  Y N 307 
PIH I6   I  N N 308 
PIH H1   H  N N 309 
PIH H2   H  N N 310 
PIH H3   H  N N 311 
PIH H4   H  N N 312 
PIH H5   H  N N 313 
PO4 P    P  N N 314 
PO4 O1   O  N N 315 
PO4 O2   O  N N 316 
PO4 O3   O  N N 317 
PO4 O4   O  N N 318 
PRO N    N  N N 319 
PRO CA   C  N S 320 
PRO C    C  N N 321 
PRO O    O  N N 322 
PRO CB   C  N N 323 
PRO CG   C  N N 324 
PRO CD   C  N N 325 
PRO OXT  O  N N 326 
PRO H    H  N N 327 
PRO HA   H  N N 328 
PRO HB2  H  N N 329 
PRO HB3  H  N N 330 
PRO HG2  H  N N 331 
PRO HG3  H  N N 332 
PRO HD2  H  N N 333 
PRO HD3  H  N N 334 
PRO HXT  H  N N 335 
SER N    N  N N 336 
SER CA   C  N S 337 
SER C    C  N N 338 
SER O    O  N N 339 
SER CB   C  N N 340 
SER OG   O  N N 341 
SER OXT  O  N N 342 
SER H    H  N N 343 
SER H2   H  N N 344 
SER HA   H  N N 345 
SER HB2  H  N N 346 
SER HB3  H  N N 347 
SER HG   H  N N 348 
SER HXT  H  N N 349 
THR N    N  N N 350 
THR CA   C  N S 351 
THR C    C  N N 352 
THR O    O  N N 353 
THR CB   C  N R 354 
THR OG1  O  N N 355 
THR CG2  C  N N 356 
THR OXT  O  N N 357 
THR H    H  N N 358 
THR H2   H  N N 359 
THR HA   H  N N 360 
THR HB   H  N N 361 
THR HG1  H  N N 362 
THR HG21 H  N N 363 
THR HG22 H  N N 364 
THR HG23 H  N N 365 
THR HXT  H  N N 366 
TRP N    N  N N 367 
TRP CA   C  N S 368 
TRP C    C  N N 369 
TRP O    O  N N 370 
TRP CB   C  N N 371 
TRP CG   C  Y N 372 
TRP CD1  C  Y N 373 
TRP CD2  C  Y N 374 
TRP NE1  N  Y N 375 
TRP CE2  C  Y N 376 
TRP CE3  C  Y N 377 
TRP CZ2  C  Y N 378 
TRP CZ3  C  Y N 379 
TRP CH2  C  Y N 380 
TRP OXT  O  N N 381 
TRP H    H  N N 382 
TRP H2   H  N N 383 
TRP HA   H  N N 384 
TRP HB2  H  N N 385 
TRP HB3  H  N N 386 
TRP HD1  H  N N 387 
TRP HE1  H  N N 388 
TRP HE3  H  N N 389 
TRP HZ2  H  N N 390 
TRP HZ3  H  N N 391 
TRP HH2  H  N N 392 
TRP HXT  H  N N 393 
TYR N    N  N N 394 
TYR CA   C  N S 395 
TYR C    C  N N 396 
TYR O    O  N N 397 
TYR CB   C  N N 398 
TYR CG   C  Y N 399 
TYR CD1  C  Y N 400 
TYR CD2  C  Y N 401 
TYR CE1  C  Y N 402 
TYR CE2  C  Y N 403 
TYR CZ   C  Y N 404 
TYR OH   O  N N 405 
TYR OXT  O  N N 406 
TYR H    H  N N 407 
TYR H2   H  N N 408 
TYR HA   H  N N 409 
TYR HB2  H  N N 410 
TYR HB3  H  N N 411 
TYR HD1  H  N N 412 
TYR HD2  H  N N 413 
TYR HE1  H  N N 414 
TYR HE2  H  N N 415 
TYR HH   H  N N 416 
TYR HXT  H  N N 417 
VAL N    N  N N 418 
VAL CA   C  N S 419 
VAL C    C  N N 420 
VAL O    O  N N 421 
VAL CB   C  N N 422 
VAL CG1  C  N N 423 
VAL CG2  C  N N 424 
VAL OXT  O  N N 425 
VAL H    H  N N 426 
VAL H2   H  N N 427 
VAL HA   H  N N 428 
VAL HB   H  N N 429 
VAL HG11 H  N N 430 
VAL HG12 H  N N 431 
VAL HG13 H  N N 432 
VAL HG21 H  N N 433 
VAL HG22 H  N N 434 
VAL HG23 H  N N 435 
VAL HXT  H  N N 436 
# 
loop_
_chem_comp_bond.comp_id 
_chem_comp_bond.atom_id_1 
_chem_comp_bond.atom_id_2 
_chem_comp_bond.value_order 
_chem_comp_bond.pdbx_aromatic_flag 
_chem_comp_bond.pdbx_stereo_config 
_chem_comp_bond.pdbx_ordinal 
ALA N   CA   sing N N 1   
ALA N   H    sing N N 2   
ALA N   H2   sing N N 3   
ALA CA  C    sing N N 4   
ALA CA  CB   sing N N 5   
ALA CA  HA   sing N N 6   
ALA C   O    doub N N 7   
ALA C   OXT  sing N N 8   
ALA CB  HB1  sing N N 9   
ALA CB  HB2  sing N N 10  
ALA CB  HB3  sing N N 11  
ALA OXT HXT  sing N N 12  
ARG N   CA   sing N N 13  
ARG N   H    sing N N 14  
ARG N   H2   sing N N 15  
ARG CA  C    sing N N 16  
ARG CA  CB   sing N N 17  
ARG CA  HA   sing N N 18  
ARG C   O    doub N N 19  
ARG C   OXT  sing N N 20  
ARG CB  CG   sing N N 21  
ARG CB  HB2  sing N N 22  
ARG CB  HB3  sing N N 23  
ARG CG  CD   sing N N 24  
ARG CG  HG2  sing N N 25  
ARG CG  HG3  sing N N 26  
ARG CD  NE   sing N N 27  
ARG CD  HD2  sing N N 28  
ARG CD  HD3  sing N N 29  
ARG NE  CZ   sing N N 30  
ARG NE  HE   sing N N 31  
ARG CZ  NH1  sing N N 32  
ARG CZ  NH2  doub N N 33  
ARG NH1 HH11 sing N N 34  
ARG NH1 HH12 sing N N 35  
ARG NH2 HH21 sing N N 36  
ARG NH2 HH22 sing N N 37  
ARG OXT HXT  sing N N 38  
ASN N   CA   sing N N 39  
ASN N   H    sing N N 40  
ASN N   H2   sing N N 41  
ASN CA  C    sing N N 42  
ASN CA  CB   sing N N 43  
ASN CA  HA   sing N N 44  
ASN C   O    doub N N 45  
ASN C   OXT  sing N N 46  
ASN CB  CG   sing N N 47  
ASN CB  HB2  sing N N 48  
ASN CB  HB3  sing N N 49  
ASN CG  OD1  doub N N 50  
ASN CG  ND2  sing N N 51  
ASN ND2 HD21 sing N N 52  
ASN ND2 HD22 sing N N 53  
ASN OXT HXT  sing N N 54  
ASP N   CA   sing N N 55  
ASP N   H    sing N N 56  
ASP N   H2   sing N N 57  
ASP CA  C    sing N N 58  
ASP CA  CB   sing N N 59  
ASP CA  HA   sing N N 60  
ASP C   O    doub N N 61  
ASP C   OXT  sing N N 62  
ASP CB  CG   sing N N 63  
ASP CB  HB2  sing N N 64  
ASP CB  HB3  sing N N 65  
ASP CG  OD1  doub N N 66  
ASP CG  OD2  sing N N 67  
ASP OD2 HD2  sing N N 68  
ASP OXT HXT  sing N N 69  
BME C1  C2   sing N N 70  
BME C1  O1   sing N N 71  
BME C1  H11  sing N N 72  
BME C1  H12  sing N N 73  
BME C2  S2   sing N N 74  
BME C2  H21  sing N N 75  
BME C2  H22  sing N N 76  
BME O1  HO1  sing N N 77  
BME S2  HS2  sing N N 78  
CYS N   CA   sing N N 79  
CYS N   H    sing N N 80  
CYS N   H2   sing N N 81  
CYS CA  C    sing N N 82  
CYS CA  CB   sing N N 83  
CYS CA  HA   sing N N 84  
CYS C   O    doub N N 85  
CYS C   OXT  sing N N 86  
CYS CB  SG   sing N N 87  
CYS CB  HB2  sing N N 88  
CYS CB  HB3  sing N N 89  
CYS SG  HG   sing N N 90  
CYS OXT HXT  sing N N 91  
GLN N   CA   sing N N 92  
GLN N   H    sing N N 93  
GLN N   H2   sing N N 94  
GLN CA  C    sing N N 95  
GLN CA  CB   sing N N 96  
GLN CA  HA   sing N N 97  
GLN C   O    doub N N 98  
GLN C   OXT  sing N N 99  
GLN CB  CG   sing N N 100 
GLN CB  HB2  sing N N 101 
GLN CB  HB3  sing N N 102 
GLN CG  CD   sing N N 103 
GLN CG  HG2  sing N N 104 
GLN CG  HG3  sing N N 105 
GLN CD  OE1  doub N N 106 
GLN CD  NE2  sing N N 107 
GLN NE2 HE21 sing N N 108 
GLN NE2 HE22 sing N N 109 
GLN OXT HXT  sing N N 110 
GLU N   CA   sing N N 111 
GLU N   H    sing N N 112 
GLU N   H2   sing N N 113 
GLU CA  C    sing N N 114 
GLU CA  CB   sing N N 115 
GLU CA  HA   sing N N 116 
GLU C   O    doub N N 117 
GLU C   OXT  sing N N 118 
GLU CB  CG   sing N N 119 
GLU CB  HB2  sing N N 120 
GLU CB  HB3  sing N N 121 
GLU CG  CD   sing N N 122 
GLU CG  HG2  sing N N 123 
GLU CG  HG3  sing N N 124 
GLU CD  OE1  doub N N 125 
GLU CD  OE2  sing N N 126 
GLU OE2 HE2  sing N N 127 
GLU OXT HXT  sing N N 128 
GLY N   CA   sing N N 129 
GLY N   H    sing N N 130 
GLY N   H2   sing N N 131 
GLY CA  C    sing N N 132 
GLY CA  HA2  sing N N 133 
GLY CA  HA3  sing N N 134 
GLY C   O    doub N N 135 
GLY C   OXT  sing N N 136 
GLY OXT HXT  sing N N 137 
HED C1  O1   sing N N 138 
HED C1  C2   sing N N 139 
HED C1  H11  sing N N 140 
HED C1  H12  sing N N 141 
HED O1  HO1  sing N N 142 
HED C2  S3   sing N N 143 
HED C2  H21  sing N N 144 
HED C2  H22  sing N N 145 
HED S3  S4   sing N N 146 
HED S4  C5   sing N N 147 
HED C5  C6   sing N N 148 
HED C5  H51  sing N N 149 
HED C5  H52  sing N N 150 
HED C6  O6   sing N N 151 
HED C6  H61  sing N N 152 
HED C6  H62  sing N N 153 
HED O6  HO6  sing N N 154 
HIS N   CA   sing N N 155 
HIS N   H    sing N N 156 
HIS N   H2   sing N N 157 
HIS CA  C    sing N N 158 
HIS CA  CB   sing N N 159 
HIS CA  HA   sing N N 160 
HIS C   O    doub N N 161 
HIS C   OXT  sing N N 162 
HIS CB  CG   sing N N 163 
HIS CB  HB2  sing N N 164 
HIS CB  HB3  sing N N 165 
HIS CG  ND1  sing Y N 166 
HIS CG  CD2  doub Y N 167 
HIS ND1 CE1  doub Y N 168 
HIS ND1 HD1  sing N N 169 
HIS CD2 NE2  sing Y N 170 
HIS CD2 HD2  sing N N 171 
HIS CE1 NE2  sing Y N 172 
HIS CE1 HE1  sing N N 173 
HIS NE2 HE2  sing N N 174 
HIS OXT HXT  sing N N 175 
HOH O   H1   sing N N 176 
HOH O   H2   sing N N 177 
ILE N   CA   sing N N 178 
ILE N   H    sing N N 179 
ILE N   H2   sing N N 180 
ILE CA  C    sing N N 181 
ILE CA  CB   sing N N 182 
ILE CA  HA   sing N N 183 
ILE C   O    doub N N 184 
ILE C   OXT  sing N N 185 
ILE CB  CG1  sing N N 186 
ILE CB  CG2  sing N N 187 
ILE CB  HB   sing N N 188 
ILE CG1 CD1  sing N N 189 
ILE CG1 HG12 sing N N 190 
ILE CG1 HG13 sing N N 191 
ILE CG2 HG21 sing N N 192 
ILE CG2 HG22 sing N N 193 
ILE CG2 HG23 sing N N 194 
ILE CD1 HD11 sing N N 195 
ILE CD1 HD12 sing N N 196 
ILE CD1 HD13 sing N N 197 
ILE OXT HXT  sing N N 198 
LEU N   CA   sing N N 199 
LEU N   H    sing N N 200 
LEU N   H2   sing N N 201 
LEU CA  C    sing N N 202 
LEU CA  CB   sing N N 203 
LEU CA  HA   sing N N 204 
LEU C   O    doub N N 205 
LEU C   OXT  sing N N 206 
LEU CB  CG   sing N N 207 
LEU CB  HB2  sing N N 208 
LEU CB  HB3  sing N N 209 
LEU CG  CD1  sing N N 210 
LEU CG  CD2  sing N N 211 
LEU CG  HG   sing N N 212 
LEU CD1 HD11 sing N N 213 
LEU CD1 HD12 sing N N 214 
LEU CD1 HD13 sing N N 215 
LEU CD2 HD21 sing N N 216 
LEU CD2 HD22 sing N N 217 
LEU CD2 HD23 sing N N 218 
LEU OXT HXT  sing N N 219 
LYS N   CA   sing N N 220 
LYS N   H    sing N N 221 
LYS N   H2   sing N N 222 
LYS CA  C    sing N N 223 
LYS CA  CB   sing N N 224 
LYS CA  HA   sing N N 225 
LYS C   O    doub N N 226 
LYS C   OXT  sing N N 227 
LYS CB  CG   sing N N 228 
LYS CB  HB2  sing N N 229 
LYS CB  HB3  sing N N 230 
LYS CG  CD   sing N N 231 
LYS CG  HG2  sing N N 232 
LYS CG  HG3  sing N N 233 
LYS CD  CE   sing N N 234 
LYS CD  HD2  sing N N 235 
LYS CD  HD3  sing N N 236 
LYS CE  NZ   sing N N 237 
LYS CE  HE2  sing N N 238 
LYS CE  HE3  sing N N 239 
LYS NZ  HZ1  sing N N 240 
LYS NZ  HZ2  sing N N 241 
LYS NZ  HZ3  sing N N 242 
LYS OXT HXT  sing N N 243 
MSE N   CA   sing N N 244 
MSE N   H    sing N N 245 
MSE N   H2   sing N N 246 
MSE CA  C    sing N N 247 
MSE CA  CB   sing N N 248 
MSE CA  HA   sing N N 249 
MSE C   O    doub N N 250 
MSE C   OXT  sing N N 251 
MSE OXT HXT  sing N N 252 
MSE CB  CG   sing N N 253 
MSE CB  HB2  sing N N 254 
MSE CB  HB3  sing N N 255 
MSE CG  SE   sing N N 256 
MSE CG  HG2  sing N N 257 
MSE CG  HG3  sing N N 258 
MSE SE  CE   sing N N 259 
MSE CE  HE1  sing N N 260 
MSE CE  HE2  sing N N 261 
MSE CE  HE3  sing N N 262 
PHE N   CA   sing N N 263 
PHE N   H    sing N N 264 
PHE N   H2   sing N N 265 
PHE CA  C    sing N N 266 
PHE CA  CB   sing N N 267 
PHE CA  HA   sing N N 268 
PHE C   O    doub N N 269 
PHE C   OXT  sing N N 270 
PHE CB  CG   sing N N 271 
PHE CB  HB2  sing N N 272 
PHE CB  HB3  sing N N 273 
PHE CG  CD1  doub Y N 274 
PHE CG  CD2  sing Y N 275 
PHE CD1 CE1  sing Y N 276 
PHE CD1 HD1  sing N N 277 
PHE CD2 CE2  doub Y N 278 
PHE CD2 HD2  sing N N 279 
PHE CE1 CZ   doub Y N 280 
PHE CE1 HE1  sing N N 281 
PHE CE2 CZ   sing Y N 282 
PHE CE2 HE2  sing N N 283 
PHE CZ  HZ   sing N N 284 
PHE OXT HXT  sing N N 285 
PIH C1  C2   doub Y N 286 
PIH C1  C6   sing Y N 287 
PIH C1  H1   sing N N 288 
PIH C2  C3   sing Y N 289 
PIH C2  H2   sing N N 290 
PIH C3  C4   doub Y N 291 
PIH C3  H3   sing N N 292 
PIH C4  C5   sing Y N 293 
PIH C4  H4   sing N N 294 
PIH C5  C6   doub Y N 295 
PIH C5  H5   sing N N 296 
PIH C6  I6   sing N N 297 
PO4 P   O1   doub N N 298 
PO4 P   O2   sing N N 299 
PO4 P   O3   sing N N 300 
PO4 P   O4   sing N N 301 
PRO N   CA   sing N N 302 
PRO N   CD   sing N N 303 
PRO N   H    sing N N 304 
PRO CA  C    sing N N 305 
PRO CA  CB   sing N N 306 
PRO CA  HA   sing N N 307 
PRO C   O    doub N N 308 
PRO C   OXT  sing N N 309 
PRO CB  CG   sing N N 310 
PRO CB  HB2  sing N N 311 
PRO CB  HB3  sing N N 312 
PRO CG  CD   sing N N 313 
PRO CG  HG2  sing N N 314 
PRO CG  HG3  sing N N 315 
PRO CD  HD2  sing N N 316 
PRO CD  HD3  sing N N 317 
PRO OXT HXT  sing N N 318 
SER N   CA   sing N N 319 
SER N   H    sing N N 320 
SER N   H2   sing N N 321 
SER CA  C    sing N N 322 
SER CA  CB   sing N N 323 
SER CA  HA   sing N N 324 
SER C   O    doub N N 325 
SER C   OXT  sing N N 326 
SER CB  OG   sing N N 327 
SER CB  HB2  sing N N 328 
SER CB  HB3  sing N N 329 
SER OG  HG   sing N N 330 
SER OXT HXT  sing N N 331 
THR N   CA   sing N N 332 
THR N   H    sing N N 333 
THR N   H2   sing N N 334 
THR CA  C    sing N N 335 
THR CA  CB   sing N N 336 
THR CA  HA   sing N N 337 
THR C   O    doub N N 338 
THR C   OXT  sing N N 339 
THR CB  OG1  sing N N 340 
THR CB  CG2  sing N N 341 
THR CB  HB   sing N N 342 
THR OG1 HG1  sing N N 343 
THR CG2 HG21 sing N N 344 
THR CG2 HG22 sing N N 345 
THR CG2 HG23 sing N N 346 
THR OXT HXT  sing N N 347 
TRP N   CA   sing N N 348 
TRP N   H    sing N N 349 
TRP N   H2   sing N N 350 
TRP CA  C    sing N N 351 
TRP CA  CB   sing N N 352 
TRP CA  HA   sing N N 353 
TRP C   O    doub N N 354 
TRP C   OXT  sing N N 355 
TRP CB  CG   sing N N 356 
TRP CB  HB2  sing N N 357 
TRP CB  HB3  sing N N 358 
TRP CG  CD1  doub Y N 359 
TRP CG  CD2  sing Y N 360 
TRP CD1 NE1  sing Y N 361 
TRP CD1 HD1  sing N N 362 
TRP CD2 CE2  doub Y N 363 
TRP CD2 CE3  sing Y N 364 
TRP NE1 CE2  sing Y N 365 
TRP NE1 HE1  sing N N 366 
TRP CE2 CZ2  sing Y N 367 
TRP CE3 CZ3  doub Y N 368 
TRP CE3 HE3  sing N N 369 
TRP CZ2 CH2  doub Y N 370 
TRP CZ2 HZ2  sing N N 371 
TRP CZ3 CH2  sing Y N 372 
TRP CZ3 HZ3  sing N N 373 
TRP CH2 HH2  sing N N 374 
TRP OXT HXT  sing N N 375 
TYR N   CA   sing N N 376 
TYR N   H    sing N N 377 
TYR N   H2   sing N N 378 
TYR CA  C    sing N N 379 
TYR CA  CB   sing N N 380 
TYR CA  HA   sing N N 381 
TYR C   O    doub N N 382 
TYR C   OXT  sing N N 383 
TYR CB  CG   sing N N 384 
TYR CB  HB2  sing N N 385 
TYR CB  HB3  sing N N 386 
TYR CG  CD1  doub Y N 387 
TYR CG  CD2  sing Y N 388 
TYR CD1 CE1  sing Y N 389 
TYR CD1 HD1  sing N N 390 
TYR CD2 CE2  doub Y N 391 
TYR CD2 HD2  sing N N 392 
TYR CE1 CZ   doub Y N 393 
TYR CE1 HE1  sing N N 394 
TYR CE2 CZ   sing Y N 395 
TYR CE2 HE2  sing N N 396 
TYR CZ  OH   sing N N 397 
TYR OH  HH   sing N N 398 
TYR OXT HXT  sing N N 399 
VAL N   CA   sing N N 400 
VAL N   H    sing N N 401 
VAL N   H2   sing N N 402 
VAL CA  C    sing N N 403 
VAL CA  CB   sing N N 404 
VAL CA  HA   sing N N 405 
VAL C   O    doub N N 406 
VAL C   OXT  sing N N 407 
VAL CB  CG1  sing N N 408 
VAL CB  CG2  sing N N 409 
VAL CB  HB   sing N N 410 
VAL CG1 HG11 sing N N 411 
VAL CG1 HG12 sing N N 412 
VAL CG1 HG13 sing N N 413 
VAL CG2 HG21 sing N N 414 
VAL CG2 HG22 sing N N 415 
VAL CG2 HG23 sing N N 416 
VAL OXT HXT  sing N N 417 
# 
loop_
_pdbx_entity_nonpoly.entity_id 
_pdbx_entity_nonpoly.name 
_pdbx_entity_nonpoly.comp_id 
2 'PHOSPHATE ION'            PO4 
3 'CHLORIDE ION'             CL  
4 '2-HYDROXYETHYL DISULFIDE' HED 
5 BETA-MERCAPTOETHANOL       BME 
6 iodobenzene                PIH 
7 water                      HOH 
# 
_pdbx_initial_refinement_model.id               1 
_pdbx_initial_refinement_model.entity_id_list   ? 
_pdbx_initial_refinement_model.type             'experimental model' 
_pdbx_initial_refinement_model.source_name      PDB 
_pdbx_initial_refinement_model.accession_code   3DMV 
_pdbx_initial_refinement_model.details          'PDB entry 3DMV' 
# 
